data_5QSD
# 
_entry.id   5QSD 
# 
_audit_conform.dict_name       mmcif_pdbx.dic 
_audit_conform.dict_version    5.387 
_audit_conform.dict_location   http://mmcif.pdb.org/dictionaries/ascii/mmcif_pdbx.dic 
# 
loop_
_database_2.database_id 
_database_2.database_code 
_database_2.pdbx_database_accession 
_database_2.pdbx_DOI 
PDB   5QSD         pdb_00005qsd 10.2210/pdb5qsd/pdb 
WWPDB D_1001402346 ?            ?                   
# 
loop_
_pdbx_audit_revision_history.ordinal 
_pdbx_audit_revision_history.data_content_type 
_pdbx_audit_revision_history.major_revision 
_pdbx_audit_revision_history.minor_revision 
_pdbx_audit_revision_history.revision_date 
1 'Structure model' 1 0 2019-08-21 
2 'Structure model' 1 1 2024-03-06 
# 
_pdbx_audit_revision_details.ordinal             1 
_pdbx_audit_revision_details.revision_ordinal    1 
_pdbx_audit_revision_details.data_content_type   'Structure model' 
_pdbx_audit_revision_details.provider            repository 
_pdbx_audit_revision_details.type                'Initial release' 
_pdbx_audit_revision_details.description         ? 
_pdbx_audit_revision_details.details             ? 
# 
loop_
_pdbx_audit_revision_group.ordinal 
_pdbx_audit_revision_group.revision_ordinal 
_pdbx_audit_revision_group.data_content_type 
_pdbx_audit_revision_group.group 
1 2 'Structure model' 'Data collection'     
2 2 'Structure model' 'Database references' 
# 
loop_
_pdbx_audit_revision_category.ordinal 
_pdbx_audit_revision_category.revision_ordinal 
_pdbx_audit_revision_category.data_content_type 
_pdbx_audit_revision_category.category 
1 2 'Structure model' chem_comp_atom 
2 2 'Structure model' chem_comp_bond 
3 2 'Structure model' database_2     
# 
loop_
_pdbx_audit_revision_item.ordinal 
_pdbx_audit_revision_item.revision_ordinal 
_pdbx_audit_revision_item.data_content_type 
_pdbx_audit_revision_item.item 
1 2 'Structure model' '_database_2.pdbx_DOI'                
2 2 'Structure model' '_database_2.pdbx_database_accession' 
# 
_pdbx_database_status.entry_id                        5QSD 
_pdbx_database_status.status_code                     REL 
_pdbx_database_status.status_code_sf                  REL 
_pdbx_database_status.status_code_mr                  ? 
_pdbx_database_status.status_code_cs                  ? 
_pdbx_database_status.recvd_initial_deposition_date   2019-05-25 
_pdbx_database_status.deposit_site                    RCSB 
_pdbx_database_status.process_site                    RCSB 
_pdbx_database_status.SG_entry                        ? 
_pdbx_database_status.pdb_format_compatible           Y 
_pdbx_database_status.methods_development_category    ? 
_pdbx_database_status.status_code_nmr_data            ? 
# 
loop_
_audit_author.name 
_audit_author.pdbx_ordinal 
'Newman, J.A.'        1 
'Gavard, A.E.'        2 
'Sherestha, L.'       3 
'Burgess-Brown, N.A.' 4 
'von Delft, F.'       5 
'Arrowsmith, C.H.'    6 
'Edwards, A.'         7 
'Bountra, C.'         8 
'Gileadi, O.'         9 
# 
_citation.id                        primary 
_citation.title                     'PanDDA analysis group deposition' 
_citation.journal_abbrev            'To Be Published' 
_citation.journal_volume            ? 
_citation.page_first                ? 
_citation.page_last                 ? 
_citation.year                      ? 
_citation.journal_id_ASTM           ? 
_citation.country                   ? 
_citation.journal_id_ISSN           ? 
_citation.journal_id_CSD            0353 
_citation.book_publisher            ? 
_citation.pdbx_database_id_PubMed   ? 
_citation.pdbx_database_id_DOI      ? 
# 
loop_
_citation_author.citation_id 
_citation_author.name 
_citation_author.identifier_ORCID 
_citation_author.ordinal 
primary 'Newman, J.A.'        ? 1 
primary 'Gavard, A.E.'        ? 2 
primary 'Sherestha, L.'       ? 3 
primary 'Burgess-Brown, N.A.' ? 4 
primary 'von Delft, F.'       ? 5 
primary 'Arrowsmith, C.H.'    ? 6 
primary 'Edwards, A.'         ? 7 
primary 'Bountra, C.'         ? 8 
primary 'Gileadi, O.'         ? 9 
# 
loop_
_entity.id 
_entity.type 
_entity.src_method 
_entity.pdbx_description 
_entity.formula_weight 
_entity.pdbx_number_of_molecules 
_entity.pdbx_ec 
_entity.pdbx_mutation 
_entity.pdbx_fragment 
_entity.details 
1 polymer     man 'T-box transcription factor T'               19655.623 1   ? G177D ? ? 
2 non-polymer syn 'N-{4-[(pyrimidin-2-yl)oxy]phenyl}acetamide' 229.235   1   ? ?     ? ? 
3 water       nat water                                        18.015    173 ? ?     ? ? 
# 
_entity_name_com.entity_id   1 
_entity_name_com.name        'Brachyury protein,Protein T' 
# 
_entity_poly.entity_id                      1 
_entity_poly.type                           'polypeptide(L)' 
_entity_poly.nstd_linkage                   no 
_entity_poly.nstd_monomer                   no 
_entity_poly.pdbx_seq_one_letter_code       
;GELRVGLEESELWLRFKELTNEMIVTKNGRRMFPVLKVNVSGLDPNAMYSFLLDFVAADNHRWKYVNGEWVPGGKPEPQA
PSCVYIHPDSPNFGAHWMKAPVSFSKVKLTNKLNGGGQIMLNSLHKYEPRIHIVRVGDPQRMITSHCFPETQFIAVTAYQ
NEEITALKIKYN
;
_entity_poly.pdbx_seq_one_letter_code_can   
;GELRVGLEESELWLRFKELTNEMIVTKNGRRMFPVLKVNVSGLDPNAMYSFLLDFVAADNHRWKYVNGEWVPGGKPEPQA
PSCVYIHPDSPNFGAHWMKAPVSFSKVKLTNKLNGGGQIMLNSLHKYEPRIHIVRVGDPQRMITSHCFPETQFIAVTAYQ
NEEITALKIKYN
;
_entity_poly.pdbx_strand_id                 A 
_entity_poly.pdbx_target_identifier         ? 
# 
loop_
_pdbx_entity_nonpoly.entity_id 
_pdbx_entity_nonpoly.name 
_pdbx_entity_nonpoly.comp_id 
2 'N-{4-[(pyrimidin-2-yl)oxy]phenyl}acetamide' O0S 
3 water                                        HOH 
# 
loop_
_entity_poly_seq.entity_id 
_entity_poly_seq.num 
_entity_poly_seq.mon_id 
_entity_poly_seq.hetero 
1 1   GLY n 
1 2   GLU n 
1 3   LEU n 
1 4   ARG n 
1 5   VAL n 
1 6   GLY n 
1 7   LEU n 
1 8   GLU n 
1 9   GLU n 
1 10  SER n 
1 11  GLU n 
1 12  LEU n 
1 13  TRP n 
1 14  LEU n 
1 15  ARG n 
1 16  PHE n 
1 17  LYS n 
1 18  GLU n 
1 19  LEU n 
1 20  THR n 
1 21  ASN n 
1 22  GLU n 
1 23  MET n 
1 24  ILE n 
1 25  VAL n 
1 26  THR n 
1 27  LYS n 
1 28  ASN n 
1 29  GLY n 
1 30  ARG n 
1 31  ARG n 
1 32  MET n 
1 33  PHE n 
1 34  PRO n 
1 35  VAL n 
1 36  LEU n 
1 37  LYS n 
1 38  VAL n 
1 39  ASN n 
1 40  VAL n 
1 41  SER n 
1 42  GLY n 
1 43  LEU n 
1 44  ASP n 
1 45  PRO n 
1 46  ASN n 
1 47  ALA n 
1 48  MET n 
1 49  TYR n 
1 50  SER n 
1 51  PHE n 
1 52  LEU n 
1 53  LEU n 
1 54  ASP n 
1 55  PHE n 
1 56  VAL n 
1 57  ALA n 
1 58  ALA n 
1 59  ASP n 
1 60  ASN n 
1 61  HIS n 
1 62  ARG n 
1 63  TRP n 
1 64  LYS n 
1 65  TYR n 
1 66  VAL n 
1 67  ASN n 
1 68  GLY n 
1 69  GLU n 
1 70  TRP n 
1 71  VAL n 
1 72  PRO n 
1 73  GLY n 
1 74  GLY n 
1 75  LYS n 
1 76  PRO n 
1 77  GLU n 
1 78  PRO n 
1 79  GLN n 
1 80  ALA n 
1 81  PRO n 
1 82  SER n 
1 83  CYS n 
1 84  VAL n 
1 85  TYR n 
1 86  ILE n 
1 87  HIS n 
1 88  PRO n 
1 89  ASP n 
1 90  SER n 
1 91  PRO n 
1 92  ASN n 
1 93  PHE n 
1 94  GLY n 
1 95  ALA n 
1 96  HIS n 
1 97  TRP n 
1 98  MET n 
1 99  LYS n 
1 100 ALA n 
1 101 PRO n 
1 102 VAL n 
1 103 SER n 
1 104 PHE n 
1 105 SER n 
1 106 LYS n 
1 107 VAL n 
1 108 LYS n 
1 109 LEU n 
1 110 THR n 
1 111 ASN n 
1 112 LYS n 
1 113 LEU n 
1 114 ASN n 
1 115 GLY n 
1 116 GLY n 
1 117 GLY n 
1 118 GLN n 
1 119 ILE n 
1 120 MET n 
1 121 LEU n 
1 122 ASN n 
1 123 SER n 
1 124 LEU n 
1 125 HIS n 
1 126 LYS n 
1 127 TYR n 
1 128 GLU n 
1 129 PRO n 
1 130 ARG n 
1 131 ILE n 
1 132 HIS n 
1 133 ILE n 
1 134 VAL n 
1 135 ARG n 
1 136 VAL n 
1 137 GLY n 
1 138 ASP n 
1 139 PRO n 
1 140 GLN n 
1 141 ARG n 
1 142 MET n 
1 143 ILE n 
1 144 THR n 
1 145 SER n 
1 146 HIS n 
1 147 CYS n 
1 148 PHE n 
1 149 PRO n 
1 150 GLU n 
1 151 THR n 
1 152 GLN n 
1 153 PHE n 
1 154 ILE n 
1 155 ALA n 
1 156 VAL n 
1 157 THR n 
1 158 ALA n 
1 159 TYR n 
1 160 GLN n 
1 161 ASN n 
1 162 GLU n 
1 163 GLU n 
1 164 ILE n 
1 165 THR n 
1 166 ALA n 
1 167 LEU n 
1 168 LYS n 
1 169 ILE n 
1 170 LYS n 
1 171 TYR n 
1 172 ASN n 
# 
_entity_src_gen.entity_id                          1 
_entity_src_gen.pdbx_src_id                        1 
_entity_src_gen.pdbx_alt_source_flag               sample 
_entity_src_gen.pdbx_seq_type                      'Biological sequence' 
_entity_src_gen.pdbx_beg_seq_num                   1 
_entity_src_gen.pdbx_end_seq_num                   172 
_entity_src_gen.gene_src_common_name               Human 
_entity_src_gen.gene_src_genus                     ? 
_entity_src_gen.pdbx_gene_src_gene                 'TBXT, T' 
_entity_src_gen.gene_src_species                   ? 
_entity_src_gen.gene_src_strain                    ? 
_entity_src_gen.gene_src_tissue                    ? 
_entity_src_gen.gene_src_tissue_fraction           ? 
_entity_src_gen.gene_src_details                   ? 
_entity_src_gen.pdbx_gene_src_fragment             ? 
_entity_src_gen.pdbx_gene_src_scientific_name      'Homo sapiens' 
_entity_src_gen.pdbx_gene_src_ncbi_taxonomy_id     9606 
_entity_src_gen.pdbx_gene_src_variant              ? 
_entity_src_gen.pdbx_gene_src_cell_line            ? 
_entity_src_gen.pdbx_gene_src_atcc                 ? 
_entity_src_gen.pdbx_gene_src_organ                ? 
_entity_src_gen.pdbx_gene_src_organelle            ? 
_entity_src_gen.pdbx_gene_src_cell                 ? 
_entity_src_gen.pdbx_gene_src_cellular_location    ? 
_entity_src_gen.host_org_common_name               ? 
_entity_src_gen.pdbx_host_org_scientific_name      'Escherichia coli' 
_entity_src_gen.pdbx_host_org_ncbi_taxonomy_id     562 
_entity_src_gen.host_org_genus                     ? 
_entity_src_gen.pdbx_host_org_gene                 ? 
_entity_src_gen.pdbx_host_org_organ                ? 
_entity_src_gen.host_org_species                   ? 
_entity_src_gen.pdbx_host_org_tissue               ? 
_entity_src_gen.pdbx_host_org_tissue_fraction      ? 
_entity_src_gen.pdbx_host_org_strain               ? 
_entity_src_gen.pdbx_host_org_variant              ? 
_entity_src_gen.pdbx_host_org_cell_line            ? 
_entity_src_gen.pdbx_host_org_atcc                 ? 
_entity_src_gen.pdbx_host_org_culture_collection   ? 
_entity_src_gen.pdbx_host_org_cell                 ? 
_entity_src_gen.pdbx_host_org_organelle            ? 
_entity_src_gen.pdbx_host_org_cellular_location    ? 
_entity_src_gen.pdbx_host_org_vector_type          ? 
_entity_src_gen.pdbx_host_org_vector               ? 
_entity_src_gen.host_org_details                   ? 
_entity_src_gen.expression_system_id               ? 
_entity_src_gen.plasmid_name                       ? 
_entity_src_gen.plasmid_details                    ? 
_entity_src_gen.pdbx_description                   ? 
# 
loop_
_chem_comp.id 
_chem_comp.type 
_chem_comp.mon_nstd_flag 
_chem_comp.name 
_chem_comp.pdbx_synonyms 
_chem_comp.formula 
_chem_comp.formula_weight 
ALA 'L-peptide linking' y ALANINE                                      ? 'C3 H7 N O2'     89.093  
ARG 'L-peptide linking' y ARGININE                                     ? 'C6 H15 N4 O2 1' 175.209 
ASN 'L-peptide linking' y ASPARAGINE                                   ? 'C4 H8 N2 O3'    132.118 
ASP 'L-peptide linking' y 'ASPARTIC ACID'                              ? 'C4 H7 N O4'     133.103 
CYS 'L-peptide linking' y CYSTEINE                                     ? 'C3 H7 N O2 S'   121.158 
GLN 'L-peptide linking' y GLUTAMINE                                    ? 'C5 H10 N2 O3'   146.144 
GLU 'L-peptide linking' y 'GLUTAMIC ACID'                              ? 'C5 H9 N O4'     147.129 
GLY 'peptide linking'   y GLYCINE                                      ? 'C2 H5 N O2'     75.067  
HIS 'L-peptide linking' y HISTIDINE                                    ? 'C6 H10 N3 O2 1' 156.162 
HOH non-polymer         . WATER                                        ? 'H2 O'           18.015  
ILE 'L-peptide linking' y ISOLEUCINE                                   ? 'C6 H13 N O2'    131.173 
LEU 'L-peptide linking' y LEUCINE                                      ? 'C6 H13 N O2'    131.173 
LYS 'L-peptide linking' y LYSINE                                       ? 'C6 H15 N2 O2 1' 147.195 
MET 'L-peptide linking' y METHIONINE                                   ? 'C5 H11 N O2 S'  149.211 
O0S non-polymer         . 'N-{4-[(pyrimidin-2-yl)oxy]phenyl}acetamide' ? 'C12 H11 N3 O2'  229.235 
PHE 'L-peptide linking' y PHENYLALANINE                                ? 'C9 H11 N O2'    165.189 
PRO 'L-peptide linking' y PROLINE                                      ? 'C5 H9 N O2'     115.130 
SER 'L-peptide linking' y SERINE                                       ? 'C3 H7 N O3'     105.093 
THR 'L-peptide linking' y THREONINE                                    ? 'C4 H9 N O3'     119.119 
TRP 'L-peptide linking' y TRYPTOPHAN                                   ? 'C11 H12 N2 O2'  204.225 
TYR 'L-peptide linking' y TYROSINE                                     ? 'C9 H11 N O3'    181.189 
VAL 'L-peptide linking' y VALINE                                       ? 'C5 H11 N O2'    117.146 
# 
loop_
_pdbx_poly_seq_scheme.asym_id 
_pdbx_poly_seq_scheme.entity_id 
_pdbx_poly_seq_scheme.seq_id 
_pdbx_poly_seq_scheme.mon_id 
_pdbx_poly_seq_scheme.ndb_seq_num 
_pdbx_poly_seq_scheme.pdb_seq_num 
_pdbx_poly_seq_scheme.auth_seq_num 
_pdbx_poly_seq_scheme.pdb_mon_id 
_pdbx_poly_seq_scheme.auth_mon_id 
_pdbx_poly_seq_scheme.pdb_strand_id 
_pdbx_poly_seq_scheme.pdb_ins_code 
_pdbx_poly_seq_scheme.hetero 
A 1 1   GLY 1   40  ?   ?   ?   A . n 
A 1 2   GLU 2   41  41  GLU GLU A . n 
A 1 3   LEU 3   42  42  LEU LEU A . n 
A 1 4   ARG 4   43  43  ARG ARG A . n 
A 1 5   VAL 5   44  44  VAL VAL A . n 
A 1 6   GLY 6   45  45  GLY GLY A . n 
A 1 7   LEU 7   46  46  LEU LEU A . n 
A 1 8   GLU 8   47  47  GLU GLU A . n 
A 1 9   GLU 9   48  48  GLU GLU A . n 
A 1 10  SER 10  49  49  SER SER A . n 
A 1 11  GLU 11  50  50  GLU GLU A . n 
A 1 12  LEU 12  51  51  LEU LEU A . n 
A 1 13  TRP 13  52  52  TRP TRP A . n 
A 1 14  LEU 14  53  53  LEU LEU A . n 
A 1 15  ARG 15  54  54  ARG ARG A . n 
A 1 16  PHE 16  55  55  PHE PHE A . n 
A 1 17  LYS 17  56  56  LYS LYS A . n 
A 1 18  GLU 18  57  57  GLU GLU A . n 
A 1 19  LEU 19  58  58  LEU LEU A . n 
A 1 20  THR 20  59  59  THR THR A . n 
A 1 21  ASN 21  60  60  ASN ASN A . n 
A 1 22  GLU 22  61  61  GLU GLU A . n 
A 1 23  MET 23  62  62  MET MET A . n 
A 1 24  ILE 24  63  63  ILE ILE A . n 
A 1 25  VAL 25  64  64  VAL VAL A . n 
A 1 26  THR 26  65  65  THR THR A . n 
A 1 27  LYS 27  66  66  LYS LYS A . n 
A 1 28  ASN 28  67  67  ASN ASN A . n 
A 1 29  GLY 29  68  68  GLY GLY A . n 
A 1 30  ARG 30  69  69  ARG ARG A . n 
A 1 31  ARG 31  70  70  ARG ARG A . n 
A 1 32  MET 32  71  71  MET MET A . n 
A 1 33  PHE 33  72  72  PHE PHE A . n 
A 1 34  PRO 34  73  73  PRO PRO A . n 
A 1 35  VAL 35  74  74  VAL VAL A . n 
A 1 36  LEU 36  75  75  LEU LEU A . n 
A 1 37  LYS 37  76  76  LYS LYS A . n 
A 1 38  VAL 38  77  77  VAL VAL A . n 
A 1 39  ASN 39  78  78  ASN ASN A . n 
A 1 40  VAL 40  79  79  VAL VAL A . n 
A 1 41  SER 41  80  80  SER SER A . n 
A 1 42  GLY 42  81  81  GLY GLY A . n 
A 1 43  LEU 43  82  82  LEU LEU A . n 
A 1 44  ASP 44  83  83  ASP ASP A . n 
A 1 45  PRO 45  84  84  PRO PRO A . n 
A 1 46  ASN 46  85  85  ASN ASN A . n 
A 1 47  ALA 47  86  86  ALA ALA A . n 
A 1 48  MET 48  87  87  MET MET A . n 
A 1 49  TYR 49  88  88  TYR TYR A . n 
A 1 50  SER 50  89  89  SER SER A . n 
A 1 51  PHE 51  90  90  PHE PHE A . n 
A 1 52  LEU 52  91  91  LEU LEU A . n 
A 1 53  LEU 53  92  92  LEU LEU A . n 
A 1 54  ASP 54  93  93  ASP ASP A . n 
A 1 55  PHE 55  94  94  PHE PHE A . n 
A 1 56  VAL 56  95  95  VAL VAL A . n 
A 1 57  ALA 57  96  96  ALA ALA A . n 
A 1 58  ALA 58  97  97  ALA ALA A . n 
A 1 59  ASP 59  98  98  ASP ASP A . n 
A 1 60  ASN 60  99  99  ASN ASN A . n 
A 1 61  HIS 61  100 100 HIS HIS A . n 
A 1 62  ARG 62  101 101 ARG ARG A . n 
A 1 63  TRP 63  102 102 TRP TRP A . n 
A 1 64  LYS 64  103 103 LYS LYS A . n 
A 1 65  TYR 65  104 104 TYR TYR A . n 
A 1 66  VAL 66  105 105 VAL VAL A . n 
A 1 67  ASN 67  106 106 ASN ASN A . n 
A 1 68  GLY 68  107 107 GLY GLY A . n 
A 1 69  GLU 69  108 108 GLU GLU A . n 
A 1 70  TRP 70  109 109 TRP TRP A . n 
A 1 71  VAL 71  110 110 VAL VAL A . n 
A 1 72  PRO 72  111 111 PRO PRO A . n 
A 1 73  GLY 73  112 112 GLY GLY A . n 
A 1 74  GLY 74  113 113 GLY GLY A . n 
A 1 75  LYS 75  114 114 LYS LYS A . n 
A 1 76  PRO 76  115 115 PRO PRO A . n 
A 1 77  GLU 77  116 116 GLU GLU A . n 
A 1 78  PRO 78  117 117 PRO PRO A . n 
A 1 79  GLN 79  118 118 GLN GLN A . n 
A 1 80  ALA 80  119 119 ALA ALA A . n 
A 1 81  PRO 81  120 120 PRO PRO A . n 
A 1 82  SER 82  121 121 SER SER A . n 
A 1 83  CYS 83  122 122 CYS CYS A . n 
A 1 84  VAL 84  123 123 VAL VAL A . n 
A 1 85  TYR 85  124 124 TYR TYR A . n 
A 1 86  ILE 86  125 125 ILE ILE A . n 
A 1 87  HIS 87  126 126 HIS HIS A . n 
A 1 88  PRO 88  127 127 PRO PRO A . n 
A 1 89  ASP 89  128 128 ASP ASP A . n 
A 1 90  SER 90  129 129 SER SER A . n 
A 1 91  PRO 91  130 130 PRO PRO A . n 
A 1 92  ASN 92  131 131 ASN ASN A . n 
A 1 93  PHE 93  132 132 PHE PHE A . n 
A 1 94  GLY 94  133 133 GLY GLY A . n 
A 1 95  ALA 95  134 134 ALA ALA A . n 
A 1 96  HIS 96  135 135 HIS HIS A . n 
A 1 97  TRP 97  136 136 TRP TRP A . n 
A 1 98  MET 98  137 137 MET MET A . n 
A 1 99  LYS 99  138 138 LYS LYS A . n 
A 1 100 ALA 100 139 139 ALA ALA A . n 
A 1 101 PRO 101 140 140 PRO PRO A . n 
A 1 102 VAL 102 141 141 VAL VAL A . n 
A 1 103 SER 103 142 142 SER SER A . n 
A 1 104 PHE 104 143 143 PHE PHE A . n 
A 1 105 SER 105 144 144 SER SER A . n 
A 1 106 LYS 106 145 145 LYS LYS A . n 
A 1 107 VAL 107 146 146 VAL VAL A . n 
A 1 108 LYS 108 147 147 LYS LYS A . n 
A 1 109 LEU 109 148 148 LEU LEU A . n 
A 1 110 THR 110 149 149 THR THR A . n 
A 1 111 ASN 111 150 150 ASN ASN A . n 
A 1 112 LYS 112 151 151 LYS LYS A . n 
A 1 113 LEU 113 152 152 LEU LEU A . n 
A 1 114 ASN 114 153 153 ASN ASN A . n 
A 1 115 GLY 115 154 154 GLY GLY A . n 
A 1 116 GLY 116 155 155 GLY GLY A . n 
A 1 117 GLY 117 156 156 GLY GLY A . n 
A 1 118 GLN 118 157 157 GLN GLN A . n 
A 1 119 ILE 119 158 158 ILE ILE A . n 
A 1 120 MET 120 159 159 MET MET A . n 
A 1 121 LEU 121 160 160 LEU LEU A . n 
A 1 122 ASN 122 161 161 ASN ASN A . n 
A 1 123 SER 123 162 162 SER SER A . n 
A 1 124 LEU 124 163 163 LEU LEU A . n 
A 1 125 HIS 125 164 164 HIS HIS A . n 
A 1 126 LYS 126 165 165 LYS LYS A . n 
A 1 127 TYR 127 166 166 TYR TYR A . n 
A 1 128 GLU 128 167 167 GLU GLU A . n 
A 1 129 PRO 129 168 168 PRO PRO A . n 
A 1 130 ARG 130 169 169 ARG ARG A . n 
A 1 131 ILE 131 170 170 ILE ILE A . n 
A 1 132 HIS 132 171 171 HIS HIS A . n 
A 1 133 ILE 133 172 172 ILE ILE A . n 
A 1 134 VAL 134 173 173 VAL VAL A . n 
A 1 135 ARG 135 174 174 ARG ARG A . n 
A 1 136 VAL 136 175 175 VAL VAL A . n 
A 1 137 GLY 137 176 176 GLY GLY A . n 
A 1 138 ASP 138 177 177 ASP ASP A . n 
A 1 139 PRO 139 178 178 PRO PRO A . n 
A 1 140 GLN 140 179 179 GLN GLN A . n 
A 1 141 ARG 141 180 180 ARG ARG A . n 
A 1 142 MET 142 181 181 MET MET A . n 
A 1 143 ILE 143 182 182 ILE ILE A . n 
A 1 144 THR 144 183 183 THR THR A . n 
A 1 145 SER 145 184 184 SER SER A . n 
A 1 146 HIS 146 185 185 HIS HIS A . n 
A 1 147 CYS 147 186 186 CYS CYS A . n 
A 1 148 PHE 148 187 187 PHE PHE A . n 
A 1 149 PRO 149 188 188 PRO PRO A . n 
A 1 150 GLU 150 189 189 GLU GLU A . n 
A 1 151 THR 151 190 190 THR THR A . n 
A 1 152 GLN 152 191 191 GLN GLN A . n 
A 1 153 PHE 153 192 192 PHE PHE A . n 
A 1 154 ILE 154 193 193 ILE ILE A . n 
A 1 155 ALA 155 194 194 ALA ALA A . n 
A 1 156 VAL 156 195 195 VAL VAL A . n 
A 1 157 THR 157 196 196 THR THR A . n 
A 1 158 ALA 158 197 197 ALA ALA A . n 
A 1 159 TYR 159 198 198 TYR TYR A . n 
A 1 160 GLN 160 199 199 GLN GLN A . n 
A 1 161 ASN 161 200 200 ASN ASN A . n 
A 1 162 GLU 162 201 201 GLU GLU A . n 
A 1 163 GLU 163 202 202 GLU GLU A . n 
A 1 164 ILE 164 203 203 ILE ILE A . n 
A 1 165 THR 165 204 204 THR THR A . n 
A 1 166 ALA 166 205 205 ALA ALA A . n 
A 1 167 LEU 167 206 206 LEU LEU A . n 
A 1 168 LYS 168 207 207 LYS LYS A . n 
A 1 169 ILE 169 208 208 ILE ILE A . n 
A 1 170 LYS 170 209 209 LYS LYS A . n 
A 1 171 TYR 171 210 210 TYR TYR A . n 
A 1 172 ASN 172 211 211 ASN ASN A . n 
# 
loop_
_pdbx_nonpoly_scheme.asym_id 
_pdbx_nonpoly_scheme.entity_id 
_pdbx_nonpoly_scheme.mon_id 
_pdbx_nonpoly_scheme.ndb_seq_num 
_pdbx_nonpoly_scheme.pdb_seq_num 
_pdbx_nonpoly_scheme.auth_seq_num 
_pdbx_nonpoly_scheme.pdb_mon_id 
_pdbx_nonpoly_scheme.auth_mon_id 
_pdbx_nonpoly_scheme.pdb_strand_id 
_pdbx_nonpoly_scheme.pdb_ins_code 
B 2 O0S 1   301 301 O0S LIG A . 
C 3 HOH 1   401 77  HOH HOH A . 
C 3 HOH 2   402 106 HOH HOH A . 
C 3 HOH 3   403 166 HOH HOH A . 
C 3 HOH 4   404 113 HOH HOH A . 
C 3 HOH 5   405 111 HOH HOH A . 
C 3 HOH 6   406 170 HOH HOH A . 
C 3 HOH 7   407 157 HOH HOH A . 
C 3 HOH 8   408 48  HOH HOH A . 
C 3 HOH 9   409 150 HOH HOH A . 
C 3 HOH 10  410 162 HOH HOH A . 
C 3 HOH 11  411 30  HOH HOH A . 
C 3 HOH 12  412 32  HOH HOH A . 
C 3 HOH 13  413 78  HOH HOH A . 
C 3 HOH 14  414 191 HOH HOH A . 
C 3 HOH 15  415 88  HOH HOH A . 
C 3 HOH 16  416 133 HOH HOH A . 
C 3 HOH 17  417 27  HOH HOH A . 
C 3 HOH 18  418 149 HOH HOH A . 
C 3 HOH 19  419 194 HOH HOH A . 
C 3 HOH 20  420 76  HOH HOH A . 
C 3 HOH 21  421 235 HOH HOH A . 
C 3 HOH 22  422 5   HOH HOH A . 
C 3 HOH 23  423 122 HOH HOH A . 
C 3 HOH 24  424 180 HOH HOH A . 
C 3 HOH 25  425 234 HOH HOH A . 
C 3 HOH 26  426 167 HOH HOH A . 
C 3 HOH 27  427 104 HOH HOH A . 
C 3 HOH 28  428 26  HOH HOH A . 
C 3 HOH 29  429 4   HOH HOH A . 
C 3 HOH 30  430 68  HOH HOH A . 
C 3 HOH 31  431 40  HOH HOH A . 
C 3 HOH 32  432 103 HOH HOH A . 
C 3 HOH 33  433 62  HOH HOH A . 
C 3 HOH 34  434 90  HOH HOH A . 
C 3 HOH 35  435 23  HOH HOH A . 
C 3 HOH 36  436 45  HOH HOH A . 
C 3 HOH 37  437 60  HOH HOH A . 
C 3 HOH 38  438 152 HOH HOH A . 
C 3 HOH 39  439 41  HOH HOH A . 
C 3 HOH 40  440 163 HOH HOH A . 
C 3 HOH 41  441 67  HOH HOH A . 
C 3 HOH 42  442 35  HOH HOH A . 
C 3 HOH 43  443 176 HOH HOH A . 
C 3 HOH 44  444 158 HOH HOH A . 
C 3 HOH 45  445 12  HOH HOH A . 
C 3 HOH 46  446 47  HOH HOH A . 
C 3 HOH 47  447 231 HOH HOH A . 
C 3 HOH 48  448 36  HOH HOH A . 
C 3 HOH 49  449 57  HOH HOH A . 
C 3 HOH 50  450 14  HOH HOH A . 
C 3 HOH 51  451 31  HOH HOH A . 
C 3 HOH 52  452 22  HOH HOH A . 
C 3 HOH 53  453 118 HOH HOH A . 
C 3 HOH 54  454 44  HOH HOH A . 
C 3 HOH 55  455 237 HOH HOH A . 
C 3 HOH 56  456 207 HOH HOH A . 
C 3 HOH 57  457 20  HOH HOH A . 
C 3 HOH 58  458 9   HOH HOH A . 
C 3 HOH 59  459 210 HOH HOH A . 
C 3 HOH 60  460 195 HOH HOH A . 
C 3 HOH 61  461 174 HOH HOH A . 
C 3 HOH 62  462 206 HOH HOH A . 
C 3 HOH 63  463 89  HOH HOH A . 
C 3 HOH 64  464 165 HOH HOH A . 
C 3 HOH 65  465 50  HOH HOH A . 
C 3 HOH 66  466 159 HOH HOH A . 
C 3 HOH 67  467 209 HOH HOH A . 
C 3 HOH 68  468 218 HOH HOH A . 
C 3 HOH 69  469 61  HOH HOH A . 
C 3 HOH 70  470 109 HOH HOH A . 
C 3 HOH 71  471 96  HOH HOH A . 
C 3 HOH 72  472 188 HOH HOH A . 
C 3 HOH 73  473 15  HOH HOH A . 
C 3 HOH 74  474 160 HOH HOH A . 
C 3 HOH 75  475 42  HOH HOH A . 
C 3 HOH 76  476 181 HOH HOH A . 
C 3 HOH 77  477 13  HOH HOH A . 
C 3 HOH 78  478 52  HOH HOH A . 
C 3 HOH 79  479 1   HOH HOH A . 
C 3 HOH 80  480 34  HOH HOH A . 
C 3 HOH 81  481 3   HOH HOH A . 
C 3 HOH 82  482 25  HOH HOH A . 
C 3 HOH 83  483 214 HOH HOH A . 
C 3 HOH 84  484 66  HOH HOH A . 
C 3 HOH 85  485 38  HOH HOH A . 
C 3 HOH 86  486 81  HOH HOH A . 
C 3 HOH 87  487 182 HOH HOH A . 
C 3 HOH 88  488 6   HOH HOH A . 
C 3 HOH 89  489 213 HOH HOH A . 
C 3 HOH 90  490 64  HOH HOH A . 
C 3 HOH 91  491 178 HOH HOH A . 
C 3 HOH 92  492 24  HOH HOH A . 
C 3 HOH 93  493 70  HOH HOH A . 
C 3 HOH 94  494 164 HOH HOH A . 
C 3 HOH 95  495 37  HOH HOH A . 
C 3 HOH 96  496 87  HOH HOH A . 
C 3 HOH 97  497 199 HOH HOH A . 
C 3 HOH 98  498 59  HOH HOH A . 
C 3 HOH 99  499 86  HOH HOH A . 
C 3 HOH 100 500 161 HOH HOH A . 
C 3 HOH 101 501 56  HOH HOH A . 
C 3 HOH 102 502 58  HOH HOH A . 
C 3 HOH 103 503 39  HOH HOH A . 
C 3 HOH 104 504 187 HOH HOH A . 
C 3 HOH 105 505 184 HOH HOH A . 
C 3 HOH 106 506 175 HOH HOH A . 
C 3 HOH 107 507 43  HOH HOH A . 
C 3 HOH 108 508 138 HOH HOH A . 
C 3 HOH 109 509 151 HOH HOH A . 
C 3 HOH 110 510 33  HOH HOH A . 
C 3 HOH 111 511 28  HOH HOH A . 
C 3 HOH 112 512 141 HOH HOH A . 
C 3 HOH 113 513 179 HOH HOH A . 
C 3 HOH 114 514 154 HOH HOH A . 
C 3 HOH 115 515 186 HOH HOH A . 
C 3 HOH 116 516 124 HOH HOH A . 
C 3 HOH 117 517 16  HOH HOH A . 
C 3 HOH 118 518 7   HOH HOH A . 
C 3 HOH 119 519 222 HOH HOH A . 
C 3 HOH 120 520 98  HOH HOH A . 
C 3 HOH 121 521 99  HOH HOH A . 
C 3 HOH 122 522 2   HOH HOH A . 
C 3 HOH 123 523 51  HOH HOH A . 
C 3 HOH 124 524 236 HOH HOH A . 
C 3 HOH 125 525 142 HOH HOH A . 
C 3 HOH 126 526 172 HOH HOH A . 
C 3 HOH 127 527 72  HOH HOH A . 
C 3 HOH 128 528 92  HOH HOH A . 
C 3 HOH 129 529 168 HOH HOH A . 
C 3 HOH 130 530 185 HOH HOH A . 
C 3 HOH 131 531 85  HOH HOH A . 
C 3 HOH 132 532 177 HOH HOH A . 
C 3 HOH 133 533 117 HOH HOH A . 
C 3 HOH 134 534 238 HOH HOH A . 
C 3 HOH 135 535 192 HOH HOH A . 
C 3 HOH 136 536 116 HOH HOH A . 
C 3 HOH 137 537 84  HOH HOH A . 
C 3 HOH 138 538 224 HOH HOH A . 
C 3 HOH 139 539 94  HOH HOH A . 
C 3 HOH 140 540 135 HOH HOH A . 
C 3 HOH 141 541 121 HOH HOH A . 
C 3 HOH 142 542 29  HOH HOH A . 
C 3 HOH 143 543 131 HOH HOH A . 
C 3 HOH 144 544 216 HOH HOH A . 
C 3 HOH 145 545 136 HOH HOH A . 
C 3 HOH 146 546 217 HOH HOH A . 
C 3 HOH 147 547 97  HOH HOH A . 
C 3 HOH 148 548 200 HOH HOH A . 
C 3 HOH 149 549 208 HOH HOH A . 
C 3 HOH 150 550 19  HOH HOH A . 
C 3 HOH 151 551 107 HOH HOH A . 
C 3 HOH 152 552 129 HOH HOH A . 
C 3 HOH 153 553 144 HOH HOH A . 
C 3 HOH 154 554 204 HOH HOH A . 
C 3 HOH 155 555 80  HOH HOH A . 
C 3 HOH 156 556 55  HOH HOH A . 
C 3 HOH 157 557 221 HOH HOH A . 
C 3 HOH 158 558 229 HOH HOH A . 
C 3 HOH 159 559 21  HOH HOH A . 
C 3 HOH 160 560 65  HOH HOH A . 
C 3 HOH 161 561 155 HOH HOH A . 
C 3 HOH 162 562 11  HOH HOH A . 
C 3 HOH 163 563 71  HOH HOH A . 
C 3 HOH 164 564 156 HOH HOH A . 
C 3 HOH 165 565 137 HOH HOH A . 
C 3 HOH 166 566 73  HOH HOH A . 
C 3 HOH 167 567 110 HOH HOH A . 
C 3 HOH 168 568 75  HOH HOH A . 
C 3 HOH 169 569 49  HOH HOH A . 
C 3 HOH 170 570 153 HOH HOH A . 
C 3 HOH 171 571 102 HOH HOH A . 
C 3 HOH 172 572 211 HOH HOH A . 
C 3 HOH 173 573 145 HOH HOH A . 
# 
loop_
_software.pdbx_ordinal 
_software.name 
_software.version 
_software.date 
_software.type 
_software.contact_author 
_software.contact_author_email 
_software.classification 
_software.location 
_software.language 
_software.citation_id 
1 REFMAC      5.8.0238 ?               program 'Garib N. Murshudov' garib@ysbl.york.ac.uk    refinement        
http://www.ccp4.ac.uk/dist/html/refmac5.html        Fortran_77 ? 
2 Aimless     0.7.3    15/08/18        program 'Phil Evans'         ?                        'data scaling'    
http://www.mrc-lmb.cam.ac.uk/harry/pre/aimless.html ?          ? 
3 PDB_EXTRACT 3.23     'SEP. 23, 2016' package PDB                  deposit@deposit.rcsb.org 'data extraction' 
http://sw-tools.pdb.org/apps/PDB_EXTRACT/           C++        ? 
4 XDS         .        ?               program ?                    ?                        'data reduction'  ? ?          ? 
5 REFMAC      .        ?               program ?                    ?                        phasing           ? ?          ? 
# 
_cell.entry_id           5QSD 
_cell.length_a           99.836 
_cell.length_b           99.836 
_cell.length_c           99.654 
_cell.angle_alpha        90.000 
_cell.angle_beta         90.000 
_cell.angle_gamma        120.000 
_cell.Z_PDB              18 
_cell.pdbx_unique_axis   ? 
# 
_symmetry.entry_id                         5QSD 
_symmetry.Int_Tables_number                155 
_symmetry.space_group_name_H-M             'H 3 2' 
_symmetry.pdbx_full_space_group_name_H-M   ? 
_symmetry.cell_setting                     ? 
# 
_exptl.crystals_number   1 
_exptl.entry_id          5QSD 
_exptl.method            'X-RAY DIFFRACTION' 
# 
_exptl_crystal.id                    1 
_exptl_crystal.pdbx_mosaicity        0.000 
_exptl_crystal.pdbx_mosaicity_esd    ? 
_exptl_crystal.density_Matthews      2.43 
_exptl_crystal.density_diffrn        ? 
_exptl_crystal.density_meas          ? 
_exptl_crystal.density_meas_temp     ? 
_exptl_crystal.density_percent_sol   49.41 
_exptl_crystal.size_max              ? 
_exptl_crystal.size_mid              ? 
_exptl_crystal.size_min              ? 
_exptl_crystal.size_rad              ? 
_exptl_crystal.description           ? 
# 
_exptl_crystal_grow.crystal_id      1 
_exptl_crystal_grow.method          'VAPOR DIFFUSION, SITTING DROP' 
_exptl_crystal_grow.pH              7 
_exptl_crystal_grow.temp            298 
_exptl_crystal_grow.pdbx_details    '0.1 M SPG pH 7.0, 30 % PEG 1000' 
_exptl_crystal_grow.temp_details    ? 
_exptl_crystal_grow.pdbx_pH_range   ? 
# 
_diffrn.id                               1 
_diffrn.ambient_temp                     100 
_diffrn.crystal_id                       1 
_diffrn.ambient_temp_details             ? 
_diffrn.pdbx_serial_crystal_experiment   ? 
# 
_diffrn_detector.detector               PIXEL 
_diffrn_detector.type                   'DECTRIS PILATUS 6M' 
_diffrn_detector.pdbx_collection_date   2018-12-09 
_diffrn_detector.diffrn_id              1 
_diffrn_detector.details                ? 
# 
_diffrn_radiation.diffrn_id                        1 
_diffrn_radiation.wavelength_id                    1 
_diffrn_radiation.pdbx_diffrn_protocol             'SINGLE WAVELENGTH' 
_diffrn_radiation.pdbx_monochromatic_or_laue_m_l   M 
_diffrn_radiation.monochromator                    ? 
_diffrn_radiation.pdbx_scattering_type             x-ray 
# 
_diffrn_radiation_wavelength.id           1 
_diffrn_radiation_wavelength.wavelength   0.91587 
_diffrn_radiation_wavelength.wt           1.0 
# 
_diffrn_source.diffrn_id                   1 
_diffrn_source.source                      SYNCHROTRON 
_diffrn_source.type                        'DIAMOND BEAMLINE I04-1' 
_diffrn_source.pdbx_wavelength_list        0.91587 
_diffrn_source.pdbx_synchrotron_site       Diamond 
_diffrn_source.pdbx_synchrotron_beamline   I04-1 
_diffrn_source.pdbx_wavelength             ? 
# 
_reflns.entry_id                     5QSD 
_reflns.pdbx_diffrn_id               1 
_reflns.pdbx_ordinal                 1 
_reflns.observed_criterion_sigma_I   ? 
_reflns.observed_criterion_sigma_F   ? 
_reflns.d_resolution_low             49.910 
_reflns.d_resolution_high            1.870 
_reflns.number_obs                   15965 
_reflns.number_all                   ? 
_reflns.percent_possible_obs         100.000 
_reflns.pdbx_Rmerge_I_obs            0.169 
_reflns.pdbx_Rsym_value              ? 
_reflns.pdbx_netI_over_sigmaI        8.600 
_reflns.B_iso_Wilson_estimate        ? 
_reflns.pdbx_redundancy              9.900 
_reflns.pdbx_Rrim_I_all              0.179 
_reflns.pdbx_Rpim_I_all              0.057 
_reflns.pdbx_CC_half                 0.998 
_reflns.pdbx_netI_over_av_sigmaI     ? 
_reflns.pdbx_number_measured_all     157595 
_reflns.pdbx_scaling_rejects         122 
_reflns.pdbx_chi_squared             ? 
_reflns.Rmerge_F_all                 ? 
_reflns.Rmerge_F_obs                 ? 
_reflns.observed_criterion_F_max     ? 
_reflns.observed_criterion_F_min     ? 
_reflns.observed_criterion_I_max     ? 
_reflns.observed_criterion_I_min     ? 
_reflns.pdbx_d_res_high_opt          ? 
_reflns.pdbx_d_res_low_opt           ? 
_reflns.details                      ? 
# 
loop_
_reflns_shell.pdbx_diffrn_id 
_reflns_shell.pdbx_ordinal 
_reflns_shell.d_res_high 
_reflns_shell.d_res_low 
_reflns_shell.number_measured_obs 
_reflns_shell.number_measured_all 
_reflns_shell.number_unique_obs 
_reflns_shell.pdbx_rejects 
_reflns_shell.Rmerge_I_obs 
_reflns_shell.meanI_over_sigI_obs 
_reflns_shell.pdbx_Rsym_value 
_reflns_shell.pdbx_chi_squared 
_reflns_shell.pdbx_redundancy 
_reflns_shell.percent_possible_obs 
_reflns_shell.pdbx_netI_over_sigmaI_obs 
_reflns_shell.number_possible 
_reflns_shell.number_unique_all 
_reflns_shell.Rmerge_F_all 
_reflns_shell.Rmerge_F_obs 
_reflns_shell.Rmerge_I_all 
_reflns_shell.meanI_over_sigI_all 
_reflns_shell.percent_possible_all 
_reflns_shell.pdbx_Rrim_I_all 
_reflns_shell.pdbx_Rpim_I_all 
_reflns_shell.pdbx_CC_half 
1 1 1.870 1.920  ? 11895 ? ? 2.150 ? ? ? 10.200 ? 1.300  ? 1168 ? ? ? ? 100.000 2.264 0.707 0.453 
1 2 8.360 49.910 ? 1899  ? ? 0.041 ? ? ? 9.400  ? 31.000 ? 203  ? ? ? ? 99.600  0.043 0.014 0.999 
# 
_refine.entry_id                                 5QSD 
_refine.pdbx_refine_id                           'X-RAY DIFFRACTION' 
_refine.ls_d_res_high                            1.8700 
_refine.ls_d_res_low                             49.9200 
_refine.pdbx_ls_sigma_F                          0.000 
_refine.pdbx_data_cutoff_high_absF               ? 
_refine.pdbx_data_cutoff_low_absF                ? 
_refine.ls_percent_reflns_obs                    99.9200 
_refine.ls_number_reflns_obs                     15136 
_refine.ls_number_reflns_all                     ? 
_refine.pdbx_ls_cross_valid_method               THROUGHOUT 
_refine.ls_matrix_type                           ? 
_refine.pdbx_R_Free_selection_details            RANDOM 
_refine.details                                  
'HYDROGENS HAVE BEEN ADDED IN THE RIDING POSITIONS U VALUES      : REFINED INDIVIDUALLY' 
_refine.ls_R_factor_all                          ? 
_refine.ls_R_factor_obs                          0.1907 
_refine.ls_R_factor_R_work                       0.1882 
_refine.ls_wR_factor_R_work                      ? 
_refine.ls_R_factor_R_free                       0.2339 
_refine.ls_wR_factor_R_free                      ? 
_refine.ls_percent_reflns_R_free                 5.1000 
_refine.ls_number_reflns_R_free                  816 
_refine.ls_number_reflns_R_work                  ? 
_refine.ls_R_factor_R_free_error                 ? 
_refine.B_iso_mean                               30.3300 
_refine.solvent_model_param_bsol                 ? 
_refine.solvent_model_param_ksol                 ? 
_refine.pdbx_isotropic_thermal_model             ? 
_refine.aniso_B[1][1]                            -0.0600 
_refine.aniso_B[2][2]                            -0.0600 
_refine.aniso_B[3][3]                            0.1800 
_refine.aniso_B[1][2]                            -0.0300 
_refine.aniso_B[1][3]                            -0.0000 
_refine.aniso_B[2][3]                            0.0000 
_refine.correlation_coeff_Fo_to_Fc               0.9630 
_refine.correlation_coeff_Fo_to_Fc_free          0.9380 
_refine.overall_SU_R_Cruickshank_DPI             ? 
_refine.pdbx_overall_SU_R_free_Cruickshank_DPI   ? 
_refine.pdbx_overall_SU_R_Blow_DPI               ? 
_refine.pdbx_overall_SU_R_free_Blow_DPI          ? 
_refine.overall_SU_R_free                        ? 
_refine.pdbx_overall_ESU_R                       0.1710 
_refine.pdbx_overall_ESU_R_Free                  0.1540 
_refine.overall_SU_ML                            0.1340 
_refine.overall_SU_B                             4.7200 
_refine.solvent_model_details                    MASK 
_refine.pdbx_solvent_vdw_probe_radii             1.2000 
_refine.pdbx_solvent_ion_probe_radii             0.8000 
_refine.pdbx_solvent_shrinkage_radii             0.8000 
_refine.ls_number_parameters                     ? 
_refine.ls_number_restraints                     ? 
_refine.pdbx_starting_model                      6f58 
_refine.pdbx_method_to_determine_struct          'FOURIER SYNTHESIS' 
_refine.pdbx_stereochemistry_target_values       'MAXIMUM LIKELIHOOD' 
_refine.pdbx_stereochem_target_val_spec_case     ? 
_refine.overall_FOM_work_R_set                   ? 
_refine.B_iso_max                                85.090 
_refine.B_iso_min                                19.750 
_refine.pdbx_overall_phase_error                 ? 
_refine.occupancy_max                            ? 
_refine.occupancy_min                            ? 
_refine.pdbx_diffrn_id                           1 
_refine.pdbx_TLS_residual_ADP_flag               ? 
_refine.pdbx_ls_sigma_I                          ? 
_refine.pdbx_data_cutoff_high_rms_absF           ? 
_refine.ls_R_factor_R_free_error_details         ? 
# 
_refine_hist.cycle_id                         final 
_refine_hist.pdbx_refine_id                   'X-RAY DIFFRACTION' 
_refine_hist.d_res_high                       1.8700 
_refine_hist.d_res_low                        49.9200 
_refine_hist.pdbx_number_atoms_ligand         17 
_refine_hist.number_atoms_solvent             173 
_refine_hist.number_atoms_total               1570 
_refine_hist.pdbx_number_residues_total       171 
_refine_hist.pdbx_B_iso_mean_ligand           38.28 
_refine_hist.pdbx_B_iso_mean_solvent          41.55 
_refine_hist.pdbx_number_atoms_protein        1380 
_refine_hist.pdbx_number_atoms_nucleic_acid   0 
# 
loop_
_refine_ls_restr.pdbx_refine_id 
_refine_ls_restr.type 
_refine_ls_restr.number 
_refine_ls_restr.dev_ideal 
_refine_ls_restr.dev_ideal_target 
_refine_ls_restr.weight 
_refine_ls_restr.pdbx_restraint_function 
'X-RAY DIFFRACTION' r_bond_refined_d       1782 0.009  0.014  ? ? 
'X-RAY DIFFRACTION' r_bond_other_d         1529 0.002  0.017  ? ? 
'X-RAY DIFFRACTION' r_angle_refined_deg    2259 1.481  1.673  ? ? 
'X-RAY DIFFRACTION' r_angle_other_deg      3558 1.266  1.592  ? ? 
'X-RAY DIFFRACTION' r_dihedral_angle_1_deg 203  7.216  5.000  ? ? 
'X-RAY DIFFRACTION' r_dihedral_angle_2_deg 83   25.887 21.446 ? ? 
'X-RAY DIFFRACTION' r_dihedral_angle_3_deg 291  15.812 15.000 ? ? 
'X-RAY DIFFRACTION' r_dihedral_angle_4_deg 11   12.870 15.000 ? ? 
'X-RAY DIFFRACTION' r_chiral_restr         206  0.066  0.200  ? ? 
'X-RAY DIFFRACTION' r_gen_planes_refined   2041 0.007  0.020  ? ? 
'X-RAY DIFFRACTION' r_gen_planes_other     368  0.001  0.020  ? ? 
'X-RAY DIFFRACTION' r_mcbond_it            841  2.225  2.882  ? ? 
'X-RAY DIFFRACTION' r_mcbond_other         839  2.228  2.883  ? ? 
'X-RAY DIFFRACTION' r_mcangle_it           1005 3.361  4.336  ? ? 
# 
_refine_ls_shell.d_res_high                       1.8700 
_refine_ls_shell.d_res_low                        1.9190 
_refine_ls_shell.pdbx_total_number_of_bins_used   20 
_refine_ls_shell.percent_reflns_obs               100.0000 
_refine_ls_shell.number_reflns_R_work             1114 
_refine_ls_shell.R_factor_all                     ? 
_refine_ls_shell.R_factor_R_work                  0.2930 
_refine_ls_shell.R_factor_R_free                  0.2320 
_refine_ls_shell.percent_reflns_R_free            ? 
_refine_ls_shell.number_reflns_R_free             50 
_refine_ls_shell.R_factor_R_free_error            ? 
_refine_ls_shell.number_reflns_all                1164 
_refine_ls_shell.number_reflns_obs                ? 
_refine_ls_shell.pdbx_refine_id                   'X-RAY DIFFRACTION' 
# 
_struct.entry_id                  5QSD 
_struct.title                     
'PanDDA analysis group deposition -- Crystal Structure of human Brachyury G177D variant in complex with Z54571979' 
_struct.pdbx_model_details        ? 
_struct.pdbx_CASP_flag            ? 
_struct.pdbx_model_type_details   ? 
# 
_struct_keywords.entry_id        5QSD 
_struct_keywords.text            'SGC - Diamond I04-1 fragment screening, PanDDA, XChemExplorer, TRANSCRIPTION' 
_struct_keywords.pdbx_keywords   TRANSCRIPTION 
# 
loop_
_struct_asym.id 
_struct_asym.pdbx_blank_PDB_chainid_flag 
_struct_asym.pdbx_modified 
_struct_asym.entity_id 
_struct_asym.details 
A N N 1 ? 
B N N 2 ? 
C N N 3 ? 
# 
_struct_ref.id                         1 
_struct_ref.db_name                    UNP 
_struct_ref.db_code                    TBXT_HUMAN 
_struct_ref.pdbx_db_accession          O15178 
_struct_ref.pdbx_db_isoform            ? 
_struct_ref.entity_id                  1 
_struct_ref.pdbx_seq_one_letter_code   
;ELRVGLEESELWLRFKELTNEMIVTKNGRRMFPVLKVNVSGLDPNAMYSFLLDFVAADNHRWKYVNGEWVPGGKPEPQAP
SCVYIHPDSPNFGAHWMKAPVSFSKVKLTNKLNGGGQIMLNSLHKYEPRIHIVRVGGPQRMITSHCFPETQFIAVTAYQN
EEITALKIKYN
;
_struct_ref.pdbx_align_begin           41 
# 
_struct_ref_seq.align_id                      1 
_struct_ref_seq.ref_id                        1 
_struct_ref_seq.pdbx_PDB_id_code              5QSD 
_struct_ref_seq.pdbx_strand_id                A 
_struct_ref_seq.seq_align_beg                 2 
_struct_ref_seq.pdbx_seq_align_beg_ins_code   ? 
_struct_ref_seq.seq_align_end                 172 
_struct_ref_seq.pdbx_seq_align_end_ins_code   ? 
_struct_ref_seq.pdbx_db_accession             O15178 
_struct_ref_seq.db_align_beg                  41 
_struct_ref_seq.pdbx_db_align_beg_ins_code    ? 
_struct_ref_seq.db_align_end                  211 
_struct_ref_seq.pdbx_db_align_end_ins_code    ? 
_struct_ref_seq.pdbx_auth_seq_align_beg       41 
_struct_ref_seq.pdbx_auth_seq_align_end       211 
# 
loop_
_struct_ref_seq_dif.align_id 
_struct_ref_seq_dif.pdbx_pdb_id_code 
_struct_ref_seq_dif.mon_id 
_struct_ref_seq_dif.pdbx_pdb_strand_id 
_struct_ref_seq_dif.seq_num 
_struct_ref_seq_dif.pdbx_pdb_ins_code 
_struct_ref_seq_dif.pdbx_seq_db_name 
_struct_ref_seq_dif.pdbx_seq_db_accession_code 
_struct_ref_seq_dif.db_mon_id 
_struct_ref_seq_dif.pdbx_seq_db_seq_num 
_struct_ref_seq_dif.details 
_struct_ref_seq_dif.pdbx_auth_seq_num 
_struct_ref_seq_dif.pdbx_ordinal 
1 5QSD GLY A 1   ? UNP O15178 ?   ?   'expression tag'      40  1 
1 5QSD ASP A 138 ? UNP O15178 GLY 177 'engineered mutation' 177 2 
# 
_pdbx_struct_assembly.id                   1 
_pdbx_struct_assembly.details              author_and_software_defined_assembly 
_pdbx_struct_assembly.method_details       PISA 
_pdbx_struct_assembly.oligomeric_details   monomeric 
_pdbx_struct_assembly.oligomeric_count     1 
# 
_pdbx_struct_assembly_gen.assembly_id       1 
_pdbx_struct_assembly_gen.oper_expression   1 
_pdbx_struct_assembly_gen.asym_id_list      A,B,C 
# 
_pdbx_struct_oper_list.id                   1 
_pdbx_struct_oper_list.type                 'identity operation' 
_pdbx_struct_oper_list.name                 1_555 
_pdbx_struct_oper_list.symmetry_operation   x,y,z 
_pdbx_struct_oper_list.matrix[1][1]         1.0000000000 
_pdbx_struct_oper_list.matrix[1][2]         0.0000000000 
_pdbx_struct_oper_list.matrix[1][3]         0.0000000000 
_pdbx_struct_oper_list.vector[1]            0.0000000000 
_pdbx_struct_oper_list.matrix[2][1]         0.0000000000 
_pdbx_struct_oper_list.matrix[2][2]         1.0000000000 
_pdbx_struct_oper_list.matrix[2][3]         0.0000000000 
_pdbx_struct_oper_list.vector[2]            0.0000000000 
_pdbx_struct_oper_list.matrix[3][1]         0.0000000000 
_pdbx_struct_oper_list.matrix[3][2]         0.0000000000 
_pdbx_struct_oper_list.matrix[3][3]         1.0000000000 
_pdbx_struct_oper_list.vector[3]            0.0000000000 
# 
loop_
_struct_conf.conf_type_id 
_struct_conf.id 
_struct_conf.pdbx_PDB_helix_id 
_struct_conf.beg_label_comp_id 
_struct_conf.beg_label_asym_id 
_struct_conf.beg_label_seq_id 
_struct_conf.pdbx_beg_PDB_ins_code 
_struct_conf.end_label_comp_id 
_struct_conf.end_label_asym_id 
_struct_conf.end_label_seq_id 
_struct_conf.pdbx_end_PDB_ins_code 
_struct_conf.beg_auth_comp_id 
_struct_conf.beg_auth_asym_id 
_struct_conf.beg_auth_seq_id 
_struct_conf.end_auth_comp_id 
_struct_conf.end_auth_asym_id 
_struct_conf.end_auth_seq_id 
_struct_conf.pdbx_PDB_helix_class 
_struct_conf.details 
_struct_conf.pdbx_PDB_helix_length 
HELX_P HELX_P1 AA1 GLU A 9   ? THR A 20  ? GLU A 48  THR A 59  1 ? 12 
HELX_P HELX_P2 AA2 GLY A 94  ? ALA A 100 ? GLY A 133 ALA A 139 1 ? 7  
HELX_P HELX_P3 AA3 PRO A 149 ? GLN A 152 ? PRO A 188 GLN A 191 5 ? 4  
HELX_P HELX_P4 AA4 ASN A 161 ? ASN A 172 ? ASN A 200 ASN A 211 1 ? 12 
# 
_struct_conf_type.id          HELX_P 
_struct_conf_type.criteria    ? 
_struct_conf_type.reference   ? 
# 
loop_
_struct_mon_prot_cis.pdbx_id 
_struct_mon_prot_cis.label_comp_id 
_struct_mon_prot_cis.label_seq_id 
_struct_mon_prot_cis.label_asym_id 
_struct_mon_prot_cis.label_alt_id 
_struct_mon_prot_cis.pdbx_PDB_ins_code 
_struct_mon_prot_cis.auth_comp_id 
_struct_mon_prot_cis.auth_seq_id 
_struct_mon_prot_cis.auth_asym_id 
_struct_mon_prot_cis.pdbx_label_comp_id_2 
_struct_mon_prot_cis.pdbx_label_seq_id_2 
_struct_mon_prot_cis.pdbx_label_asym_id_2 
_struct_mon_prot_cis.pdbx_PDB_ins_code_2 
_struct_mon_prot_cis.pdbx_auth_comp_id_2 
_struct_mon_prot_cis.pdbx_auth_seq_id_2 
_struct_mon_prot_cis.pdbx_auth_asym_id_2 
_struct_mon_prot_cis.pdbx_PDB_model_num 
_struct_mon_prot_cis.pdbx_omega_angle 
1 PHE 33 A . ? PHE 72  A PRO 34 A ? PRO 73  A 1 -9.69  
2 SER 90 A . ? SER 129 A PRO 91 A ? PRO 130 A 1 -14.96 
# 
loop_
_struct_sheet.id 
_struct_sheet.type 
_struct_sheet.number_strands 
_struct_sheet.details 
AA1 ? 3 ? 
AA2 ? 5 ? 
AA3 ? 4 ? 
AA4 ? 3 ? 
AA5 ? 2 ? 
# 
loop_
_struct_sheet_order.sheet_id 
_struct_sheet_order.range_id_1 
_struct_sheet_order.range_id_2 
_struct_sheet_order.offset 
_struct_sheet_order.sense 
AA1 1 2 ? anti-parallel 
AA1 2 3 ? anti-parallel 
AA2 1 2 ? parallel      
AA2 2 3 ? anti-parallel 
AA2 3 4 ? anti-parallel 
AA2 4 5 ? anti-parallel 
AA3 1 2 ? anti-parallel 
AA3 2 3 ? anti-parallel 
AA3 3 4 ? anti-parallel 
AA4 1 2 ? anti-parallel 
AA4 2 3 ? parallel      
AA5 1 2 ? anti-parallel 
# 
loop_
_struct_sheet_range.sheet_id 
_struct_sheet_range.id 
_struct_sheet_range.beg_label_comp_id 
_struct_sheet_range.beg_label_asym_id 
_struct_sheet_range.beg_label_seq_id 
_struct_sheet_range.pdbx_beg_PDB_ins_code 
_struct_sheet_range.end_label_comp_id 
_struct_sheet_range.end_label_asym_id 
_struct_sheet_range.end_label_seq_id 
_struct_sheet_range.pdbx_end_PDB_ins_code 
_struct_sheet_range.beg_auth_comp_id 
_struct_sheet_range.beg_auth_asym_id 
_struct_sheet_range.beg_auth_seq_id 
_struct_sheet_range.end_auth_comp_id 
_struct_sheet_range.end_auth_asym_id 
_struct_sheet_range.end_auth_seq_id 
AA1 1 ARG A 4   ? LEU A 7   ? ARG A 43  LEU A 46  
AA1 2 LYS A 37  ? SER A 41  ? LYS A 76  SER A 80  
AA1 3 VAL A 102 ? SER A 103 ? VAL A 141 SER A 142 
AA2 1 GLU A 22  ? ILE A 24  ? GLU A 61  ILE A 63  
AA2 2 PHE A 153 ? VAL A 156 ? PHE A 192 VAL A 195 
AA2 3 LYS A 126 ? ARG A 135 ? LYS A 165 ARG A 174 
AA2 4 MET A 48  ? ALA A 57  ? MET A 87  ALA A 96  
AA2 5 ASN A 92  ? PHE A 93  ? ASN A 131 PHE A 132 
AA3 1 TYR A 85  ? ILE A 86  ? TYR A 124 ILE A 125 
AA3 2 MET A 48  ? ALA A 57  ? MET A 87  ALA A 96  
AA3 3 LYS A 126 ? ARG A 135 ? LYS A 165 ARG A 174 
AA3 4 ILE A 143 ? CYS A 147 ? ILE A 182 CYS A 186 
AA4 1 ARG A 30  ? ARG A 31  ? ARG A 69  ARG A 70  
AA4 2 LYS A 108 ? THR A 110 ? LYS A 147 THR A 149 
AA4 3 ILE A 119 ? MET A 120 ? ILE A 158 MET A 159 
AA5 1 ARG A 62  ? VAL A 66  ? ARG A 101 VAL A 105 
AA5 2 GLU A 69  ? GLY A 74  ? GLU A 108 GLY A 113 
# 
loop_
_pdbx_struct_sheet_hbond.sheet_id 
_pdbx_struct_sheet_hbond.range_id_1 
_pdbx_struct_sheet_hbond.range_id_2 
_pdbx_struct_sheet_hbond.range_1_label_atom_id 
_pdbx_struct_sheet_hbond.range_1_label_comp_id 
_pdbx_struct_sheet_hbond.range_1_label_asym_id 
_pdbx_struct_sheet_hbond.range_1_label_seq_id 
_pdbx_struct_sheet_hbond.range_1_PDB_ins_code 
_pdbx_struct_sheet_hbond.range_1_auth_atom_id 
_pdbx_struct_sheet_hbond.range_1_auth_comp_id 
_pdbx_struct_sheet_hbond.range_1_auth_asym_id 
_pdbx_struct_sheet_hbond.range_1_auth_seq_id 
_pdbx_struct_sheet_hbond.range_2_label_atom_id 
_pdbx_struct_sheet_hbond.range_2_label_comp_id 
_pdbx_struct_sheet_hbond.range_2_label_asym_id 
_pdbx_struct_sheet_hbond.range_2_label_seq_id 
_pdbx_struct_sheet_hbond.range_2_PDB_ins_code 
_pdbx_struct_sheet_hbond.range_2_auth_atom_id 
_pdbx_struct_sheet_hbond.range_2_auth_comp_id 
_pdbx_struct_sheet_hbond.range_2_auth_asym_id 
_pdbx_struct_sheet_hbond.range_2_auth_seq_id 
AA1 1 2 N ARG A 4   ? N ARG A 43  O SER A 41  ? O SER A 80  
AA1 2 3 N VAL A 38  ? N VAL A 77  O VAL A 102 ? O VAL A 141 
AA2 1 2 N MET A 23  ? N MET A 62  O VAL A 156 ? O VAL A 195 
AA2 2 3 O PHE A 153 ? O PHE A 192 N TYR A 127 ? N TYR A 166 
AA2 3 4 O HIS A 132 ? O HIS A 171 N LEU A 52  ? N LEU A 91  
AA2 4 5 N TYR A 49  ? N TYR A 88  O ASN A 92  ? O ASN A 131 
AA3 1 2 O TYR A 85  ? O TYR A 124 N LEU A 53  ? N LEU A 92  
AA3 2 3 N LEU A 52  ? N LEU A 91  O HIS A 132 ? O HIS A 171 
AA3 3 4 N ILE A 131 ? N ILE A 170 O HIS A 146 ? O HIS A 185 
AA4 1 2 N ARG A 30  ? N ARG A 69  O LEU A 109 ? O LEU A 148 
AA4 2 3 N THR A 110 ? N THR A 149 O ILE A 119 ? O ILE A 158 
AA5 1 2 N VAL A 66  ? N VAL A 105 O GLU A 69  ? O GLU A 108 
# 
_struct_site.id                   AC1 
_struct_site.pdbx_evidence_code   Software 
_struct_site.pdbx_auth_asym_id    A 
_struct_site.pdbx_auth_comp_id    O0S 
_struct_site.pdbx_auth_seq_id     301 
_struct_site.pdbx_auth_ins_code   ? 
_struct_site.pdbx_num_residues    8 
_struct_site.details              'binding site for residue O0S A 301' 
# 
loop_
_struct_site_gen.id 
_struct_site_gen.site_id 
_struct_site_gen.pdbx_num_res 
_struct_site_gen.label_comp_id 
_struct_site_gen.label_asym_id 
_struct_site_gen.label_seq_id 
_struct_site_gen.pdbx_auth_ins_code 
_struct_site_gen.auth_comp_id 
_struct_site_gen.auth_asym_id 
_struct_site_gen.auth_seq_id 
_struct_site_gen.label_atom_id 
_struct_site_gen.label_alt_id 
_struct_site_gen.symmetry 
_struct_site_gen.details 
1 AC1 8 LEU A 52  ? LEU A 91  . ? 1_555 ? 
2 AC1 8 VAL A 84  ? VAL A 123 . ? 1_555 ? 
3 AC1 8 ARG A 130 ? ARG A 169 . ? 6_555 ? 
4 AC1 8 GLN A 140 ? GLN A 179 . ? 1_555 ? 
5 AC1 8 ARG A 141 ? ARG A 180 . ? 1_555 ? 
6 AC1 8 ILE A 143 ? ILE A 182 . ? 1_555 ? 
7 AC1 8 HIS A 146 ? HIS A 185 . ? 6_555 ? 
8 AC1 8 CYS A 147 ? CYS A 186 . ? 6_555 ? 
# 
_pdbx_validate_close_contact.id               1 
_pdbx_validate_close_contact.PDB_model_num    1 
_pdbx_validate_close_contact.auth_atom_id_1   NH1 
_pdbx_validate_close_contact.auth_asym_id_1   A 
_pdbx_validate_close_contact.auth_comp_id_1   ARG 
_pdbx_validate_close_contact.auth_seq_id_1    43 
_pdbx_validate_close_contact.PDB_ins_code_1   ? 
_pdbx_validate_close_contact.label_alt_id_1   ? 
_pdbx_validate_close_contact.auth_atom_id_2   O 
_pdbx_validate_close_contact.auth_asym_id_2   A 
_pdbx_validate_close_contact.auth_comp_id_2   HOH 
_pdbx_validate_close_contact.auth_seq_id_2    401 
_pdbx_validate_close_contact.PDB_ins_code_2   ? 
_pdbx_validate_close_contact.label_alt_id_2   ? 
_pdbx_validate_close_contact.dist             2.19 
# 
loop_
_pdbx_validate_torsion.id 
_pdbx_validate_torsion.PDB_model_num 
_pdbx_validate_torsion.auth_comp_id 
_pdbx_validate_torsion.auth_asym_id 
_pdbx_validate_torsion.auth_seq_id 
_pdbx_validate_torsion.PDB_ins_code 
_pdbx_validate_torsion.label_alt_id 
_pdbx_validate_torsion.phi 
_pdbx_validate_torsion.psi 
1 1 THR A 59  ? ? 77.94  113.58 
2 1 PHE A 143 ? ? -96.66 51.06  
3 1 PHE A 143 ? ? -97.17 51.06  
4 1 LEU A 152 ? ? -64.46 72.15  
# 
_pdbx_struct_special_symmetry.id              1 
_pdbx_struct_special_symmetry.PDB_model_num   1 
_pdbx_struct_special_symmetry.auth_asym_id    A 
_pdbx_struct_special_symmetry.auth_comp_id    HOH 
_pdbx_struct_special_symmetry.auth_seq_id     527 
_pdbx_struct_special_symmetry.PDB_ins_code    ? 
_pdbx_struct_special_symmetry.label_asym_id   C 
_pdbx_struct_special_symmetry.label_comp_id   HOH 
_pdbx_struct_special_symmetry.label_seq_id    . 
# 
_phasing.method   MR 
# 
_pdbx_entry_details.entry_id                 5QSD 
_pdbx_entry_details.has_ligand_of_interest   Y 
_pdbx_entry_details.compound_details         ? 
_pdbx_entry_details.source_details           ? 
_pdbx_entry_details.nonpolymer_details       ? 
_pdbx_entry_details.sequence_details         ? 
# 
_pdbx_unobs_or_zero_occ_residues.id               1 
_pdbx_unobs_or_zero_occ_residues.PDB_model_num    1 
_pdbx_unobs_or_zero_occ_residues.polymer_flag     Y 
_pdbx_unobs_or_zero_occ_residues.occupancy_flag   1 
_pdbx_unobs_or_zero_occ_residues.auth_asym_id     A 
_pdbx_unobs_or_zero_occ_residues.auth_comp_id     GLY 
_pdbx_unobs_or_zero_occ_residues.auth_seq_id      40 
_pdbx_unobs_or_zero_occ_residues.PDB_ins_code     ? 
_pdbx_unobs_or_zero_occ_residues.label_asym_id    A 
_pdbx_unobs_or_zero_occ_residues.label_comp_id    GLY 
_pdbx_unobs_or_zero_occ_residues.label_seq_id     1 
# 
loop_
_chem_comp_atom.comp_id 
_chem_comp_atom.atom_id 
_chem_comp_atom.type_symbol 
_chem_comp_atom.pdbx_aromatic_flag 
_chem_comp_atom.pdbx_stereo_config 
_chem_comp_atom.pdbx_ordinal 
ALA N    N N N 1   
ALA CA   C N S 2   
ALA C    C N N 3   
ALA O    O N N 4   
ALA CB   C N N 5   
ALA OXT  O N N 6   
ALA H    H N N 7   
ALA H2   H N N 8   
ALA HA   H N N 9   
ALA HB1  H N N 10  
ALA HB2  H N N 11  
ALA HB3  H N N 12  
ALA HXT  H N N 13  
ARG N    N N N 14  
ARG CA   C N S 15  
ARG C    C N N 16  
ARG O    O N N 17  
ARG CB   C N N 18  
ARG CG   C N N 19  
ARG CD   C N N 20  
ARG NE   N N N 21  
ARG CZ   C N N 22  
ARG NH1  N N N 23  
ARG NH2  N N N 24  
ARG OXT  O N N 25  
ARG H    H N N 26  
ARG H2   H N N 27  
ARG HA   H N N 28  
ARG HB2  H N N 29  
ARG HB3  H N N 30  
ARG HG2  H N N 31  
ARG HG3  H N N 32  
ARG HD2  H N N 33  
ARG HD3  H N N 34  
ARG HE   H N N 35  
ARG HH11 H N N 36  
ARG HH12 H N N 37  
ARG HH21 H N N 38  
ARG HH22 H N N 39  
ARG HXT  H N N 40  
ASN N    N N N 41  
ASN CA   C N S 42  
ASN C    C N N 43  
ASN O    O N N 44  
ASN CB   C N N 45  
ASN CG   C N N 46  
ASN OD1  O N N 47  
ASN ND2  N N N 48  
ASN OXT  O N N 49  
ASN H    H N N 50  
ASN H2   H N N 51  
ASN HA   H N N 52  
ASN HB2  H N N 53  
ASN HB3  H N N 54  
ASN HD21 H N N 55  
ASN HD22 H N N 56  
ASN HXT  H N N 57  
ASP N    N N N 58  
ASP CA   C N S 59  
ASP C    C N N 60  
ASP O    O N N 61  
ASP CB   C N N 62  
ASP CG   C N N 63  
ASP OD1  O N N 64  
ASP OD2  O N N 65  
ASP OXT  O N N 66  
ASP H    H N N 67  
ASP H2   H N N 68  
ASP HA   H N N 69  
ASP HB2  H N N 70  
ASP HB3  H N N 71  
ASP HD2  H N N 72  
ASP HXT  H N N 73  
CYS N    N N N 74  
CYS CA   C N R 75  
CYS C    C N N 76  
CYS O    O N N 77  
CYS CB   C N N 78  
CYS SG   S N N 79  
CYS OXT  O N N 80  
CYS H    H N N 81  
CYS H2   H N N 82  
CYS HA   H N N 83  
CYS HB2  H N N 84  
CYS HB3  H N N 85  
CYS HG   H N N 86  
CYS HXT  H N N 87  
GLN N    N N N 88  
GLN CA   C N S 89  
GLN C    C N N 90  
GLN O    O N N 91  
GLN CB   C N N 92  
GLN CG   C N N 93  
GLN CD   C N N 94  
GLN OE1  O N N 95  
GLN NE2  N N N 96  
GLN OXT  O N N 97  
GLN H    H N N 98  
GLN H2   H N N 99  
GLN HA   H N N 100 
GLN HB2  H N N 101 
GLN HB3  H N N 102 
GLN HG2  H N N 103 
GLN HG3  H N N 104 
GLN HE21 H N N 105 
GLN HE22 H N N 106 
GLN HXT  H N N 107 
GLU N    N N N 108 
GLU CA   C N S 109 
GLU C    C N N 110 
GLU O    O N N 111 
GLU CB   C N N 112 
GLU CG   C N N 113 
GLU CD   C N N 114 
GLU OE1  O N N 115 
GLU OE2  O N N 116 
GLU OXT  O N N 117 
GLU H    H N N 118 
GLU H2   H N N 119 
GLU HA   H N N 120 
GLU HB2  H N N 121 
GLU HB3  H N N 122 
GLU HG2  H N N 123 
GLU HG3  H N N 124 
GLU HE2  H N N 125 
GLU HXT  H N N 126 
GLY N    N N N 127 
GLY CA   C N N 128 
GLY C    C N N 129 
GLY O    O N N 130 
GLY OXT  O N N 131 
GLY H    H N N 132 
GLY H2   H N N 133 
GLY HA2  H N N 134 
GLY HA3  H N N 135 
GLY HXT  H N N 136 
HIS N    N N N 137 
HIS CA   C N S 138 
HIS C    C N N 139 
HIS O    O N N 140 
HIS CB   C N N 141 
HIS CG   C Y N 142 
HIS ND1  N Y N 143 
HIS CD2  C Y N 144 
HIS CE1  C Y N 145 
HIS NE2  N Y N 146 
HIS OXT  O N N 147 
HIS H    H N N 148 
HIS H2   H N N 149 
HIS HA   H N N 150 
HIS HB2  H N N 151 
HIS HB3  H N N 152 
HIS HD1  H N N 153 
HIS HD2  H N N 154 
HIS HE1  H N N 155 
HIS HE2  H N N 156 
HIS HXT  H N N 157 
HOH O    O N N 158 
HOH H1   H N N 159 
HOH H2   H N N 160 
ILE N    N N N 161 
ILE CA   C N S 162 
ILE C    C N N 163 
ILE O    O N N 164 
ILE CB   C N S 165 
ILE CG1  C N N 166 
ILE CG2  C N N 167 
ILE CD1  C N N 168 
ILE OXT  O N N 169 
ILE H    H N N 170 
ILE H2   H N N 171 
ILE HA   H N N 172 
ILE HB   H N N 173 
ILE HG12 H N N 174 
ILE HG13 H N N 175 
ILE HG21 H N N 176 
ILE HG22 H N N 177 
ILE HG23 H N N 178 
ILE HD11 H N N 179 
ILE HD12 H N N 180 
ILE HD13 H N N 181 
ILE HXT  H N N 182 
LEU N    N N N 183 
LEU CA   C N S 184 
LEU C    C N N 185 
LEU O    O N N 186 
LEU CB   C N N 187 
LEU CG   C N N 188 
LEU CD1  C N N 189 
LEU CD2  C N N 190 
LEU OXT  O N N 191 
LEU H    H N N 192 
LEU H2   H N N 193 
LEU HA   H N N 194 
LEU HB2  H N N 195 
LEU HB3  H N N 196 
LEU HG   H N N 197 
LEU HD11 H N N 198 
LEU HD12 H N N 199 
LEU HD13 H N N 200 
LEU HD21 H N N 201 
LEU HD22 H N N 202 
LEU HD23 H N N 203 
LEU HXT  H N N 204 
LYS N    N N N 205 
LYS CA   C N S 206 
LYS C    C N N 207 
LYS O    O N N 208 
LYS CB   C N N 209 
LYS CG   C N N 210 
LYS CD   C N N 211 
LYS CE   C N N 212 
LYS NZ   N N N 213 
LYS OXT  O N N 214 
LYS H    H N N 215 
LYS H2   H N N 216 
LYS HA   H N N 217 
LYS HB2  H N N 218 
LYS HB3  H N N 219 
LYS HG2  H N N 220 
LYS HG3  H N N 221 
LYS HD2  H N N 222 
LYS HD3  H N N 223 
LYS HE2  H N N 224 
LYS HE3  H N N 225 
LYS HZ1  H N N 226 
LYS HZ2  H N N 227 
LYS HZ3  H N N 228 
LYS HXT  H N N 229 
MET N    N N N 230 
MET CA   C N S 231 
MET C    C N N 232 
MET O    O N N 233 
MET CB   C N N 234 
MET CG   C N N 235 
MET SD   S N N 236 
MET CE   C N N 237 
MET OXT  O N N 238 
MET H    H N N 239 
MET H2   H N N 240 
MET HA   H N N 241 
MET HB2  H N N 242 
MET HB3  H N N 243 
MET HG2  H N N 244 
MET HG3  H N N 245 
MET HE1  H N N 246 
MET HE2  H N N 247 
MET HE3  H N N 248 
MET HXT  H N N 249 
O0S N1   N Y N 250 
O0S C4   C Y N 251 
O0S C5   C Y N 252 
O0S C6   C Y N 253 
O0S C7   C Y N 254 
O0S C8   C Y N 255 
O0S C10  C Y N 256 
O0S N    N N N 257 
O0S C    C N N 258 
O0S O    O N N 259 
O0S C1   C N N 260 
O0S C11  C Y N 261 
O0S C2   C Y N 262 
O0S C3   C Y N 263 
O0S C9   C Y N 264 
O0S N2   N Y N 265 
O0S O1   O N N 266 
O0S H1   H N N 267 
O0S H2   H N N 268 
O0S H3   H N N 269 
O0S H4   H N N 270 
O0S H5   H N N 271 
O0S H6   H N N 272 
O0S H7   H N N 273 
O0S H8   H N N 274 
O0S H9   H N N 275 
O0S H10  H N N 276 
O0S H11  H N N 277 
PHE N    N N N 278 
PHE CA   C N S 279 
PHE C    C N N 280 
PHE O    O N N 281 
PHE CB   C N N 282 
PHE CG   C Y N 283 
PHE CD1  C Y N 284 
PHE CD2  C Y N 285 
PHE CE1  C Y N 286 
PHE CE2  C Y N 287 
PHE CZ   C Y N 288 
PHE OXT  O N N 289 
PHE H    H N N 290 
PHE H2   H N N 291 
PHE HA   H N N 292 
PHE HB2  H N N 293 
PHE HB3  H N N 294 
PHE HD1  H N N 295 
PHE HD2  H N N 296 
PHE HE1  H N N 297 
PHE HE2  H N N 298 
PHE HZ   H N N 299 
PHE HXT  H N N 300 
PRO N    N N N 301 
PRO CA   C N S 302 
PRO C    C N N 303 
PRO O    O N N 304 
PRO CB   C N N 305 
PRO CG   C N N 306 
PRO CD   C N N 307 
PRO OXT  O N N 308 
PRO H    H N N 309 
PRO HA   H N N 310 
PRO HB2  H N N 311 
PRO HB3  H N N 312 
PRO HG2  H N N 313 
PRO HG3  H N N 314 
PRO HD2  H N N 315 
PRO HD3  H N N 316 
PRO HXT  H N N 317 
SER N    N N N 318 
SER CA   C N S 319 
SER C    C N N 320 
SER O    O N N 321 
SER CB   C N N 322 
SER OG   O N N 323 
SER OXT  O N N 324 
SER H    H N N 325 
SER H2   H N N 326 
SER HA   H N N 327 
SER HB2  H N N 328 
SER HB3  H N N 329 
SER HG   H N N 330 
SER HXT  H N N 331 
THR N    N N N 332 
THR CA   C N S 333 
THR C    C N N 334 
THR O    O N N 335 
THR CB   C N R 336 
THR OG1  O N N 337 
THR CG2  C N N 338 
THR OXT  O N N 339 
THR H    H N N 340 
THR H2   H N N 341 
THR HA   H N N 342 
THR HB   H N N 343 
THR HG1  H N N 344 
THR HG21 H N N 345 
THR HG22 H N N 346 
THR HG23 H N N 347 
THR HXT  H N N 348 
TRP N    N N N 349 
TRP CA   C N S 350 
TRP C    C N N 351 
TRP O    O N N 352 
TRP CB   C N N 353 
TRP CG   C Y N 354 
TRP CD1  C Y N 355 
TRP CD2  C Y N 356 
TRP NE1  N Y N 357 
TRP CE2  C Y N 358 
TRP CE3  C Y N 359 
TRP CZ2  C Y N 360 
TRP CZ3  C Y N 361 
TRP CH2  C Y N 362 
TRP OXT  O N N 363 
TRP H    H N N 364 
TRP H2   H N N 365 
TRP HA   H N N 366 
TRP HB2  H N N 367 
TRP HB3  H N N 368 
TRP HD1  H N N 369 
TRP HE1  H N N 370 
TRP HE3  H N N 371 
TRP HZ2  H N N 372 
TRP HZ3  H N N 373 
TRP HH2  H N N 374 
TRP HXT  H N N 375 
TYR N    N N N 376 
TYR CA   C N S 377 
TYR C    C N N 378 
TYR O    O N N 379 
TYR CB   C N N 380 
TYR CG   C Y N 381 
TYR CD1  C Y N 382 
TYR CD2  C Y N 383 
TYR CE1  C Y N 384 
TYR CE2  C Y N 385 
TYR CZ   C Y N 386 
TYR OH   O N N 387 
TYR OXT  O N N 388 
TYR H    H N N 389 
TYR H2   H N N 390 
TYR HA   H N N 391 
TYR HB2  H N N 392 
TYR HB3  H N N 393 
TYR HD1  H N N 394 
TYR HD2  H N N 395 
TYR HE1  H N N 396 
TYR HE2  H N N 397 
TYR HH   H N N 398 
TYR HXT  H N N 399 
VAL N    N N N 400 
VAL CA   C N S 401 
VAL C    C N N 402 
VAL O    O N N 403 
VAL CB   C N N 404 
VAL CG1  C N N 405 
VAL CG2  C N N 406 
VAL OXT  O N N 407 
VAL H    H N N 408 
VAL H2   H N N 409 
VAL HA   H N N 410 
VAL HB   H N N 411 
VAL HG11 H N N 412 
VAL HG12 H N N 413 
VAL HG13 H N N 414 
VAL HG21 H N N 415 
VAL HG22 H N N 416 
VAL HG23 H N N 417 
VAL HXT  H N N 418 
# 
loop_
_chem_comp_bond.comp_id 
_chem_comp_bond.atom_id_1 
_chem_comp_bond.atom_id_2 
_chem_comp_bond.value_order 
_chem_comp_bond.pdbx_aromatic_flag 
_chem_comp_bond.pdbx_stereo_config 
_chem_comp_bond.pdbx_ordinal 
ALA N   CA   sing N N 1   
ALA N   H    sing N N 2   
ALA N   H2   sing N N 3   
ALA CA  C    sing N N 4   
ALA CA  CB   sing N N 5   
ALA CA  HA   sing N N 6   
ALA C   O    doub N N 7   
ALA C   OXT  sing N N 8   
ALA CB  HB1  sing N N 9   
ALA CB  HB2  sing N N 10  
ALA CB  HB3  sing N N 11  
ALA OXT HXT  sing N N 12  
ARG N   CA   sing N N 13  
ARG N   H    sing N N 14  
ARG N   H2   sing N N 15  
ARG CA  C    sing N N 16  
ARG CA  CB   sing N N 17  
ARG CA  HA   sing N N 18  
ARG C   O    doub N N 19  
ARG C   OXT  sing N N 20  
ARG CB  CG   sing N N 21  
ARG CB  HB2  sing N N 22  
ARG CB  HB3  sing N N 23  
ARG CG  CD   sing N N 24  
ARG CG  HG2  sing N N 25  
ARG CG  HG3  sing N N 26  
ARG CD  NE   sing N N 27  
ARG CD  HD2  sing N N 28  
ARG CD  HD3  sing N N 29  
ARG NE  CZ   sing N N 30  
ARG NE  HE   sing N N 31  
ARG CZ  NH1  sing N N 32  
ARG CZ  NH2  doub N N 33  
ARG NH1 HH11 sing N N 34  
ARG NH1 HH12 sing N N 35  
ARG NH2 HH21 sing N N 36  
ARG NH2 HH22 sing N N 37  
ARG OXT HXT  sing N N 38  
ASN N   CA   sing N N 39  
ASN N   H    sing N N 40  
ASN N   H2   sing N N 41  
ASN CA  C    sing N N 42  
ASN CA  CB   sing N N 43  
ASN CA  HA   sing N N 44  
ASN C   O    doub N N 45  
ASN C   OXT  sing N N 46  
ASN CB  CG   sing N N 47  
ASN CB  HB2  sing N N 48  
ASN CB  HB3  sing N N 49  
ASN CG  OD1  doub N N 50  
ASN CG  ND2  sing N N 51  
ASN ND2 HD21 sing N N 52  
ASN ND2 HD22 sing N N 53  
ASN OXT HXT  sing N N 54  
ASP N   CA   sing N N 55  
ASP N   H    sing N N 56  
ASP N   H2   sing N N 57  
ASP CA  C    sing N N 58  
ASP CA  CB   sing N N 59  
ASP CA  HA   sing N N 60  
ASP C   O    doub N N 61  
ASP C   OXT  sing N N 62  
ASP CB  CG   sing N N 63  
ASP CB  HB2  sing N N 64  
ASP CB  HB3  sing N N 65  
ASP CG  OD1  doub N N 66  
ASP CG  OD2  sing N N 67  
ASP OD2 HD2  sing N N 68  
ASP OXT HXT  sing N N 69  
CYS N   CA   sing N N 70  
CYS N   H    sing N N 71  
CYS N   H2   sing N N 72  
CYS CA  C    sing N N 73  
CYS CA  CB   sing N N 74  
CYS CA  HA   sing N N 75  
CYS C   O    doub N N 76  
CYS C   OXT  sing N N 77  
CYS CB  SG   sing N N 78  
CYS CB  HB2  sing N N 79  
CYS CB  HB3  sing N N 80  
CYS SG  HG   sing N N 81  
CYS OXT HXT  sing N N 82  
GLN N   CA   sing N N 83  
GLN N   H    sing N N 84  
GLN N   H2   sing N N 85  
GLN CA  C    sing N N 86  
GLN CA  CB   sing N N 87  
GLN CA  HA   sing N N 88  
GLN C   O    doub N N 89  
GLN C   OXT  sing N N 90  
GLN CB  CG   sing N N 91  
GLN CB  HB2  sing N N 92  
GLN CB  HB3  sing N N 93  
GLN CG  CD   sing N N 94  
GLN CG  HG2  sing N N 95  
GLN CG  HG3  sing N N 96  
GLN CD  OE1  doub N N 97  
GLN CD  NE2  sing N N 98  
GLN NE2 HE21 sing N N 99  
GLN NE2 HE22 sing N N 100 
GLN OXT HXT  sing N N 101 
GLU N   CA   sing N N 102 
GLU N   H    sing N N 103 
GLU N   H2   sing N N 104 
GLU CA  C    sing N N 105 
GLU CA  CB   sing N N 106 
GLU CA  HA   sing N N 107 
GLU C   O    doub N N 108 
GLU C   OXT  sing N N 109 
GLU CB  CG   sing N N 110 
GLU CB  HB2  sing N N 111 
GLU CB  HB3  sing N N 112 
GLU CG  CD   sing N N 113 
GLU CG  HG2  sing N N 114 
GLU CG  HG3  sing N N 115 
GLU CD  OE1  doub N N 116 
GLU CD  OE2  sing N N 117 
GLU OE2 HE2  sing N N 118 
GLU OXT HXT  sing N N 119 
GLY N   CA   sing N N 120 
GLY N   H    sing N N 121 
GLY N   H2   sing N N 122 
GLY CA  C    sing N N 123 
GLY CA  HA2  sing N N 124 
GLY CA  HA3  sing N N 125 
GLY C   O    doub N N 126 
GLY C   OXT  sing N N 127 
GLY OXT HXT  sing N N 128 
HIS N   CA   sing N N 129 
HIS N   H    sing N N 130 
HIS N   H2   sing N N 131 
HIS CA  C    sing N N 132 
HIS CA  CB   sing N N 133 
HIS CA  HA   sing N N 134 
HIS C   O    doub N N 135 
HIS C   OXT  sing N N 136 
HIS CB  CG   sing N N 137 
HIS CB  HB2  sing N N 138 
HIS CB  HB3  sing N N 139 
HIS CG  ND1  sing Y N 140 
HIS CG  CD2  doub Y N 141 
HIS ND1 CE1  doub Y N 142 
HIS ND1 HD1  sing N N 143 
HIS CD2 NE2  sing Y N 144 
HIS CD2 HD2  sing N N 145 
HIS CE1 NE2  sing Y N 146 
HIS CE1 HE1  sing N N 147 
HIS NE2 HE2  sing N N 148 
HIS OXT HXT  sing N N 149 
HOH O   H1   sing N N 150 
HOH O   H2   sing N N 151 
ILE N   CA   sing N N 152 
ILE N   H    sing N N 153 
ILE N   H2   sing N N 154 
ILE CA  C    sing N N 155 
ILE CA  CB   sing N N 156 
ILE CA  HA   sing N N 157 
ILE C   O    doub N N 158 
ILE C   OXT  sing N N 159 
ILE CB  CG1  sing N N 160 
ILE CB  CG2  sing N N 161 
ILE CB  HB   sing N N 162 
ILE CG1 CD1  sing N N 163 
ILE CG1 HG12 sing N N 164 
ILE CG1 HG13 sing N N 165 
ILE CG2 HG21 sing N N 166 
ILE CG2 HG22 sing N N 167 
ILE CG2 HG23 sing N N 168 
ILE CD1 HD11 sing N N 169 
ILE CD1 HD12 sing N N 170 
ILE CD1 HD13 sing N N 171 
ILE OXT HXT  sing N N 172 
LEU N   CA   sing N N 173 
LEU N   H    sing N N 174 
LEU N   H2   sing N N 175 
LEU CA  C    sing N N 176 
LEU CA  CB   sing N N 177 
LEU CA  HA   sing N N 178 
LEU C   O    doub N N 179 
LEU C   OXT  sing N N 180 
LEU CB  CG   sing N N 181 
LEU CB  HB2  sing N N 182 
LEU CB  HB3  sing N N 183 
LEU CG  CD1  sing N N 184 
LEU CG  CD2  sing N N 185 
LEU CG  HG   sing N N 186 
LEU CD1 HD11 sing N N 187 
LEU CD1 HD12 sing N N 188 
LEU CD1 HD13 sing N N 189 
LEU CD2 HD21 sing N N 190 
LEU CD2 HD22 sing N N 191 
LEU CD2 HD23 sing N N 192 
LEU OXT HXT  sing N N 193 
LYS N   CA   sing N N 194 
LYS N   H    sing N N 195 
LYS N   H2   sing N N 196 
LYS CA  C    sing N N 197 
LYS CA  CB   sing N N 198 
LYS CA  HA   sing N N 199 
LYS C   O    doub N N 200 
LYS C   OXT  sing N N 201 
LYS CB  CG   sing N N 202 
LYS CB  HB2  sing N N 203 
LYS CB  HB3  sing N N 204 
LYS CG  CD   sing N N 205 
LYS CG  HG2  sing N N 206 
LYS CG  HG3  sing N N 207 
LYS CD  CE   sing N N 208 
LYS CD  HD2  sing N N 209 
LYS CD  HD3  sing N N 210 
LYS CE  NZ   sing N N 211 
LYS CE  HE2  sing N N 212 
LYS CE  HE3  sing N N 213 
LYS NZ  HZ1  sing N N 214 
LYS NZ  HZ2  sing N N 215 
LYS NZ  HZ3  sing N N 216 
LYS OXT HXT  sing N N 217 
MET N   CA   sing N N 218 
MET N   H    sing N N 219 
MET N   H2   sing N N 220 
MET CA  C    sing N N 221 
MET CA  CB   sing N N 222 
MET CA  HA   sing N N 223 
MET C   O    doub N N 224 
MET C   OXT  sing N N 225 
MET CB  CG   sing N N 226 
MET CB  HB2  sing N N 227 
MET CB  HB3  sing N N 228 
MET CG  SD   sing N N 229 
MET CG  HG2  sing N N 230 
MET CG  HG3  sing N N 231 
MET SD  CE   sing N N 232 
MET CE  HE1  sing N N 233 
MET CE  HE2  sing N N 234 
MET CE  HE3  sing N N 235 
MET OXT HXT  sing N N 236 
O0S N2  C9   doub Y N 237 
O0S N2  C6   sing Y N 238 
O0S O1  C6   sing N N 239 
O0S O1  C5   sing N N 240 
O0S C10 C5   doub Y N 241 
O0S C10 C11  sing Y N 242 
O0S C9  C8   sing Y N 243 
O0S C6  N1   doub Y N 244 
O0S C5  C4   sing Y N 245 
O0S C11 C2   doub Y N 246 
O0S C4  C3   doub Y N 247 
O0S C8  C7   doub Y N 248 
O0S N1  C7   sing Y N 249 
O0S C2  N    sing N N 250 
O0S C2  C3   sing Y N 251 
O0S N   C1   sing N N 252 
O0S C1  C    sing N N 253 
O0S C1  O    doub N N 254 
O0S C4  H1   sing N N 255 
O0S C7  H2   sing N N 256 
O0S C8  H3   sing N N 257 
O0S C10 H4   sing N N 258 
O0S N   H5   sing N N 259 
O0S C   H6   sing N N 260 
O0S C   H7   sing N N 261 
O0S C   H8   sing N N 262 
O0S C11 H9   sing N N 263 
O0S C3  H10  sing N N 264 
O0S C9  H11  sing N N 265 
PHE N   CA   sing N N 266 
PHE N   H    sing N N 267 
PHE N   H2   sing N N 268 
PHE CA  C    sing N N 269 
PHE CA  CB   sing N N 270 
PHE CA  HA   sing N N 271 
PHE C   O    doub N N 272 
PHE C   OXT  sing N N 273 
PHE CB  CG   sing N N 274 
PHE CB  HB2  sing N N 275 
PHE CB  HB3  sing N N 276 
PHE CG  CD1  doub Y N 277 
PHE CG  CD2  sing Y N 278 
PHE CD1 CE1  sing Y N 279 
PHE CD1 HD1  sing N N 280 
PHE CD2 CE2  doub Y N 281 
PHE CD2 HD2  sing N N 282 
PHE CE1 CZ   doub Y N 283 
PHE CE1 HE1  sing N N 284 
PHE CE2 CZ   sing Y N 285 
PHE CE2 HE2  sing N N 286 
PHE CZ  HZ   sing N N 287 
PHE OXT HXT  sing N N 288 
PRO N   CA   sing N N 289 
PRO N   CD   sing N N 290 
PRO N   H    sing N N 291 
PRO CA  C    sing N N 292 
PRO CA  CB   sing N N 293 
PRO CA  HA   sing N N 294 
PRO C   O    doub N N 295 
PRO C   OXT  sing N N 296 
PRO CB  CG   sing N N 297 
PRO CB  HB2  sing N N 298 
PRO CB  HB3  sing N N 299 
PRO CG  CD   sing N N 300 
PRO CG  HG2  sing N N 301 
PRO CG  HG3  sing N N 302 
PRO CD  HD2  sing N N 303 
PRO CD  HD3  sing N N 304 
PRO OXT HXT  sing N N 305 
SER N   CA   sing N N 306 
SER N   H    sing N N 307 
SER N   H2   sing N N 308 
SER CA  C    sing N N 309 
SER CA  CB   sing N N 310 
SER CA  HA   sing N N 311 
SER C   O    doub N N 312 
SER C   OXT  sing N N 313 
SER CB  OG   sing N N 314 
SER CB  HB2  sing N N 315 
SER CB  HB3  sing N N 316 
SER OG  HG   sing N N 317 
SER OXT HXT  sing N N 318 
THR N   CA   sing N N 319 
THR N   H    sing N N 320 
THR N   H2   sing N N 321 
THR CA  C    sing N N 322 
THR CA  CB   sing N N 323 
THR CA  HA   sing N N 324 
THR C   O    doub N N 325 
THR C   OXT  sing N N 326 
THR CB  OG1  sing N N 327 
THR CB  CG2  sing N N 328 
THR CB  HB   sing N N 329 
THR OG1 HG1  sing N N 330 
THR CG2 HG21 sing N N 331 
THR CG2 HG22 sing N N 332 
THR CG2 HG23 sing N N 333 
THR OXT HXT  sing N N 334 
TRP N   CA   sing N N 335 
TRP N   H    sing N N 336 
TRP N   H2   sing N N 337 
TRP CA  C    sing N N 338 
TRP CA  CB   sing N N 339 
TRP CA  HA   sing N N 340 
TRP C   O    doub N N 341 
TRP C   OXT  sing N N 342 
TRP CB  CG   sing N N 343 
TRP CB  HB2  sing N N 344 
TRP CB  HB3  sing N N 345 
TRP CG  CD1  doub Y N 346 
TRP CG  CD2  sing Y N 347 
TRP CD1 NE1  sing Y N 348 
TRP CD1 HD1  sing N N 349 
TRP CD2 CE2  doub Y N 350 
TRP CD2 CE3  sing Y N 351 
TRP NE1 CE2  sing Y N 352 
TRP NE1 HE1  sing N N 353 
TRP CE2 CZ2  sing Y N 354 
TRP CE3 CZ3  doub Y N 355 
TRP CE3 HE3  sing N N 356 
TRP CZ2 CH2  doub Y N 357 
TRP CZ2 HZ2  sing N N 358 
TRP CZ3 CH2  sing Y N 359 
TRP CZ3 HZ3  sing N N 360 
TRP CH2 HH2  sing N N 361 
TRP OXT HXT  sing N N 362 
TYR N   CA   sing N N 363 
TYR N   H    sing N N 364 
TYR N   H2   sing N N 365 
TYR CA  C    sing N N 366 
TYR CA  CB   sing N N 367 
TYR CA  HA   sing N N 368 
TYR C   O    doub N N 369 
TYR C   OXT  sing N N 370 
TYR CB  CG   sing N N 371 
TYR CB  HB2  sing N N 372 
TYR CB  HB3  sing N N 373 
TYR CG  CD1  doub Y N 374 
TYR CG  CD2  sing Y N 375 
TYR CD1 CE1  sing Y N 376 
TYR CD1 HD1  sing N N 377 
TYR CD2 CE2  doub Y N 378 
TYR CD2 HD2  sing N N 379 
TYR CE1 CZ   doub Y N 380 
TYR CE1 HE1  sing N N 381 
TYR CE2 CZ   sing Y N 382 
TYR CE2 HE2  sing N N 383 
TYR CZ  OH   sing N N 384 
TYR OH  HH   sing N N 385 
TYR OXT HXT  sing N N 386 
VAL N   CA   sing N N 387 
VAL N   H    sing N N 388 
VAL N   H2   sing N N 389 
VAL CA  C    sing N N 390 
VAL CA  CB   sing N N 391 
VAL CA  HA   sing N N 392 
VAL C   O    doub N N 393 
VAL C   OXT  sing N N 394 
VAL CB  CG1  sing N N 395 
VAL CB  CG2  sing N N 396 
VAL CB  HB   sing N N 397 
VAL CG1 HG11 sing N N 398 
VAL CG1 HG12 sing N N 399 
VAL CG1 HG13 sing N N 400 
VAL CG2 HG21 sing N N 401 
VAL CG2 HG22 sing N N 402 
VAL CG2 HG23 sing N N 403 
VAL OXT HXT  sing N N 404 
# 
_pdbx_deposit_group.group_id            G_1002081 
_pdbx_deposit_group.group_description   
;Human Brachyury G177D variant screened against the DSI-poised Fragment Library by X-ray Crystallography at the XChem facility of Diamond Light Source beamline I04-1
;
_pdbx_deposit_group.group_title         'PanDDA analysis group deposition' 
_pdbx_deposit_group.group_type          'changed state' 
# 
_pdbx_entity_instance_feature.ordinal        1 
_pdbx_entity_instance_feature.comp_id        O0S 
_pdbx_entity_instance_feature.asym_id        ? 
_pdbx_entity_instance_feature.seq_num        ? 
_pdbx_entity_instance_feature.auth_comp_id   O0S 
_pdbx_entity_instance_feature.auth_asym_id   ? 
_pdbx_entity_instance_feature.auth_seq_num   ? 
_pdbx_entity_instance_feature.feature_type   'SUBJECT OF INVESTIGATION' 
_pdbx_entity_instance_feature.details        ? 
# 
_atom_sites.entry_id                    5QSD 
_atom_sites.fract_transf_matrix[1][1]   -0.00350385 
_atom_sites.fract_transf_matrix[1][2]   -0.01083614 
_atom_sites.fract_transf_matrix[1][3]   0.00201604 
_atom_sites.fract_transf_matrix[2][1]   0.00102040 
_atom_sites.fract_transf_matrix[2][2]   -0.00453180 
_atom_sites.fract_transf_matrix[2][3]   0.01059216 
_atom_sites.fract_transf_matrix[3][1]   -0.00915116 
_atom_sites.fract_transf_matrix[3][2]   0.00339312 
_atom_sites.fract_transf_matrix[3][3]   0.00233330 
_atom_sites.fract_transf_vector[1]      -0.181099 
_atom_sites.fract_transf_vector[2]      -0.365763 
_atom_sites.fract_transf_vector[3]      -0.016401 
# 
loop_
_atom_type.symbol 
C 
N 
O 
S 
# 
loop_
_atom_site.group_PDB 
_atom_site.id 
_atom_site.type_symbol 
_atom_site.label_atom_id 
_atom_site.label_alt_id 
_atom_site.label_comp_id 
_atom_site.label_asym_id 
_atom_site.label_entity_id 
_atom_site.label_seq_id 
_atom_site.pdbx_PDB_ins_code 
_atom_site.Cartn_x 
_atom_site.Cartn_y 
_atom_site.Cartn_z 
_atom_site.occupancy 
_atom_site.B_iso_or_equiv 
_atom_site.pdbx_formal_charge 
_atom_site.auth_seq_id 
_atom_site.auth_comp_id 
_atom_site.auth_asym_id 
_atom_site.auth_atom_id 
_atom_site.pdbx_PDB_model_num 
ATOM   1    N N   . GLU A 1 2   ? -0.694  -8.918  23.084  1.00 46.57 ? 41  GLU A N   1 
ATOM   2    C CA  . GLU A 1 2   ? -1.590  -8.743  21.915  1.00 45.54 ? 41  GLU A CA  1 
ATOM   3    C C   . GLU A 1 2   ? -0.791  -8.197  20.715  1.00 39.96 ? 41  GLU A C   1 
ATOM   4    O O   . GLU A 1 2   ? -0.084  -7.159  20.872  1.00 36.33 ? 41  GLU A O   1 
ATOM   5    C CB  . GLU A 1 2   ? -2.732  -7.785  22.274  1.00 59.81 ? 41  GLU A CB  1 
ATOM   6    C CG  . GLU A 1 2   ? -3.987  -7.980  21.442  1.00 65.37 ? 41  GLU A CG  1 
ATOM   7    C CD  . GLU A 1 2   ? -4.882  -9.105  21.931  1.00 73.96 ? 41  GLU A CD  1 
ATOM   8    O OE1 . GLU A 1 2   ? -5.344  -9.905  21.088  1.00 75.27 ? 41  GLU A OE1 1 
ATOM   9    O OE2 . GLU A 1 2   ? -5.116  -9.178  23.160  1.00 82.84 ? 41  GLU A OE2 1 
ATOM   10   N N   . LEU A 1 3   ? -0.914  -8.835  19.548  1.00 31.86 ? 42  LEU A N   1 
ATOM   11   C CA  . LEU A 1 3   ? -0.296  -8.317  18.308  1.00 30.74 ? 42  LEU A CA  1 
ATOM   12   C C   . LEU A 1 3   ? -0.976  -6.978  17.974  1.00 30.15 ? 42  LEU A C   1 
ATOM   13   O O   . LEU A 1 3   ? -2.229  -6.914  17.860  1.00 28.49 ? 42  LEU A O   1 
ATOM   14   C CB  . LEU A 1 3   ? -0.439  -9.331  17.167  1.00 28.36 ? 42  LEU A CB  1 
ATOM   15   C CG  . LEU A 1 3   ? -0.063  -8.784  15.791  1.00 30.82 ? 42  LEU A CG  1 
ATOM   16   C CD1 . LEU A 1 3   ? 1.359   -8.255  15.771  1.00 30.87 ? 42  LEU A CD1 1 
ATOM   17   C CD2 . LEU A 1 3   ? -0.244  -9.841  14.728  1.00 31.12 ? 42  LEU A CD2 1 
ATOM   18   N N   . ARG A 1 4   ? -0.180  -5.932  17.830  1.00 29.67 ? 43  ARG A N   1 
ATOM   19   C CA  . ARG A 1 4   ? -0.668  -4.592  17.419  1.00 31.51 ? 43  ARG A CA  1 
ATOM   20   C C   . ARG A 1 4   ? 0.208   -4.131  16.259  1.00 27.68 ? 43  ARG A C   1 
ATOM   21   O O   . ARG A 1 4   ? 1.440   -4.231  16.370  1.00 29.11 ? 43  ARG A O   1 
ATOM   22   C CB  . ARG A 1 4   ? -0.623  -3.635  18.616  1.00 35.66 ? 43  ARG A CB  1 
ATOM   23   C CG  . ARG A 1 4   ? -1.821  -3.742  19.553  1.00 43.22 ? 43  ARG A CG  1 
ATOM   24   C CD  . ARG A 1 4   ? -1.508  -3.264  20.964  1.00 47.36 ? 43  ARG A CD  1 
ATOM   25   N NE  . ARG A 1 4   ? -1.058  -1.881  21.007  1.00 52.65 ? 43  ARG A NE  1 
ATOM   26   C CZ  . ARG A 1 4   ? -1.783  -0.831  21.410  1.00 60.52 ? 43  ARG A CZ  1 
ATOM   27   N NH1 . ARG A 1 4   ? -1.245  0.379   21.412  1.00 57.99 ? 43  ARG A NH1 1 
ATOM   28   N NH2 . ARG A 1 4   ? -3.037  -0.977  21.813  1.00 67.94 ? 43  ARG A NH2 1 
ATOM   29   N N   . VAL A 1 5   ? -0.420  -3.727  15.158  1.00 26.61 ? 44  VAL A N   1 
ATOM   30   C CA  . VAL A 1 5   ? 0.266   -3.150  13.977  1.00 25.66 ? 44  VAL A CA  1 
ATOM   31   C C   . VAL A 1 5   ? -0.345  -1.766  13.759  1.00 27.88 ? 44  VAL A C   1 
ATOM   32   O O   . VAL A 1 5   ? -1.491  -1.701  13.326  1.00 34.02 ? 44  VAL A O   1 
ATOM   33   C CB  . VAL A 1 5   ? 0.111   -4.047  12.741  1.00 25.86 ? 44  VAL A CB  1 
ATOM   34   C CG1 . VAL A 1 5   ? 0.873   -3.486  11.557  1.00 26.68 ? 44  VAL A CG1 1 
ATOM   35   C CG2 . VAL A 1 5   ? 0.541   -5.482  13.003  1.00 24.50 ? 44  VAL A CG2 1 
ATOM   36   N N   . GLY A 1 6   ? 0.424   -0.717  14.035  1.00 27.75 ? 45  GLY A N   1 
ATOM   37   C CA  . GLY A 1 6   ? -0.043  0.676   14.004  1.00 26.35 ? 45  GLY A CA  1 
ATOM   38   C C   . GLY A 1 6   ? 0.569   1.426   12.836  1.00 24.51 ? 45  GLY A C   1 
ATOM   39   O O   . GLY A 1 6   ? 1.758   1.283   12.568  1.00 23.76 ? 45  GLY A O   1 
ATOM   40   N N   . LEU A 1 7   ? -0.241  2.209   12.145  1.00 25.33 ? 46  LEU A N   1 
ATOM   41   C CA  . LEU A 1 7   ? 0.233   3.061   11.034  1.00 23.84 ? 46  LEU A CA  1 
ATOM   42   C C   . LEU A 1 7   ? 1.095   4.189   11.606  1.00 24.54 ? 46  LEU A C   1 
ATOM   43   O O   . LEU A 1 7   ? 0.619   4.903   12.504  1.00 23.59 ? 46  LEU A O   1 
ATOM   44   C CB  . LEU A 1 7   ? -0.974  3.626   10.300  1.00 23.34 ? 46  LEU A CB  1 
ATOM   45   C CG  . LEU A 1 7   ? -0.651  4.483   9.082   1.00 22.60 ? 46  LEU A CG  1 
ATOM   46   C CD1 . LEU A 1 7   ? 0.013   3.662   8.017   1.00 23.52 ? 46  LEU A CD1 1 
ATOM   47   C CD2 . LEU A 1 7   ? -1.941  5.109   8.568   1.00 22.27 ? 46  LEU A CD2 1 
ATOM   48   N N   . GLU A 1 8   ? 2.309   4.305   11.091  1.00 25.15 ? 47  GLU A N   1 
ATOM   49   C CA  . GLU A 1 8   ? 3.217   5.457   11.303  1.00 27.73 ? 47  GLU A CA  1 
ATOM   50   C C   . GLU A 1 8   ? 2.763   6.614   10.395  1.00 28.96 ? 47  GLU A C   1 
ATOM   51   O O   . GLU A 1 8   ? 2.254   6.334   9.281   1.00 27.93 ? 47  GLU A O   1 
ATOM   52   C CB  . GLU A 1 8   ? 4.646   5.054   10.964  1.00 30.26 ? 47  GLU A CB  1 
ATOM   53   C CG  . GLU A 1 8   ? 5.214   4.050   11.930  1.00 31.26 ? 47  GLU A CG  1 
ATOM   54   C CD  . GLU A 1 8   ? 5.820   4.654   13.189  1.00 35.22 ? 47  GLU A CD  1 
ATOM   55   O OE1 . GLU A 1 8   ? 5.791   3.961   14.243  1.00 31.61 ? 47  GLU A OE1 1 
ATOM   56   O OE2 . GLU A 1 8   ? 6.352   5.803   13.107  1.00 34.66 ? 47  GLU A OE2 1 
ATOM   57   N N   . GLU A 1 9   ? 2.915   7.855   10.869  1.00 27.64 ? 48  GLU A N   1 
ATOM   58   C CA  . GLU A 1 9   ? 2.647   9.087   10.087  1.00 28.29 ? 48  GLU A CA  1 
ATOM   59   C C   . GLU A 1 9   ? 1.176   9.102   9.654   1.00 26.03 ? 48  GLU A C   1 
ATOM   60   O O   . GLU A 1 9   ? 0.879   9.526   8.519   1.00 26.15 ? 48  GLU A O   1 
ATOM   61   C CB  . GLU A 1 9   ? 3.660   9.141   8.936   1.00 30.99 ? 48  GLU A CB  1 
ATOM   62   C CG  . GLU A 1 9   ? 5.083   9.240   9.442   1.00 33.73 ? 48  GLU A CG  1 
ATOM   63   C CD  . GLU A 1 9   ? 6.192   9.142   8.416   1.00 45.29 ? 48  GLU A CD  1 
ATOM   64   O OE1 . GLU A 1 9   ? 5.929   9.443   7.224   1.00 49.61 ? 48  GLU A OE1 1 
ATOM   65   O OE2 . GLU A 1 9   ? 7.325   8.750   8.813   1.00 51.98 ? 48  GLU A OE2 1 
ATOM   66   N N   . SER A 1 10  ? 0.264   8.654   10.517  1.00 25.84 ? 49  SER A N   1 
ATOM   67   C CA  . SER A 1 10  ? -1.186  8.595   10.213  1.00 28.08 ? 49  SER A CA  1 
ATOM   68   C C   . SER A 1 10  ? -1.705  9.999   9.884   1.00 30.69 ? 49  SER A C   1 
ATOM   69   O O   . SER A 1 10  ? -2.549  10.121  8.988   1.00 29.25 ? 49  SER A O   1 
ATOM   70   C CB  . SER A 1 10  ? -1.966  7.992   11.340  1.00 28.15 ? 49  SER A CB  1 
ATOM   71   O OG  . SER A 1 10  ? -1.578  8.619   12.537  1.00 30.04 ? 49  SER A OG  1 
ATOM   72   N N   . GLU A 1 11  ? -1.236  11.024  10.597  1.00 29.76 ? 50  GLU A N   1 
ATOM   73   C CA  . GLU A 1 11  ? -1.665  12.418  10.361  1.00 32.58 ? 50  GLU A CA  1 
ATOM   74   C C   . GLU A 1 11  ? -1.308  12.782  8.917   1.00 30.03 ? 50  GLU A C   1 
ATOM   75   O O   . GLU A 1 11  ? -2.135  13.397  8.258   1.00 31.89 ? 50  GLU A O   1 
ATOM   76   C CB  . GLU A 1 11  ? -0.995  13.329  11.388  1.00 38.52 ? 50  GLU A CB  1 
ATOM   77   C CG  . GLU A 1 11  ? -1.704  14.650  11.591  1.00 47.58 ? 50  GLU A CG  1 
ATOM   78   C CD  . GLU A 1 11  ? -1.097  15.493  12.707  1.00 52.57 ? 50  GLU A CD  1 
ATOM   79   O OE1 . GLU A 1 11  ? -0.815  14.925  13.793  1.00 52.30 ? 50  GLU A OE1 1 
ATOM   80   O OE2 . GLU A 1 11  ? -0.883  16.703  12.475  1.00 58.33 ? 50  GLU A OE2 1 
ATOM   81   N N   . LEU A 1 12  ? -0.108  12.417  8.463   1.00 29.24 ? 51  LEU A N   1 
ATOM   82   C CA  . LEU A 1 12  ? 0.375   12.743  7.093   1.00 28.41 ? 51  LEU A CA  1 
ATOM   83   C C   . LEU A 1 12  ? -0.505  12.040  6.050   1.00 28.97 ? 51  LEU A C   1 
ATOM   84   O O   . LEU A 1 12  ? -0.971  12.718  5.102   1.00 26.42 ? 51  LEU A O   1 
ATOM   85   C CB  . LEU A 1 12  ? 1.837   12.346  6.950   1.00 28.61 ? 51  LEU A CB  1 
ATOM   86   C CG  . LEU A 1 12  ? 2.381   12.389  5.524   1.00 30.56 ? 51  LEU A CG  1 
ATOM   87   C CD1 . LEU A 1 12  ? 2.249   13.788  4.931   1.00 30.83 ? 51  LEU A CD1 1 
ATOM   88   C CD2 . LEU A 1 12  ? 3.828   11.912  5.486   1.00 32.38 ? 51  LEU A CD2 1 
ATOM   89   N N   . TRP A 1 13  ? -0.777  10.743  6.233   1.00 24.99 ? 52  TRP A N   1 
ATOM   90   C CA  . TRP A 1 13  ? -1.680  9.992   5.332   1.00 25.19 ? 52  TRP A CA  1 
ATOM   91   C C   . TRP A 1 13  ? -3.056  10.673  5.280   1.00 26.54 ? 52  TRP A C   1 
ATOM   92   O O   . TRP A 1 13  ? -3.650  10.700  4.203   1.00 23.69 ? 52  TRP A O   1 
ATOM   93   C CB  . TRP A 1 13  ? -1.805  8.543   5.806   1.00 24.13 ? 52  TRP A CB  1 
ATOM   94   C CG  . TRP A 1 13  ? -0.662  7.680   5.385   1.00 23.14 ? 52  TRP A CG  1 
ATOM   95   C CD1 . TRP A 1 13  ? 0.366   7.214   6.152   1.00 24.25 ? 52  TRP A CD1 1 
ATOM   96   C CD2 . TRP A 1 13  ? -0.488  7.108   4.082   1.00 24.75 ? 52  TRP A CD2 1 
ATOM   97   N NE1 . TRP A 1 13  ? 1.200   6.431   5.406   1.00 24.36 ? 52  TRP A NE1 1 
ATOM   98   C CE2 . TRP A 1 13  ? 0.702   6.347   4.128   1.00 24.19 ? 52  TRP A CE2 1 
ATOM   99   C CE3 . TRP A 1 13  ? -1.196  7.219   2.872   1.00 22.24 ? 52  TRP A CE3 1 
ATOM   100  C CZ2 . TRP A 1 13  ? 1.185   5.668   3.016   1.00 23.59 ? 52  TRP A CZ2 1 
ATOM   101  C CZ3 . TRP A 1 13  ? -0.721  6.528   1.783   1.00 23.81 ? 52  TRP A CZ3 1 
ATOM   102  C CH2 . TRP A 1 13  ? 0.466   5.796   1.839   1.00 24.18 ? 52  TRP A CH2 1 
ATOM   103  N N   . LEU A 1 14  ? -3.578  11.143  6.420   1.00 29.02 ? 53  LEU A N   1 
ATOM   104  C CA  . LEU A 1 14  ? -4.940  11.740  6.496   1.00 31.30 ? 53  LEU A CA  1 
ATOM   105  C C   . LEU A 1 14  ? -5.006  13.061  5.702   1.00 28.09 ? 53  LEU A C   1 
ATOM   106  O O   . LEU A 1 14  ? -6.069  13.351  5.161   1.00 28.99 ? 53  LEU A O   1 
ATOM   107  C CB  . LEU A 1 14  ? -5.363  11.916  7.964   1.00 35.19 ? 53  LEU A CB  1 
ATOM   108  C CG  . LEU A 1 14  ? -6.024  10.696  8.628   1.00 37.59 ? 53  LEU A CG  1 
ATOM   109  C CD1 . LEU A 1 14  ? -7.021  9.985   7.702   1.00 37.04 ? 53  LEU A CD1 1 
ATOM   110  C CD2 . LEU A 1 14  ? -4.990  9.712   9.120   1.00 41.55 ? 53  LEU A CD2 1 
ATOM   111  N N   . ARG A 1 15  ? -3.929  13.835  5.635   1.00 29.03 ? 54  ARG A N   1 
ATOM   112  C CA  . ARG A 1 15  ? -3.857  15.057  4.795   1.00 31.40 ? 54  ARG A CA  1 
ATOM   113  C C   . ARG A 1 15  ? -4.096  14.681  3.333   1.00 32.29 ? 54  ARG A C   1 
ATOM   114  O O   . ARG A 1 15  ? -4.824  15.405  2.645   1.00 30.65 ? 54  ARG A O   1 
ATOM   115  C CB  . ARG A 1 15  ? -2.484  15.724  4.895   1.00 34.56 ? 54  ARG A CB  1 
ATOM   116  C CG  . ARG A 1 15  ? -2.183  16.350  6.246   1.00 38.81 ? 54  ARG A CG  1 
ATOM   117  C CD  . ARG A 1 15  ? -0.873  17.124  6.224   1.00 46.15 ? 54  ARG A CD  1 
ATOM   118  N NE  . ARG A 1 15  ? -0.317  17.285  7.567   1.00 50.34 ? 54  ARG A NE  1 
ATOM   119  C CZ  . ARG A 1 15  ? -0.820  18.082  8.503   1.00 53.68 ? 54  ARG A CZ  1 
ATOM   120  N NH1 . ARG A 1 15  ? -1.887  18.824  8.254   1.00 54.43 ? 54  ARG A NH1 1 
ATOM   121  N NH2 . ARG A 1 15  ? -0.253  18.134  9.696   1.00 56.98 ? 54  ARG A NH2 1 
ATOM   122  N N   . PHE A 1 16  ? -3.496  13.578  2.878   1.00 26.70 ? 55  PHE A N   1 
ATOM   123  C CA  . PHE A 1 16  ? -3.644  13.123  1.470   1.00 26.82 ? 55  PHE A CA  1 
ATOM   124  C C   . PHE A 1 16  ? -5.043  12.554  1.313   1.00 26.04 ? 55  PHE A C   1 
ATOM   125  O O   . PHE A 1 16  ? -5.733  12.881  0.305   1.00 25.65 ? 55  PHE A O   1 
ATOM   126  C CB  . PHE A 1 16  ? -2.557  12.119  1.089   1.00 25.16 ? 55  PHE A CB  1 
ATOM   127  C CG  . PHE A 1 16  ? -1.231  12.744  0.778   1.00 26.38 ? 55  PHE A CG  1 
ATOM   128  C CD1 . PHE A 1 16  ? -0.922  13.139  -0.513  1.00 29.04 ? 55  PHE A CD1 1 
ATOM   129  C CD2 . PHE A 1 16  ? -0.300  12.975  1.779   1.00 27.21 ? 55  PHE A CD2 1 
ATOM   130  C CE1 . PHE A 1 16  ? 0.313   13.702  -0.801  1.00 32.16 ? 55  PHE A CE1 1 
ATOM   131  C CE2 . PHE A 1 16  ? 0.925   13.570  1.496   1.00 27.63 ? 55  PHE A CE2 1 
ATOM   132  C CZ  . PHE A 1 16  ? 1.232   13.937  0.207   1.00 30.42 ? 55  PHE A CZ  1 
ATOM   133  N N   . LYS A 1 17  ? -5.469  11.754  2.301   1.00 24.20 ? 56  LYS A N   1 
ATOM   134  C CA  . LYS A 1 17  ? -6.777  11.069  2.221   1.00 27.27 ? 56  LYS A CA  1 
ATOM   135  C C   . LYS A 1 17  ? -7.897  12.119  2.147   1.00 27.07 ? 56  LYS A C   1 
ATOM   136  O O   . LYS A 1 17  ? -8.884  11.860  1.458   1.00 28.30 ? 56  LYS A O   1 
ATOM   137  C CB  . LYS A 1 17  ? -7.048  10.168  3.425   1.00 28.11 ? 56  LYS A CB  1 
ATOM   138  C CG  . LYS A 1 17  ? -8.422  9.517   3.344   1.00 34.15 ? 56  LYS A CG  1 
ATOM   139  C CD  . LYS A 1 17  ? -8.593  8.236   4.095   1.00 32.86 ? 56  LYS A CD  1 
ATOM   140  C CE  . LYS A 1 17  ? -9.953  7.641   3.808   1.00 32.27 ? 56  LYS A CE  1 
ATOM   141  N NZ  . LYS A 1 17  ? -10.181 6.413   4.595   1.00 34.74 ? 56  LYS A NZ  1 
ATOM   142  N N   . GLU A 1 18  ? -7.770  13.238  2.848   1.00 29.36 ? 57  GLU A N   1 
ATOM   143  C CA  . GLU A 1 18  ? -8.877  14.229  2.891   1.00 35.92 ? 57  GLU A CA  1 
ATOM   144  C C   . GLU A 1 18  ? -9.064  14.872  1.506   1.00 32.35 ? 57  GLU A C   1 
ATOM   145  O O   . GLU A 1 18  ? -10.205 15.247  1.213   1.00 30.13 ? 57  GLU A O   1 
ATOM   146  C CB  . GLU A 1 18  ? -8.696  15.187  4.063   1.00 41.76 ? 57  GLU A CB  1 
ATOM   147  C CG  . GLU A 1 18  ? -7.753  16.323  3.818   1.00 51.39 ? 57  GLU A CG  1 
ATOM   148  C CD  . GLU A 1 18  ? -7.925  17.384  4.895   1.00 63.01 ? 57  GLU A CD  1 
ATOM   149  O OE1 . GLU A 1 18  ? -9.087  17.800  5.113   1.00 70.07 ? 57  GLU A OE1 1 
ATOM   150  O OE2 . GLU A 1 18  ? -6.915  17.750  5.549   1.00 63.57 ? 57  GLU A OE2 1 
ATOM   151  N N   . LEU A 1 19  ? -8.036  14.900  0.657   1.00 27.52 ? 58  LEU A N   1 
ATOM   152  C CA  . LEU A 1 19  ? -8.094  15.403  -0.740  1.00 29.03 ? 58  LEU A CA  1 
ATOM   153  C C   . LEU A 1 19  ? -8.495  14.281  -1.704  1.00 30.23 ? 58  LEU A C   1 
ATOM   154  O O   . LEU A 1 19  ? -8.753  14.572  -2.868  1.00 27.02 ? 58  LEU A O   1 
ATOM   155  C CB  . LEU A 1 19  ? -6.702  15.885  -1.173  1.00 32.15 ? 58  LEU A CB  1 
ATOM   156  C CG  . LEU A 1 19  ? -5.998  16.943  -0.331  1.00 33.25 ? 58  LEU A CG  1 
ATOM   157  C CD1 . LEU A 1 19  ? -4.696  17.348  -1.015  1.00 35.65 ? 58  LEU A CD1 1 
ATOM   158  C CD2 . LEU A 1 19  ? -6.883  18.146  -0.083  1.00 37.32 ? 58  LEU A CD2 1 
ATOM   159  N N   . THR A 1 20  ? -8.484  13.040  -1.224  1.00 28.17 ? 59  THR A N   1 
ATOM   160  C CA  . THR A 1 20  ? -8.496  11.782  -1.995  1.00 25.17 ? 59  THR A CA  1 
ATOM   161  C C   . THR A 1 20  ? -7.088  11.569  -2.508  1.00 22.87 ? 59  THR A C   1 
ATOM   162  O O   . THR A 1 20  ? -6.602  12.362  -3.377  1.00 20.00 ? 59  THR A O   1 
ATOM   163  C CB  . THR A 1 20  ? -9.485  11.710  -3.160  1.00 27.28 ? 59  THR A CB  1 
ATOM   164  O OG1 . THR A 1 20  ? -10.746 11.963  -2.561  1.00 28.67 ? 59  THR A OG1 1 
ATOM   165  C CG2 . THR A 1 20  ? -9.443  10.363  -3.853  1.00 26.69 ? 59  THR A CG2 1 
ATOM   166  N N   . ASN A 1 21  ? -6.466  10.519  -1.993  1.00 22.68 ? 60  ASN A N   1 
ATOM   167  C CA  . ASN A 1 21  ? -5.034  10.251  -2.264  1.00 21.38 ? 60  ASN A CA  1 
ATOM   168  C C   . ASN A 1 21  ? -4.943  9.663   -3.665  1.00 22.54 ? 60  ASN A C   1 
ATOM   169  O O   . ASN A 1 21  ? -5.891  8.947   -4.077  1.00 23.14 ? 60  ASN A O   1 
ATOM   170  C CB  . ASN A 1 21  ? -4.416  9.361   -1.185  1.00 20.86 ? 60  ASN A CB  1 
ATOM   171  C CG  . ASN A 1 21  ? -2.915  9.487   -1.095  1.00 21.75 ? 60  ASN A CG  1 
ATOM   172  O OD1 . ASN A 1 21  ? -2.306  10.209  -1.880  1.00 23.31 ? 60  ASN A OD1 1 
ATOM   173  N ND2 . ASN A 1 21  ? -2.309  8.785   -0.137  1.00 24.13 ? 60  ASN A ND2 1 
ATOM   174  N N   . GLU A 1 22  ? -3.851  9.979   -4.359  1.00 22.27 ? 61  GLU A N   1 
ATOM   175  C CA  . GLU A 1 22  ? -3.505  9.456   -5.695  1.00 22.88 ? 61  GLU A CA  1 
ATOM   176  C C   . GLU A 1 22  ? -2.098  8.875   -5.627  1.00 23.52 ? 61  GLU A C   1 
ATOM   177  O O   . GLU A 1 22  ? -1.258  9.474   -4.926  1.00 24.59 ? 61  GLU A O   1 
ATOM   178  C CB  . GLU A 1 22  ? -3.565  10.561  -6.749  1.00 23.14 ? 61  GLU A CB  1 
ATOM   179  C CG  . GLU A 1 22  ? -4.904  11.259  -6.799  1.00 22.41 ? 61  GLU A CG  1 
ATOM   180  C CD  . GLU A 1 22  ? -4.978  12.344  -7.866  1.00 22.68 ? 61  GLU A CD  1 
ATOM   181  O OE1 . GLU A 1 22  ? -5.678  13.353  -7.643  1.00 24.03 ? 61  GLU A OE1 1 
ATOM   182  O OE2 . GLU A 1 22  ? -4.372  12.154  -8.930  1.00 24.09 ? 61  GLU A OE2 1 
ATOM   183  N N   . MET A 1 23  ? -1.851  7.770   -6.322  1.00 22.15 ? 62  MET A N   1 
ATOM   184  C CA  . MET A 1 23  ? -0.482  7.221   -6.476  1.00 23.27 ? 62  MET A CA  1 
ATOM   185  C C   . MET A 1 23  ? -0.256  7.003   -7.965  1.00 23.80 ? 62  MET A C   1 
ATOM   186  O O   . MET A 1 23  ? -1.105  6.357   -8.582  1.00 25.59 ? 62  MET A O   1 
ATOM   187  C CB  . MET A 1 23  ? -0.264  5.903   -5.724  1.00 23.16 ? 62  MET A CB  1 
ATOM   188  C CG  . MET A 1 23  ? -0.393  6.024   -4.244  1.00 24.96 ? 62  MET A CG  1 
ATOM   189  S SD  . MET A 1 23  ? 1.082   6.770   -3.476  1.00 24.98 ? 62  MET A SD  1 
ATOM   190  C CE  . MET A 1 23  ? 0.567   6.812   -1.761  1.00 24.80 ? 62  MET A CE  1 
ATOM   191  N N   . ILE A 1 24  ? 0.848   7.529   -8.490  1.00 23.80 ? 63  ILE A N   1 
ATOM   192  C CA  . ILE A 1 24  ? 1.270   7.325   -9.907  1.00 27.02 ? 63  ILE A CA  1 
ATOM   193  C C   . ILE A 1 24  ? 1.641   5.871   -10.158 1.00 26.29 ? 63  ILE A C   1 
ATOM   194  O O   . ILE A 1 24  ? 2.412   5.303   -9.365  1.00 30.20 ? 63  ILE A O   1 
ATOM   195  C CB  . ILE A 1 24  ? 2.470   8.200   -10.296 1.00 30.51 ? 63  ILE A CB  1 
ATOM   196  C CG1 . ILE A 1 24  ? 2.303   9.660   -9.886  1.00 31.21 ? 63  ILE A CG1 1 
ATOM   197  C CG2 . ILE A 1 24  ? 2.741   8.040   -11.793 1.00 29.99 ? 63  ILE A CG2 1 
ATOM   198  C CD1 . ILE A 1 24  ? 1.346   10.404  -10.742 1.00 32.42 ? 63  ILE A CD1 1 
ATOM   199  N N   . VAL A 1 25  ? 1.186   5.336   -11.292 1.00 26.76 ? 64  VAL A N   1 
ATOM   200  C CA  . VAL A 1 25  ? 1.595   4.025   -11.853 1.00 26.77 ? 64  VAL A CA  1 
ATOM   201  C C   . VAL A 1 25  ? 2.246   4.309   -13.199 1.00 31.05 ? 64  VAL A C   1 
ATOM   202  O O   . VAL A 1 25  ? 1.710   5.158   -13.954 1.00 30.27 ? 64  VAL A O   1 
ATOM   203  C CB  . VAL A 1 25  ? 0.431   3.028   -11.994 1.00 27.76 ? 64  VAL A CB  1 
ATOM   204  C CG1 . VAL A 1 25  ? -0.068  2.564   -10.634 1.00 27.22 ? 64  VAL A CG1 1 
ATOM   205  C CG2 . VAL A 1 25  ? -0.715  3.577   -12.841 1.00 28.03 ? 64  VAL A CG2 1 
ATOM   206  N N   . THR A 1 26  ? 3.361   3.633   -13.472 1.00 30.22 ? 65  THR A N   1 
ATOM   207  C CA  . THR A 1 26  ? 4.122   3.760   -14.735 1.00 33.85 ? 65  THR A CA  1 
ATOM   208  C C   . THR A 1 26  ? 4.544   2.385   -15.234 1.00 32.18 ? 65  THR A C   1 
ATOM   209  O O   . THR A 1 26  ? 4.480   1.396   -14.473 1.00 29.98 ? 65  THR A O   1 
ATOM   210  C CB  . THR A 1 26  ? 5.370   4.630   -14.551 1.00 34.68 ? 65  THR A CB  1 
ATOM   211  O OG1 . THR A 1 26  ? 6.235   3.930   -13.649 1.00 37.15 ? 65  THR A OG1 1 
ATOM   212  C CG2 . THR A 1 26  ? 5.042   6.001   -14.010 1.00 33.20 ? 65  THR A CG2 1 
ATOM   213  N N   . LYS A 1 27  ? 4.996   2.350   -16.483 1.00 34.67 ? 66  LYS A N   1 
ATOM   214  C CA  . LYS A 1 27  ? 5.523   1.141   -17.146 1.00 36.86 ? 66  LYS A CA  1 
ATOM   215  C C   . LYS A 1 27  ? 6.509   0.442   -16.207 1.00 34.48 ? 66  LYS A C   1 
ATOM   216  O O   . LYS A 1 27  ? 6.376   -0.795  -15.970 1.00 38.06 ? 66  LYS A O   1 
ATOM   217  C CB  . LYS A 1 27  ? 6.246   1.551   -18.436 1.00 39.05 ? 66  LYS A CB  1 
ATOM   218  C CG  . LYS A 1 27  ? 6.744   0.416   -19.313 1.00 47.50 ? 66  LYS A CG  1 
ATOM   219  C CD  . LYS A 1 27  ? 7.559   0.927   -20.485 1.00 50.26 ? 66  LYS A CD  1 
ATOM   220  C CE  . LYS A 1 27  ? 7.841   -0.127  -21.531 1.00 56.43 ? 66  LYS A CE  1 
ATOM   221  N NZ  . LYS A 1 27  ? 8.797   0.378   -22.549 1.00 59.03 ? 66  LYS A NZ  1 
ATOM   222  N N   . ASN A 1 28  ? 7.472   1.208   -15.716 1.00 33.42 ? 67  ASN A N   1 
ATOM   223  C CA  . ASN A 1 28  ? 8.664   0.659   -15.020 1.00 40.06 ? 67  ASN A CA  1 
ATOM   224  C C   . ASN A 1 28  ? 8.463   0.677   -13.500 1.00 39.49 ? 67  ASN A C   1 
ATOM   225  O O   . ASN A 1 28  ? 9.274   0.052   -12.798 1.00 43.28 ? 67  ASN A O   1 
ATOM   226  C CB  . ASN A 1 28  ? 9.914   1.393   -15.485 1.00 38.28 ? 67  ASN A CB  1 
ATOM   227  C CG  . ASN A 1 28  ? 10.199  1.088   -16.937 1.00 39.27 ? 67  ASN A CG  1 
ATOM   228  O OD1 . ASN A 1 28  ? 9.904   -0.011  -17.430 1.00 39.36 ? 67  ASN A OD1 1 
ATOM   229  N ND2 . ASN A 1 28  ? 10.743  2.073   -17.628 1.00 40.45 ? 67  ASN A ND2 1 
ATOM   230  N N   . GLY A 1 29  ? 7.400   1.327   -13.028 1.00 34.98 ? 68  GLY A N   1 
ATOM   231  C CA  . GLY A 1 29  ? 6.987   1.302   -11.617 1.00 32.31 ? 68  GLY A CA  1 
ATOM   232  C C   . GLY A 1 29  ? 7.474   2.531   -10.889 1.00 32.18 ? 68  GLY A C   1 
ATOM   233  O O   . GLY A 1 29  ? 8.583   3.025   -11.205 1.00 30.67 ? 68  GLY A O   1 
ATOM   234  N N   . ARG A 1 30  ? 6.671   3.006   -9.938  1.00 28.91 ? 69  ARG A N   1 
ATOM   235  C CA  . ARG A 1 30  ? 6.930   4.223   -9.152  1.00 30.65 ? 69  ARG A CA  1 
ATOM   236  C C   . ARG A 1 30  ? 6.764   3.886   -7.668  1.00 32.73 ? 69  ARG A C   1 
ATOM   237  O O   . ARG A 1 30  ? 5.738   3.265   -7.289  1.00 27.43 ? 69  ARG A O   1 
ATOM   238  C CB  . ARG A 1 30  ? 5.987   5.323   -9.635  1.00 34.43 ? 69  ARG A CB  1 
ATOM   239  C CG  . ARG A 1 30  ? 6.252   6.678   -9.013  1.00 41.68 ? 69  ARG A CG  1 
ATOM   240  C CD  . ARG A 1 30  ? 7.509   7.347   -9.554  1.00 45.61 ? 69  ARG A CD  1 
ATOM   241  N NE  . ARG A 1 30  ? 7.452   7.634   -10.990 1.00 45.89 ? 69  ARG A NE  1 
ATOM   242  C CZ  . ARG A 1 30  ? 6.867   8.708   -11.545 1.00 46.72 ? 69  ARG A CZ  1 
ATOM   243  N NH1 . ARG A 1 30  ? 6.895   8.860   -12.860 1.00 45.77 ? 69  ARG A NH1 1 
ATOM   244  N NH2 . ARG A 1 30  ? 6.248   9.615   -10.804 1.00 45.07 ? 69  ARG A NH2 1 
ATOM   245  N N   . ARG A 1 31  ? 7.756   4.273   -6.867  1.00 30.82 ? 70  ARG A N   1 
ATOM   246  C CA  . ARG A 1 31  ? 7.715   4.213   -5.386  1.00 30.78 ? 70  ARG A CA  1 
ATOM   247  C C   . ARG A 1 31  ? 6.556   5.076   -4.896  1.00 30.81 ? 70  ARG A C   1 
ATOM   248  O O   . ARG A 1 31  ? 6.142   5.999   -5.617  1.00 29.59 ? 70  ARG A O   1 
ATOM   249  C CB  . ARG A 1 31  ? 9.066   4.626   -4.799  1.00 32.83 ? 70  ARG A CB  1 
ATOM   250  C CG  . ARG A 1 31  ? 10.079  3.492   -4.840  1.00 35.98 ? 70  ARG A CG  1 
ATOM   251  C CD  . ARG A 1 31  ? 11.468  3.852   -4.320  1.00 42.06 ? 70  ARG A CD  1 
ATOM   252  N NE  . ARG A 1 31  ? 12.053  4.973   -5.039  1.00 48.49 ? 70  ARG A NE  1 
ATOM   253  C CZ  . ARG A 1 31  ? 12.660  4.898   -6.228  1.00 54.66 ? 70  ARG A CZ  1 
ATOM   254  N NH1 . ARG A 1 31  ? 12.770  3.743   -6.863  1.00 56.89 ? 70  ARG A NH1 1 
ATOM   255  N NH2 . ARG A 1 31  ? 13.151  5.994   -6.788  1.00 54.76 ? 70  ARG A NH2 1 
ATOM   256  N N   . MET A 1 32  ? 5.999   4.709   -3.747  1.00 27.72 ? 71  MET A N   1 
ATOM   257  C CA  . MET A 1 32  ? 4.862   5.420   -3.132  1.00 25.94 ? 71  MET A CA  1 
ATOM   258  C C   . MET A 1 32  ? 5.375   6.618   -2.344  1.00 26.95 ? 71  MET A C   1 
ATOM   259  O O   . MET A 1 32  ? 6.445   6.526   -1.727  1.00 24.03 ? 71  MET A O   1 
ATOM   260  C CB  . MET A 1 32  ? 4.112   4.476   -2.202  1.00 26.40 ? 71  MET A CB  1 
ATOM   261  C CG  . MET A 1 32  ? 3.489   3.316   -2.941  1.00 28.05 ? 71  MET A CG  1 
ATOM   262  S SD  . MET A 1 32  ? 2.806   2.135   -1.794  1.00 28.20 ? 71  MET A SD  1 
ATOM   263  C CE  . MET A 1 32  ? 1.529   3.155   -1.071  1.00 28.28 ? 71  MET A CE  1 
ATOM   264  N N   . PHE A 1 33  ? 4.619   7.700   -2.350  1.00 26.80 ? 72  PHE A N   1 
ATOM   265  C CA  . PHE A 1 33  ? 4.696   8.734   -1.300  1.00 28.12 ? 72  PHE A CA  1 
ATOM   266  C C   . PHE A 1 33  ? 3.284   9.095   -0.874  1.00 26.41 ? 72  PHE A C   1 
ATOM   267  O O   . PHE A 1 33  ? 2.441   9.347   -1.716  1.00 30.88 ? 72  PHE A O   1 
ATOM   268  C CB  . PHE A 1 33  ? 5.457   9.990   -1.737  1.00 27.58 ? 72  PHE A CB  1 
ATOM   269  C CG  . PHE A 1 33  ? 5.622   10.910  -0.559  1.00 29.70 ? 72  PHE A CG  1 
ATOM   270  C CD1 . PHE A 1 33  ? 6.697   10.761  0.304   1.00 31.11 ? 72  PHE A CD1 1 
ATOM   271  C CD2 . PHE A 1 33  ? 4.637   11.818  -0.233  1.00 30.10 ? 72  PHE A CD2 1 
ATOM   272  C CE1 . PHE A 1 33  ? 6.820   11.559  1.428   1.00 33.57 ? 72  PHE A CE1 1 
ATOM   273  C CE2 . PHE A 1 33  ? 4.746   12.597  0.908   1.00 33.17 ? 72  PHE A CE2 1 
ATOM   274  C CZ  . PHE A 1 33  ? 5.844   12.476  1.729   1.00 35.56 ? 72  PHE A CZ  1 
ATOM   275  N N   . PRO A 1 34  ? 2.965   9.153   0.433   1.00 25.49 ? 73  PRO A N   1 
ATOM   276  C CA  . PRO A 1 34  ? 3.857   8.687   1.488   1.00 26.81 ? 73  PRO A CA  1 
ATOM   277  C C   . PRO A 1 34  ? 4.174   7.195   1.331   1.00 26.04 ? 73  PRO A C   1 
ATOM   278  O O   . PRO A 1 34  ? 3.492   6.462   0.635   1.00 24.44 ? 73  PRO A O   1 
ATOM   279  C CB  . PRO A 1 34  ? 3.068   8.897   2.790   1.00 29.08 ? 73  PRO A CB  1 
ATOM   280  C CG  . PRO A 1 34  ? 1.966   9.883   2.430   1.00 27.67 ? 73  PRO A CG  1 
ATOM   281  C CD  . PRO A 1 34  ? 1.690   9.653   0.961   1.00 26.34 ? 73  PRO A CD  1 
ATOM   282  N N   . VAL A 1 35  ? 5.239   6.786   2.001   1.00 29.18 ? 74  VAL A N   1 
ATOM   283  C CA  . VAL A 1 35  ? 5.657   5.369   2.120   1.00 28.81 ? 74  VAL A CA  1 
ATOM   284  C C   . VAL A 1 35  ? 4.877   4.743   3.268   1.00 26.31 ? 74  VAL A C   1 
ATOM   285  O O   . VAL A 1 35  ? 4.811   5.343   4.352   1.00 24.95 ? 74  VAL A O   1 
ATOM   286  C CB  . VAL A 1 35  ? 7.174   5.311   2.361   1.00 34.41 ? 74  VAL A CB  1 
ATOM   287  C CG1 . VAL A 1 35  ? 7.636   3.898   2.719   1.00 35.22 ? 74  VAL A CG1 1 
ATOM   288  C CG2 . VAL A 1 35  ? 7.918   5.870   1.150   1.00 35.33 ? 74  VAL A CG2 1 
ATOM   289  N N   . LEU A 1 36  ? 4.403   3.523   3.062   1.00 27.70 ? 75  LEU A N   1 
ATOM   290  C CA  . LEU A 1 36  ? 3.689   2.758   4.100   1.00 24.27 ? 75  LEU A CA  1 
ATOM   291  C C   . LEU A 1 36  ? 4.711   2.269   5.127   1.00 26.68 ? 75  LEU A C   1 
ATOM   292  O O   . LEU A 1 36  ? 5.688   1.564   4.737   1.00 24.67 ? 75  LEU A O   1 
ATOM   293  C CB  . LEU A 1 36  ? 2.922   1.605   3.468   1.00 26.85 ? 75  LEU A CB  1 
ATOM   294  C CG  . LEU A 1 36  ? 2.168   0.770   4.493   1.00 28.96 ? 75  LEU A CG  1 
ATOM   295  C CD1 . LEU A 1 36  ? 1.037   1.576   5.128   1.00 32.23 ? 75  LEU A CD1 1 
ATOM   296  C CD2 . LEU A 1 36  ? 1.635   -0.519  3.886   1.00 31.74 ? 75  LEU A CD2 1 
ATOM   297  N N   . LYS A 1 37  ? 4.511   2.666   6.381   1.00 25.51 ? 76  LYS A N   1 
ATOM   298  C CA  . LYS A 1 37  ? 5.400   2.278   7.506   1.00 27.71 ? 76  LYS A CA  1 
ATOM   299  C C   . LYS A 1 37  ? 4.517   1.923   8.682   1.00 26.56 ? 76  LYS A C   1 
ATOM   300  O O   . LYS A 1 37  ? 3.481   2.616   8.890   1.00 25.02 ? 76  LYS A O   1 
ATOM   301  C CB  . LYS A 1 37  ? 6.351   3.394   7.948   1.00 32.74 ? 76  LYS A CB  1 
ATOM   302  C CG  . LYS A 1 37  ? 7.057   4.153   6.845   1.00 36.57 ? 76  LYS A CG  1 
ATOM   303  C CD  . LYS A 1 37  ? 7.985   5.228   7.400   1.00 42.69 ? 76  LYS A CD  1 
ATOM   304  C CE  . LYS A 1 37  ? 8.291   6.330   6.408   1.00 47.21 ? 76  LYS A CE  1 
ATOM   305  N NZ  . LYS A 1 37  ? 7.055   6.982   5.915   1.00 53.42 ? 76  LYS A NZ  1 
ATOM   306  N N   . VAL A 1 38  ? 4.892   0.884   9.426   1.00 24.29 ? 77  VAL A N   1 
ATOM   307  C CA  . VAL A 1 38  ? 4.057   0.417   10.555  1.00 24.00 ? 77  VAL A CA  1 
ATOM   308  C C   . VAL A 1 38  ? 4.963   0.109   11.744  1.00 24.16 ? 77  VAL A C   1 
ATOM   309  O O   . VAL A 1 38  ? 6.145   -0.200  11.563  1.00 24.92 ? 77  VAL A O   1 
ATOM   310  C CB  . VAL A 1 38  ? 3.153   -0.770  10.162  1.00 25.01 ? 77  VAL A CB  1 
ATOM   311  C CG1 . VAL A 1 38  ? 2.183   -0.392  9.050   1.00 24.41 ? 77  VAL A CG1 1 
ATOM   312  C CG2 . VAL A 1 38  ? 3.942   -2.005  9.762   1.00 24.87 ? 77  VAL A CG2 1 
ATOM   313  N N   . ASN A 1 39  ? 4.412   0.268   12.927  1.00 23.58 ? 78  ASN A N   1 
ATOM   314  C CA  . ASN A 1 39  ? 5.083   -0.183  14.164  1.00 27.11 ? 78  ASN A CA  1 
ATOM   315  C C   . ASN A 1 39  ? 4.344   -1.449  14.592  1.00 24.00 ? 78  ASN A C   1 
ATOM   316  O O   . ASN A 1 39  ? 3.095   -1.561  14.350  1.00 21.78 ? 78  ASN A O   1 
ATOM   317  C CB  . ASN A 1 39  ? 5.173   0.931   15.201  1.00 30.47 ? 78  ASN A CB  1 
ATOM   318  C CG  . ASN A 1 39  ? 3.825   1.532   15.493  1.00 34.32 ? 78  ASN A CG  1 
ATOM   319  O OD1 . ASN A 1 39  ? 2.969   0.854   16.055  1.00 32.88 ? 78  ASN A OD1 1 
ATOM   320  N ND2 . ASN A 1 39  ? 3.623   2.769   15.071  1.00 39.22 ? 78  ASN A ND2 1 
ATOM   321  N N   . VAL A 1 40  ? 5.099   -2.377  15.159  1.00 22.76 ? 79  VAL A N   1 
ATOM   322  C CA  . VAL A 1 40  ? 4.608   -3.731  15.533  1.00 23.60 ? 79  VAL A CA  1 
ATOM   323  C C   . VAL A 1 40  ? 4.971   -3.991  16.988  1.00 24.56 ? 79  VAL A C   1 
ATOM   324  O O   . VAL A 1 40  ? 6.107   -3.692  17.386  1.00 25.16 ? 79  VAL A O   1 
ATOM   325  C CB  . VAL A 1 40  ? 5.229   -4.800  14.630  1.00 24.32 ? 79  VAL A CB  1 
ATOM   326  C CG1 . VAL A 1 40  ? 4.614   -6.160  14.914  1.00 25.70 ? 79  VAL A CG1 1 
ATOM   327  C CG2 . VAL A 1 40  ? 5.109   -4.427  13.153  1.00 25.53 ? 79  VAL A CG2 1 
ATOM   328  N N   . SER A 1 41  ? 4.018   -4.514  17.749  1.00 23.68 ? 80  SER A N   1 
ATOM   329  C CA  . SER A 1 41  ? 4.265   -5.073  19.090  1.00 24.46 ? 80  SER A CA  1 
ATOM   330  C C   . SER A 1 41  ? 3.482   -6.380  19.230  1.00 21.73 ? 80  SER A C   1 
ATOM   331  O O   . SER A 1 41  ? 2.535   -6.604  18.467  1.00 22.51 ? 80  SER A O   1 
ATOM   332  C CB  . SER A 1 41  ? 3.894   -4.056  20.135  1.00 23.96 ? 80  SER A CB  1 
ATOM   333  O OG  . SER A 1 41  ? 2.500   -3.823  20.101  1.00 30.37 ? 80  SER A OG  1 
ATOM   334  N N   . GLY A 1 42  ? 3.890   -7.241  20.149  1.00 23.83 ? 81  GLY A N   1 
ATOM   335  C CA  . GLY A 1 42  ? 3.139   -8.471  20.486  1.00 23.15 ? 81  GLY A CA  1 
ATOM   336  C C   . GLY A 1 42  ? 3.466   -9.622  19.555  1.00 23.53 ? 81  GLY A C   1 
ATOM   337  O O   . GLY A 1 42  ? 2.750   -10.609 19.597  1.00 27.32 ? 81  GLY A O   1 
ATOM   338  N N   . LEU A 1 43  ? 4.512   -9.524  18.723  1.00 24.70 ? 82  LEU A N   1 
ATOM   339  C CA  . LEU A 1 43  ? 5.082   -10.739 18.077  1.00 23.44 ? 82  LEU A CA  1 
ATOM   340  C C   . LEU A 1 43  ? 5.892   -11.512 19.127  1.00 23.48 ? 82  LEU A C   1 
ATOM   341  O O   . LEU A 1 43  ? 6.335   -10.902 20.123  1.00 21.36 ? 82  LEU A O   1 
ATOM   342  C CB  . LEU A 1 43  ? 5.987   -10.374 16.896  1.00 24.42 ? 82  LEU A CB  1 
ATOM   343  C CG  . LEU A 1 43  ? 5.296   -9.761  15.691  1.00 25.63 ? 82  LEU A CG  1 
ATOM   344  C CD1 . LEU A 1 43  ? 6.310   -9.329  14.656  1.00 26.54 ? 82  LEU A CD1 1 
ATOM   345  C CD2 . LEU A 1 43  ? 4.286   -10.730 15.092  1.00 27.28 ? 82  LEU A CD2 1 
ATOM   346  N N   . ASP A 1 44  ? 6.138   -12.792 18.870  1.00 24.97 ? 83  ASP A N   1 
ATOM   347  C CA  . ASP A 1 44  ? 7.154   -13.564 19.628  1.00 27.05 ? 83  ASP A CA  1 
ATOM   348  C C   . ASP A 1 44  ? 8.513   -13.037 19.199  1.00 24.69 ? 83  ASP A C   1 
ATOM   349  O O   . ASP A 1 44  ? 8.842   -13.162 18.027  1.00 23.48 ? 83  ASP A O   1 
ATOM   350  C CB  . ASP A 1 44  ? 6.999   -15.056 19.366  1.00 29.44 ? 83  ASP A CB  1 
ATOM   351  C CG  . ASP A 1 44  ? 7.944   -15.897 20.198  1.00 32.51 ? 83  ASP A CG  1 
ATOM   352  O OD1 . ASP A 1 44  ? 8.910   -15.320 20.788  1.00 30.00 ? 83  ASP A OD1 1 
ATOM   353  O OD2 . ASP A 1 44  ? 7.712   -17.117 20.239  1.00 33.96 ? 83  ASP A OD2 1 
ATOM   354  N N   . PRO A 1 45  ? 9.288   -12.358 20.075  1.00 24.89 ? 84  PRO A N   1 
ATOM   355  C CA  . PRO A 1 45  ? 10.599  -11.831 19.687  1.00 25.36 ? 84  PRO A CA  1 
ATOM   356  C C   . PRO A 1 45  ? 11.572  -12.892 19.157  1.00 25.10 ? 84  PRO A C   1 
ATOM   357  O O   . PRO A 1 45  ? 12.404  -12.568 18.312  1.00 22.17 ? 84  PRO A O   1 
ATOM   358  C CB  . PRO A 1 45  ? 11.150  -11.186 20.973  1.00 26.69 ? 84  PRO A CB  1 
ATOM   359  C CG  . PRO A 1 45  ? 10.278  -11.724 22.089  1.00 29.20 ? 84  PRO A CG  1 
ATOM   360  C CD  . PRO A 1 45  ? 8.931   -11.991 21.452  1.00 26.74 ? 84  PRO A CD  1 
ATOM   361  N N   . ASN A 1 46  ? 11.403  -14.134 19.621  1.00 23.41 ? 85  ASN A N   1 
ATOM   362  C CA  . ASN A 1 46  ? 12.244  -15.309 19.284  1.00 25.73 ? 85  ASN A CA  1 
ATOM   363  C C   . ASN A 1 46  ? 11.822  -15.938 17.944  1.00 25.94 ? 85  ASN A C   1 
ATOM   364  O O   . ASN A 1 46  ? 12.646  -16.577 17.306  1.00 27.69 ? 85  ASN A O   1 
ATOM   365  C CB  . ASN A 1 46  ? 12.148  -16.351 20.398  1.00 28.86 ? 85  ASN A CB  1 
ATOM   366  C CG  . ASN A 1 46  ? 12.480  -15.794 21.761  1.00 33.28 ? 85  ASN A CG  1 
ATOM   367  O OD1 . ASN A 1 46  ? 13.352  -14.942 21.903  1.00 36.37 ? 85  ASN A OD1 1 
ATOM   368  N ND2 . ASN A 1 46  ? 11.746  -16.232 22.766  1.00 38.63 ? 85  ASN A ND2 1 
ATOM   369  N N   . ALA A 1 47  ? 10.595  -15.726 17.484  1.00 24.63 ? 86  ALA A N   1 
ATOM   370  C CA  . ALA A 1 47  ? 10.059  -16.445 16.307  1.00 23.57 ? 86  ALA A CA  1 
ATOM   371  C C   . ALA A 1 47  ? 10.499  -15.699 15.046  1.00 23.95 ? 86  ALA A C   1 
ATOM   372  O O   . ALA A 1 47  ? 10.998  -14.551 15.151  1.00 23.38 ? 86  ALA A O   1 
ATOM   373  C CB  . ALA A 1 47  ? 8.561   -16.614 16.421  1.00 24.20 ? 86  ALA A CB  1 
ATOM   374  N N   . MET A 1 48  ? 10.446  -16.370 13.907  1.00 23.30 ? 87  MET A N   1 
ATOM   375  C CA  . MET A 1 48  ? 10.775  -15.728 12.624  1.00 24.52 ? 87  MET A CA  1 
ATOM   376  C C   . MET A 1 48  ? 9.497   -15.540 11.820  1.00 22.39 ? 87  MET A C   1 
ATOM   377  O O   . MET A 1 48  ? 8.603   -16.407 11.872  1.00 23.87 ? 87  MET A O   1 
ATOM   378  C CB  . MET A 1 48  ? 11.794  -16.548 11.849  1.00 26.62 ? 87  MET A CB  1 
ATOM   379  C CG  . MET A 1 48  ? 13.125  -16.614 12.574  1.00 28.58 ? 87  MET A CG  1 
ATOM   380  S SD  . MET A 1 48  ? 14.369  -17.081 11.394  1.00 33.14 ? 87  MET A SD  1 
ATOM   381  C CE  . MET A 1 48  ? 14.544  -15.519 10.537  1.00 30.78 ? 87  MET A CE  1 
ATOM   382  N N   . TYR A 1 49  ? 9.441   -14.428 11.106  1.00 21.80 ? 88  TYR A N   1 
ATOM   383  C CA  . TYR A 1 49  ? 8.250   -13.979 10.361  1.00 22.31 ? 88  TYR A CA  1 
ATOM   384  C C   . TYR A 1 49  ? 8.711   -13.301 9.077   1.00 21.49 ? 88  TYR A C   1 
ATOM   385  O O   . TYR A 1 49  ? 9.795   -12.672 9.064   1.00 20.58 ? 88  TYR A O   1 
ATOM   386  C CB  . TYR A 1 49  ? 7.424   -12.962 11.153  1.00 21.26 ? 88  TYR A CB  1 
ATOM   387  C CG  . TYR A 1 49  ? 6.992   -13.352 12.536  1.00 22.92 ? 88  TYR A CG  1 
ATOM   388  C CD1 . TYR A 1 49  ? 5.744   -13.908 12.758  1.00 22.11 ? 88  TYR A CD1 1 
ATOM   389  C CD2 . TYR A 1 49  ? 7.807   -13.129 13.637  1.00 23.25 ? 88  TYR A CD2 1 
ATOM   390  C CE1 . TYR A 1 49  ? 5.322   -14.237 14.029  1.00 22.60 ? 88  TYR A CE1 1 
ATOM   391  C CE2 . TYR A 1 49  ? 7.391   -13.446 14.917  1.00 23.81 ? 88  TYR A CE2 1 
ATOM   392  C CZ  . TYR A 1 49  ? 6.148   -14.020 15.113  1.00 22.93 ? 88  TYR A CZ  1 
ATOM   393  O OH  . TYR A 1 49  ? 5.731   -14.311 16.369  1.00 24.13 ? 88  TYR A OH  1 
ATOM   394  N N   . SER A 1 50  ? 7.883   -13.410 8.041   1.00 22.19 ? 89  SER A N   1 
ATOM   395  C CA  . SER A 1 50  ? 7.930   -12.573 6.826   1.00 21.98 ? 89  SER A CA  1 
ATOM   396  C C   . SER A 1 50  ? 6.780   -11.564 6.831   1.00 22.96 ? 89  SER A C   1 
ATOM   397  O O   . SER A 1 50  ? 5.707   -11.896 7.348   1.00 24.49 ? 89  SER A O   1 
ATOM   398  C CB  . SER A 1 50  ? 7.902   -13.426 5.610   1.00 23.46 ? 89  SER A CB  1 
ATOM   399  O OG  . SER A 1 50  ? 9.046   -14.242 5.645   1.00 25.07 ? 89  SER A OG  1 
ATOM   400  N N   . PHE A 1 51  ? 7.040   -10.395 6.249   1.00 21.65 ? 90  PHE A N   1 
ATOM   401  C CA  . PHE A 1 51  ? 6.078   -9.290  6.082   1.00 23.31 ? 90  PHE A CA  1 
ATOM   402  C C   . PHE A 1 51  ? 5.794   -9.192  4.586   1.00 24.12 ? 90  PHE A C   1 
ATOM   403  O O   . PHE A 1 51  ? 6.742   -9.137  3.800   1.00 26.24 ? 90  PHE A O   1 
ATOM   404  C CB  . PHE A 1 51  ? 6.630   -8.000  6.685   1.00 23.01 ? 90  PHE A CB  1 
ATOM   405  C CG  . PHE A 1 51  ? 6.345   -7.799  8.152   1.00 23.29 ? 90  PHE A CG  1 
ATOM   406  C CD1 . PHE A 1 51  ? 5.658   -6.679  8.599   1.00 23.62 ? 90  PHE A CD1 1 
ATOM   407  C CD2 . PHE A 1 51  ? 6.715   -8.755  9.085   1.00 24.01 ? 90  PHE A CD2 1 
ATOM   408  C CE1 . PHE A 1 51  ? 5.417   -6.482  9.953   1.00 24.13 ? 90  PHE A CE1 1 
ATOM   409  C CE2 . PHE A 1 51  ? 6.483   -8.556  10.436  1.00 22.80 ? 90  PHE A CE2 1 
ATOM   410  C CZ  . PHE A 1 51  ? 5.813   -7.435  10.870  1.00 23.50 ? 90  PHE A CZ  1 
ATOM   411  N N   . LEU A 1 52  ? 4.510   -9.253  4.236   1.00 23.26 ? 91  LEU A N   1 
ATOM   412  C CA  . LEU A 1 52  ? 4.005   -9.175  2.853   1.00 26.42 ? 91  LEU A CA  1 
ATOM   413  C C   . LEU A 1 52  ? 3.103   -7.950  2.759   1.00 24.90 ? 91  LEU A C   1 
ATOM   414  O O   . LEU A 1 52  ? 2.480   -7.588  3.774   1.00 25.24 ? 91  LEU A O   1 
ATOM   415  C CB  . LEU A 1 52  ? 3.207   -10.443 2.546   1.00 29.31 ? 91  LEU A CB  1 
ATOM   416  C CG  . LEU A 1 52  ? 3.949   -11.670 2.024   1.00 35.52 ? 91  LEU A CG  1 
ATOM   417  C CD1 . LEU A 1 52  ? 5.305   -11.867 2.662   1.00 35.53 ? 91  LEU A CD1 1 
ATOM   418  C CD2 . LEU A 1 52  ? 3.062   -12.897 2.218   1.00 35.39 ? 91  LEU A CD2 1 
ATOM   419  N N   . LEU A 1 53  ? 3.053   -7.342  1.578   1.00 25.10 ? 92  LEU A N   1 
ATOM   420  C CA  . LEU A 1 53  ? 2.166   -6.208  1.272   1.00 23.43 ? 92  LEU A CA  1 
ATOM   421  C C   . LEU A 1 53  ? 1.390   -6.546  0.014   1.00 23.28 ? 92  LEU A C   1 
ATOM   422  O O   . LEU A 1 53  ? 2.025   -6.900  -0.988  1.00 21.35 ? 92  LEU A O   1 
ATOM   423  C CB  . LEU A 1 53  ? 3.012   -4.947  1.112   1.00 23.30 ? 92  LEU A CB  1 
ATOM   424  C CG  . LEU A 1 53  ? 2.319   -3.739  0.488   1.00 24.41 ? 92  LEU A CG  1 
ATOM   425  C CD1 . LEU A 1 53  ? 1.256   -3.154  1.399   1.00 23.77 ? 92  LEU A CD1 1 
ATOM   426  C CD2 . LEU A 1 53  ? 3.344   -2.674  0.146   1.00 25.58 ? 92  LEU A CD2 1 
ATOM   427  N N   . ASP A 1 54  ? 0.061   -6.374  0.059   1.00 24.02 ? 93  ASP A N   1 
ATOM   428  C CA  . ASP A 1 54  ? -0.754  -6.358  -1.171  1.00 23.62 ? 93  ASP A CA  1 
ATOM   429  C C   . ASP A 1 54  ? -1.761  -5.215  -1.091  1.00 22.20 ? 93  ASP A C   1 
ATOM   430  O O   . ASP A 1 54  ? -1.729  -4.429  -0.150  1.00 20.90 ? 93  ASP A O   1 
ATOM   431  C CB  . ASP A 1 54  ? -1.352  -7.735  -1.470  1.00 24.89 ? 93  ASP A CB  1 
ATOM   432  C CG  . ASP A 1 54  ? -2.423  -8.256  -0.524  1.00 26.92 ? 93  ASP A CG  1 
ATOM   433  O OD1 . ASP A 1 54  ? -2.699  -7.635  0.530   1.00 29.01 ? 93  ASP A OD1 1 
ATOM   434  O OD2 . ASP A 1 54  ? -2.974  -9.283  -0.861  1.00 32.03 ? 93  ASP A OD2 1 
ATOM   435  N N   . PHE A 1 55  ? -2.558  -5.086  -2.138  1.00 25.84 ? 94  PHE A N   1 
ATOM   436  C CA  . PHE A 1 55  ? -3.448  -3.928  -2.390  1.00 23.80 ? 94  PHE A CA  1 
ATOM   437  C C   . PHE A 1 55  ? -4.809  -4.519  -2.745  1.00 27.25 ? 94  PHE A C   1 
ATOM   438  O O   . PHE A 1 55  ? -4.920  -5.350  -3.665  1.00 30.41 ? 94  PHE A O   1 
ATOM   439  C CB  . PHE A 1 55  ? -2.825  -3.048  -3.476  1.00 25.46 ? 94  PHE A CB  1 
ATOM   440  C CG  . PHE A 1 55  ? -1.530  -2.375  -3.098  1.00 24.05 ? 94  PHE A CG  1 
ATOM   441  C CD1 . PHE A 1 55  ? -1.526  -1.115  -2.508  1.00 24.45 ? 94  PHE A CD1 1 
ATOM   442  C CD2 . PHE A 1 55  ? -0.310  -3.031  -3.251  1.00 22.76 ? 94  PHE A CD2 1 
ATOM   443  C CE1 . PHE A 1 55  ? -0.334  -0.510  -2.135  1.00 25.42 ? 94  PHE A CE1 1 
ATOM   444  C CE2 . PHE A 1 55  ? 0.878   -2.426  -2.876  1.00 23.80 ? 94  PHE A CE2 1 
ATOM   445  C CZ  . PHE A 1 55  ? 0.869   -1.167  -2.322  1.00 25.42 ? 94  PHE A CZ  1 
ATOM   446  N N   . VAL A 1 56  ? -5.817  -4.139  -1.990  1.00 27.36 ? 95  VAL A N   1 
ATOM   447  C CA  . VAL A 1 56  ? -7.186  -4.688  -2.133  1.00 28.12 ? 95  VAL A CA  1 
ATOM   448  C C   . VAL A 1 56  ? -8.024  -3.620  -2.836  1.00 28.07 ? 95  VAL A C   1 
ATOM   449  O O   . VAL A 1 56  ? -7.944  -2.449  -2.414  1.00 23.75 ? 95  VAL A O   1 
ATOM   450  C CB  . VAL A 1 56  ? -7.689  -5.060  -0.733  1.00 30.55 ? 95  VAL A CB  1 
ATOM   451  C CG1 . VAL A 1 56  ? -9.150  -5.450  -0.726  1.00 35.42 ? 95  VAL A CG1 1 
ATOM   452  C CG2 . VAL A 1 56  ? -6.828  -6.182  -0.145  1.00 29.61 ? 95  VAL A CG2 1 
ATOM   453  N N   . ALA A 1 57  ? -8.721  -4.023  -3.893  1.00 29.04 ? 96  ALA A N   1 
ATOM   454  C CA  . ALA A 1 57  ? -9.680  -3.205  -4.666  1.00 34.08 ? 96  ALA A CA  1 
ATOM   455  C C   . ALA A 1 57  ? -10.803 -2.802  -3.728  1.00 33.44 ? 96  ALA A C   1 
ATOM   456  O O   . ALA A 1 57  ? -11.350 -3.697  -3.120  1.00 31.95 ? 96  ALA A O   1 
ATOM   457  C CB  . ALA A 1 57  ? -10.208 -3.981  -5.853  1.00 33.14 ? 96  ALA A CB  1 
ATOM   458  N N   . ALA A 1 58  ? -11.082 -1.501  -3.587  1.00 36.78 ? 97  ALA A N   1 
ATOM   459  C CA  . ALA A 1 58  ? -11.989 -0.952  -2.554  1.00 36.76 ? 97  ALA A CA  1 
ATOM   460  C C   . ALA A 1 58  ? -13.439 -0.842  -3.072  1.00 39.09 ? 97  ALA A C   1 
ATOM   461  O O   . ALA A 1 58  ? -14.320 -0.688  -2.218  1.00 44.78 ? 97  ALA A O   1 
ATOM   462  C CB  . ALA A 1 58  ? -11.456 0.363   -2.039  1.00 37.44 ? 97  ALA A CB  1 
ATOM   463  N N   . ASP A 1 59  ? -13.705 -0.995  -4.379  1.00 39.12 ? 98  ASP A N   1 
ATOM   464  C CA  . ASP A 1 59  ? -15.022 -0.661  -4.992  1.00 38.18 ? 98  ASP A CA  1 
ATOM   465  C C   . ASP A 1 59  ? -15.345 -1.581  -6.167  1.00 38.07 ? 98  ASP A C   1 
ATOM   466  O O   . ASP A 1 59  ? -14.402 -2.078  -6.802  1.00 37.85 ? 98  ASP A O   1 
ATOM   467  C CB  . ASP A 1 59  ? -15.001 0.747   -5.594  1.00 39.11 ? 98  ASP A CB  1 
ATOM   468  C CG  . ASP A 1 59  ? -14.591 1.774   -4.577  1.00 35.71 ? 98  ASP A CG  1 
ATOM   469  O OD1 . ASP A 1 59  ? -13.631 2.474   -4.831  1.00 40.88 ? 98  ASP A OD1 1 
ATOM   470  O OD2 . ASP A 1 59  ? -15.210 1.799   -3.513  1.00 44.76 ? 98  ASP A OD2 1 
ATOM   471  N N   . ASN A 1 60  ? -16.630 -1.680  -6.523  1.00 35.74 ? 99  ASN A N   1 
ATOM   472  C CA  . ASN A 1 60  ? -17.087 -2.413  -7.734  1.00 39.91 ? 99  ASN A CA  1 
ATOM   473  C C   . ASN A 1 60  ? -17.266 -1.411  -8.893  1.00 39.89 ? 99  ASN A C   1 
ATOM   474  O O   . ASN A 1 60  ? -18.041 -1.693  -9.841  1.00 38.36 ? 99  ASN A O   1 
ATOM   475  C CB  . ASN A 1 60  ? -18.348 -3.242  -7.435  1.00 47.98 ? 99  ASN A CB  1 
ATOM   476  C CG  . ASN A 1 60  ? -19.632 -2.428  -7.403  1.00 54.21 ? 99  ASN A CG  1 
ATOM   477  O OD1 . ASN A 1 60  ? -19.605 -1.206  -7.229  1.00 56.93 ? 99  ASN A OD1 1 
ATOM   478  N ND2 . ASN A 1 60  ? -20.768 -3.094  -7.557  1.00 56.67 ? 99  ASN A ND2 1 
ATOM   479  N N   . HIS A 1 61  ? -16.560 -0.281  -8.869  1.00 36.75 ? 100 HIS A N   1 
ATOM   480  C CA  . HIS A 1 61  ? -16.567 0.697   -9.991  1.00 35.05 ? 100 HIS A CA  1 
ATOM   481  C C   . HIS A 1 61  ? -15.251 1.472   -10.014 1.00 31.40 ? 100 HIS A C   1 
ATOM   482  O O   . HIS A 1 61  ? -14.505 1.444   -9.020  1.00 30.27 ? 100 HIS A O   1 
ATOM   483  C CB  . HIS A 1 61  ? -17.753 1.659   -9.878  1.00 35.14 ? 100 HIS A CB  1 
ATOM   484  C CG  . HIS A 1 61  ? -17.680 2.488   -8.645  1.00 34.00 ? 100 HIS A CG  1 
ATOM   485  N ND1 . HIS A 1 61  ? -18.314 2.117   -7.466  1.00 32.66 ? 100 HIS A ND1 1 
ATOM   486  C CD2 . HIS A 1 61  ? -17.025 3.638   -8.383  1.00 32.00 ? 100 HIS A CD2 1 
ATOM   487  C CE1 . HIS A 1 61  ? -18.068 3.023   -6.557  1.00 28.63 ? 100 HIS A CE1 1 
ATOM   488  N NE2 . HIS A 1 61  ? -17.295 3.963   -7.083  1.00 33.70 ? 100 HIS A NE2 1 
ATOM   489  N N   . ARG A 1 62  ? -14.999 2.142   -11.118 1.00 28.97 ? 101 ARG A N   1 
ATOM   490  C CA  . ARG A 1 62  ? -13.808 2.991   -11.258 1.00 32.20 ? 101 ARG A CA  1 
ATOM   491  C C   . ARG A 1 62  ? -14.227 4.433   -10.999 1.00 28.38 ? 101 ARG A C   1 
ATOM   492  O O   . ARG A 1 62  ? -15.429 4.722   -10.798 1.00 25.43 ? 101 ARG A O   1 
ATOM   493  C CB  . ARG A 1 62  ? -13.111 2.748   -12.596 1.00 37.02 ? 101 ARG A CB  1 
ATOM   494  C CG  . ARG A 1 62  ? -13.898 3.184   -13.816 1.00 44.96 ? 101 ARG A CG  1 
ATOM   495  C CD  . ARG A 1 62  ? -13.074 2.968   -15.070 1.00 50.53 ? 101 ARG A CD  1 
ATOM   496  N NE  . ARG A 1 62  ? -13.942 2.812   -16.223 1.00 58.60 ? 101 ARG A NE  1 
ATOM   497  C CZ  . ARG A 1 62  ? -13.525 2.634   -17.469 1.00 67.86 ? 101 ARG A CZ  1 
ATOM   498  N NH1 . ARG A 1 62  ? -14.407 2.495   -18.444 1.00 73.81 ? 101 ARG A NH1 1 
ATOM   499  N NH2 . ARG A 1 62  ? -12.232 2.584   -17.737 1.00 70.97 ? 101 ARG A NH2 1 
ATOM   500  N N   . TRP A 1 63  ? -13.233 5.297   -10.987 1.00 23.38 ? 102 TRP A N   1 
ATOM   501  C CA  . TRP A 1 63  ? -13.391 6.688   -10.530 1.00 25.36 ? 102 TRP A CA  1 
ATOM   502  C C   . TRP A 1 63  ? -12.946 7.579   -11.685 1.00 25.19 ? 102 TRP A C   1 
ATOM   503  O O   . TRP A 1 63  ? -12.170 7.137   -12.566 1.00 25.52 ? 102 TRP A O   1 
ATOM   504  C CB  . TRP A 1 63  ? -12.598 6.958   -9.242  1.00 23.60 ? 102 TRP A CB  1 
ATOM   505  C CG  . TRP A 1 63  ? -13.126 6.253   -8.033  1.00 26.18 ? 102 TRP A CG  1 
ATOM   506  C CD1 . TRP A 1 63  ? -12.751 5.027   -7.567  1.00 24.84 ? 102 TRP A CD1 1 
ATOM   507  C CD2 . TRP A 1 63  ? -14.122 6.740   -7.119  1.00 27.69 ? 102 TRP A CD2 1 
ATOM   508  N NE1 . TRP A 1 63  ? -13.470 4.712   -6.447  1.00 26.46 ? 102 TRP A NE1 1 
ATOM   509  C CE2 . TRP A 1 63  ? -14.290 5.750   -6.125  1.00 27.58 ? 102 TRP A CE2 1 
ATOM   510  C CE3 . TRP A 1 63  ? -14.892 7.906   -7.045  1.00 29.56 ? 102 TRP A CE3 1 
ATOM   511  C CZ2 . TRP A 1 63  ? -15.208 5.883   -5.081  1.00 29.81 ? 102 TRP A CZ2 1 
ATOM   512  C CZ3 . TRP A 1 63  ? -15.784 8.047   -6.002  1.00 33.03 ? 102 TRP A CZ3 1 
ATOM   513  C CH2 . TRP A 1 63  ? -15.954 7.038   -5.044  1.00 28.60 ? 102 TRP A CH2 1 
ATOM   514  N N   A LYS A 1 64  ? -13.450 8.811   -11.700 0.25 25.78 ? 103 LYS A N   1 
ATOM   515  N N   B LYS A 1 64  ? -13.434 8.813   -11.704 0.25 25.41 ? 103 LYS A N   1 
ATOM   516  C CA  A LYS A 1 64  ? -12.993 9.876   -12.626 0.25 26.29 ? 103 LYS A CA  1 
ATOM   517  C CA  B LYS A 1 64  ? -12.901 9.860   -12.607 0.25 25.71 ? 103 LYS A CA  1 
ATOM   518  C C   A LYS A 1 64  ? -13.028 11.205  -11.873 0.25 24.80 ? 103 LYS A C   1 
ATOM   519  C C   B LYS A 1 64  ? -13.028 11.201  -11.894 0.25 24.51 ? 103 LYS A C   1 
ATOM   520  O O   A LYS A 1 64  ? -13.850 11.334  -10.956 0.25 23.67 ? 103 LYS A O   1 
ATOM   521  O O   B LYS A 1 64  ? -13.898 11.330  -11.022 0.25 23.37 ? 103 LYS A O   1 
ATOM   522  C CB  A LYS A 1 64  ? -13.816 9.901   -13.920 0.25 28.44 ? 103 LYS A CB  1 
ATOM   523  C CB  B LYS A 1 64  ? -13.563 9.811   -13.990 0.25 27.47 ? 103 LYS A CB  1 
ATOM   524  C CG  A LYS A 1 64  ? -15.327 10.002  -13.774 0.25 31.03 ? 103 LYS A CG  1 
ATOM   525  C CG  B LYS A 1 64  ? -15.005 10.277  -14.081 0.25 28.73 ? 103 LYS A CG  1 
ATOM   526  C CD  A LYS A 1 64  ? -16.011 10.214  -15.117 0.25 33.51 ? 103 LYS A CD  1 
ATOM   527  C CD  B LYS A 1 64  ? -15.450 10.499  -15.521 0.25 30.04 ? 103 LYS A CD  1 
ATOM   528  C CE  A LYS A 1 64  ? -17.387 9.593   -15.255 0.25 35.58 ? 103 LYS A CE  1 
ATOM   529  C CE  B LYS A 1 64  ? -16.956 10.525  -15.689 0.25 30.94 ? 103 LYS A CE  1 
ATOM   530  N NZ  A LYS A 1 64  ? -18.282 9.941   -14.124 0.25 38.08 ? 103 LYS A NZ  1 
ATOM   531  N NZ  B LYS A 1 64  ? -17.370 10.157  -17.066 0.25 29.54 ? 103 LYS A NZ  1 
ATOM   532  N N   . TYR A 1 65  ? -12.127 12.117  -12.240 1.00 23.89 ? 104 TYR A N   1 
ATOM   533  C CA  . TYR A 1 65  ? -11.997 13.449  -11.625 1.00 25.68 ? 104 TYR A CA  1 
ATOM   534  C C   . TYR A 1 65  ? -12.712 14.427  -12.550 1.00 22.40 ? 104 TYR A C   1 
ATOM   535  O O   . TYR A 1 65  ? -12.251 14.610  -13.653 1.00 25.65 ? 104 TYR A O   1 
ATOM   536  C CB  . TYR A 1 65  ? -10.523 13.791  -11.466 1.00 25.71 ? 104 TYR A CB  1 
ATOM   537  C CG  . TYR A 1 65  ? -10.272 14.901  -10.487 1.00 27.09 ? 104 TYR A CG  1 
ATOM   538  C CD1 . TYR A 1 65  ? -10.523 14.723  -9.144  1.00 26.36 ? 104 TYR A CD1 1 
ATOM   539  C CD2 . TYR A 1 65  ? -9.743  16.120  -10.900 1.00 28.29 ? 104 TYR A CD2 1 
ATOM   540  C CE1 . TYR A 1 65  ? -10.291 15.740  -8.232  1.00 27.74 ? 104 TYR A CE1 1 
ATOM   541  C CE2 . TYR A 1 65  ? -9.441  17.116  -9.990  1.00 26.83 ? 104 TYR A CE2 1 
ATOM   542  C CZ  . TYR A 1 65  ? -9.736  16.937  -8.656  1.00 28.57 ? 104 TYR A CZ  1 
ATOM   543  O OH  . TYR A 1 65  ? -9.498  17.921  -7.740  1.00 27.54 ? 104 TYR A OH  1 
ATOM   544  N N   . VAL A 1 66  ? -13.841 14.951  -12.103 1.00 26.12 ? 105 VAL A N   1 
ATOM   545  C CA  . VAL A 1 66  ? -14.762 15.790  -12.921 1.00 26.34 ? 105 VAL A CA  1 
ATOM   546  C C   . VAL A 1 66  ? -15.023 17.033  -12.097 1.00 24.33 ? 105 VAL A C   1 
ATOM   547  O O   . VAL A 1 66  ? -15.453 16.876  -10.961 1.00 25.74 ? 105 VAL A O   1 
ATOM   548  C CB  . VAL A 1 66  ? -16.062 15.044  -13.283 1.00 27.37 ? 105 VAL A CB  1 
ATOM   549  C CG1 . VAL A 1 66  ? -17.072 15.940  -13.999 1.00 29.85 ? 105 VAL A CG1 1 
ATOM   550  C CG2 . VAL A 1 66  ? -15.764 13.836  -14.152 1.00 29.71 ? 105 VAL A CG2 1 
ATOM   551  N N   . ASN A 1 67  ? -14.733 18.207  -12.638 1.00 25.76 ? 106 ASN A N   1 
ATOM   552  C CA  . ASN A 1 67  ? -15.084 19.489  -11.983 1.00 25.57 ? 106 ASN A CA  1 
ATOM   553  C C   . ASN A 1 67  ? -14.489 19.495  -10.577 1.00 26.92 ? 106 ASN A C   1 
ATOM   554  O O   . ASN A 1 67  ? -15.148 19.978  -9.649  1.00 24.71 ? 106 ASN A O   1 
ATOM   555  C CB  . ASN A 1 67  ? -16.595 19.715  -12.012 1.00 26.98 ? 106 ASN A CB  1 
ATOM   556  C CG  . ASN A 1 67  ? -17.114 19.830  -13.426 1.00 27.89 ? 106 ASN A CG  1 
ATOM   557  O OD1 . ASN A 1 67  ? -16.346 20.150  -14.329 1.00 29.89 ? 106 ASN A OD1 1 
ATOM   558  N ND2 . ASN A 1 67  ? -18.390 19.542  -13.630 1.00 25.31 ? 106 ASN A ND2 1 
ATOM   559  N N   . GLY A 1 68  ? -13.254 19.001  -10.438 1.00 27.03 ? 107 GLY A N   1 
ATOM   560  C CA  . GLY A 1 68  ? -12.517 19.067  -9.168  1.00 27.92 ? 107 GLY A CA  1 
ATOM   561  C C   . GLY A 1 68  ? -13.053 18.103  -8.137  1.00 28.40 ? 107 GLY A C   1 
ATOM   562  O O   . GLY A 1 68  ? -12.710 18.264  -6.962  1.00 28.53 ? 107 GLY A O   1 
ATOM   563  N N   . GLU A 1 69  ? -13.837 17.110  -8.560  1.00 29.76 ? 108 GLU A N   1 
ATOM   564  C CA  . GLU A 1 69  ? -14.436 16.080  -7.663  1.00 33.62 ? 108 GLU A CA  1 
ATOM   565  C C   . GLU A 1 69  ? -14.145 14.683  -8.213  1.00 29.64 ? 108 GLU A C   1 
ATOM   566  O O   . GLU A 1 69  ? -14.304 14.467  -9.426  1.00 29.05 ? 108 GLU A O   1 
ATOM   567  C CB  . GLU A 1 69  ? -15.968 16.166  -7.602  1.00 37.54 ? 108 GLU A CB  1 
ATOM   568  C CG  . GLU A 1 69  ? -16.527 17.430  -6.997  1.00 51.17 ? 108 GLU A CG  1 
ATOM   569  C CD  . GLU A 1 69  ? -15.619 18.048  -5.959  1.00 60.46 ? 108 GLU A CD  1 
ATOM   570  O OE1 . GLU A 1 69  ? -15.240 17.330  -4.998  1.00 68.42 ? 108 GLU A OE1 1 
ATOM   571  O OE2 . GLU A 1 69  ? -15.256 19.232  -6.133  1.00 64.99 ? 108 GLU A OE2 1 
ATOM   572  N N   . TRP A 1 70  ? -13.814 13.743  -7.338  1.00 28.51 ? 109 TRP A N   1 
ATOM   573  C CA  . TRP A 1 70  ? -13.811 12.315  -7.717  1.00 28.02 ? 109 TRP A CA  1 
ATOM   574  C C   . TRP A 1 70  ? -15.240 11.758  -7.702  1.00 27.24 ? 109 TRP A C   1 
ATOM   575  O O   . TRP A 1 70  ? -15.925 11.859  -6.658  1.00 25.85 ? 109 TRP A O   1 
ATOM   576  C CB  . TRP A 1 70  ? -12.935 11.513  -6.775  1.00 28.41 ? 109 TRP A CB  1 
ATOM   577  C CG  . TRP A 1 70  ? -11.494 11.674  -7.081  1.00 26.96 ? 109 TRP A CG  1 
ATOM   578  C CD1 . TRP A 1 70  ? -10.614 12.458  -6.407  1.00 26.56 ? 109 TRP A CD1 1 
ATOM   579  C CD2 . TRP A 1 70  ? -10.779 11.102  -8.179  1.00 26.43 ? 109 TRP A CD2 1 
ATOM   580  N NE1 . TRP A 1 70  ? -9.389  12.359  -6.982  1.00 25.25 ? 109 TRP A NE1 1 
ATOM   581  C CE2 . TRP A 1 70  ? -9.446  11.526  -8.057  1.00 26.59 ? 109 TRP A CE2 1 
ATOM   582  C CE3 . TRP A 1 70  ? -11.109 10.212  -9.198  1.00 29.49 ? 109 TRP A CE3 1 
ATOM   583  C CZ2 . TRP A 1 70  ? -8.445  11.097  -8.921  1.00 26.55 ? 109 TRP A CZ2 1 
ATOM   584  C CZ3 . TRP A 1 70  ? -10.128 9.787   -10.053 1.00 27.03 ? 109 TRP A CZ3 1 
ATOM   585  C CH2 . TRP A 1 70  ? -8.811  10.232  -9.922  1.00 30.37 ? 109 TRP A CH2 1 
ATOM   586  N N   . VAL A 1 71  ? -15.654 11.150  -8.798  1.00 25.24 ? 110 VAL A N   1 
ATOM   587  C CA  . VAL A 1 71  ? -17.025 10.578  -8.918  1.00 26.25 ? 110 VAL A CA  1 
ATOM   588  C C   . VAL A 1 71  ? -16.908 9.202   -9.553  1.00 24.44 ? 110 VAL A C   1 
ATOM   589  O O   . VAL A 1 71  ? -15.939 8.902   -10.251 1.00 24.77 ? 110 VAL A O   1 
ATOM   590  C CB  . VAL A 1 71  ? -17.937 11.502  -9.749  1.00 25.59 ? 110 VAL A CB  1 
ATOM   591  C CG1 . VAL A 1 71  ? -18.170 12.837  -9.068  1.00 28.04 ? 110 VAL A CG1 1 
ATOM   592  C CG2 . VAL A 1 71  ? -17.379 11.710  -11.135 1.00 25.90 ? 110 VAL A CG2 1 
ATOM   593  N N   . PRO A 1 72  ? -17.885 8.308   -9.305  1.00 27.67 ? 111 PRO A N   1 
ATOM   594  C CA  . PRO A 1 72  ? -17.962 7.055   -10.047 1.00 28.90 ? 111 PRO A CA  1 
ATOM   595  C C   . PRO A 1 72  ? -17.826 7.302   -11.558 1.00 29.26 ? 111 PRO A C   1 
ATOM   596  O O   . PRO A 1 72  ? -18.455 8.233   -12.103 1.00 26.65 ? 111 PRO A O   1 
ATOM   597  C CB  . PRO A 1 72  ? -19.334 6.496   -9.637  1.00 30.53 ? 111 PRO A CB  1 
ATOM   598  C CG  . PRO A 1 72  ? -19.560 7.073   -8.248  1.00 30.13 ? 111 PRO A CG  1 
ATOM   599  C CD  . PRO A 1 72  ? -18.970 8.462   -8.322  1.00 28.57 ? 111 PRO A CD  1 
ATOM   600  N N   . GLY A 1 73  ? -16.977 6.480   -12.185 1.00 27.47 ? 112 GLY A N   1 
ATOM   601  C CA  . GLY A 1 73  ? -16.395 6.691   -13.526 1.00 31.77 ? 112 GLY A CA  1 
ATOM   602  C C   . GLY A 1 73  ? -16.689 5.558   -14.500 1.00 30.46 ? 112 GLY A C   1 
ATOM   603  O O   . GLY A 1 73  ? -16.242 5.646   -15.671 1.00 33.52 ? 112 GLY A O   1 
ATOM   604  N N   . GLY A 1 74  ? -17.454 4.562   -14.069 1.00 28.03 ? 113 GLY A N   1 
ATOM   605  C CA  . GLY A 1 74  ? -17.782 3.408   -14.928 1.00 30.38 ? 113 GLY A CA  1 
ATOM   606  C C   . GLY A 1 74  ? -17.616 2.087   -14.216 1.00 29.73 ? 113 GLY A C   1 
ATOM   607  O O   . GLY A 1 74  ? -17.317 2.072   -13.008 1.00 28.86 ? 113 GLY A O   1 
ATOM   608  N N   . LYS A 1 75  ? -17.816 0.993   -14.942 1.00 34.39 ? 114 LYS A N   1 
ATOM   609  C CA  . LYS A 1 75  ? -17.647 -0.370  -14.389 1.00 39.18 ? 114 LYS A CA  1 
ATOM   610  C C   . LYS A 1 75  ? -16.151 -0.616  -14.242 1.00 37.23 ? 114 LYS A C   1 
ATOM   611  O O   . LYS A 1 75  ? -15.355 -0.033  -14.971 1.00 38.52 ? 114 LYS A O   1 
ATOM   612  C CB  . LYS A 1 75  ? -18.318 -1.420  -15.281 1.00 45.11 ? 114 LYS A CB  1 
ATOM   613  C CG  . LYS A 1 75  ? -19.843 -1.415  -15.258 1.00 43.96 ? 114 LYS A CG  1 
ATOM   614  C CD  . LYS A 1 75  ? -20.421 -2.728  -15.723 1.00 47.58 ? 114 LYS A CD  1 
ATOM   615  C CE  . LYS A 1 75  ? -21.926 -2.793  -15.639 1.00 44.73 ? 114 LYS A CE  1 
ATOM   616  N NZ  . LYS A 1 75  ? -22.356 -3.928  -14.781 1.00 54.18 ? 114 LYS A NZ  1 
ATOM   617  N N   . PRO A 1 76  ? -15.729 -1.457  -13.284 1.00 41.95 ? 115 PRO A N   1 
ATOM   618  C CA  . PRO A 1 76  ? -14.315 -1.778  -13.120 1.00 45.34 ? 115 PRO A CA  1 
ATOM   619  C C   . PRO A 1 76  ? -13.778 -2.579  -14.314 1.00 47.10 ? 115 PRO A C   1 
ATOM   620  O O   . PRO A 1 76  ? -14.526 -3.319  -14.945 1.00 44.60 ? 115 PRO A O   1 
ATOM   621  C CB  . PRO A 1 76  ? -14.247 -2.682  -11.879 1.00 45.31 ? 115 PRO A CB  1 
ATOM   622  C CG  . PRO A 1 76  ? -15.615 -2.589  -11.251 1.00 47.54 ? 115 PRO A CG  1 
ATOM   623  C CD  . PRO A 1 76  ? -16.580 -2.227  -12.365 1.00 43.94 ? 115 PRO A CD  1 
ATOM   624  N N   . GLU A 1 77  ? -12.491 -2.416  -14.602 1.00 45.41 ? 116 GLU A N   1 
ATOM   625  C CA  . GLU A 1 77  ? -11.730 -3.415  -15.381 1.00 48.45 ? 116 GLU A CA  1 
ATOM   626  C C   . GLU A 1 77  ? -11.663 -4.700  -14.557 1.00 47.35 ? 116 GLU A C   1 
ATOM   627  O O   . GLU A 1 77  ? -11.873 -4.686  -13.343 1.00 42.46 ? 116 GLU A O   1 
ATOM   628  C CB  . GLU A 1 77  ? -10.352 -2.873  -15.746 1.00 51.50 ? 116 GLU A CB  1 
ATOM   629  C CG  . GLU A 1 77  ? -10.424 -1.729  -16.733 1.00 55.35 ? 116 GLU A CG  1 
ATOM   630  C CD  . GLU A 1 77  ? -9.243  -0.786  -16.665 1.00 61.42 ? 116 GLU A CD  1 
ATOM   631  O OE1 . GLU A 1 77  ? -8.087  -1.265  -16.772 1.00 65.68 ? 116 GLU A OE1 1 
ATOM   632  O OE2 . GLU A 1 77  ? -9.484  0.419   -16.493 1.00 70.76 ? 116 GLU A OE2 1 
ATOM   633  N N   . PRO A 1 78  ? -11.469 -5.858  -15.224 1.00 43.00 ? 117 PRO A N   1 
ATOM   634  C CA  . PRO A 1 78  ? -11.112 -7.098  -14.549 1.00 45.60 ? 117 PRO A CA  1 
ATOM   635  C C   . PRO A 1 78  ? -9.962  -6.843  -13.567 1.00 46.55 ? 117 PRO A C   1 
ATOM   636  O O   . PRO A 1 78  ? -9.053  -6.109  -13.927 1.00 42.39 ? 117 PRO A O   1 
ATOM   637  C CB  . PRO A 1 78  ? -10.626 -8.017  -15.683 1.00 46.03 ? 117 PRO A CB  1 
ATOM   638  C CG  . PRO A 1 78  ? -11.310 -7.490  -16.939 1.00 45.95 ? 117 PRO A CG  1 
ATOM   639  C CD  . PRO A 1 78  ? -11.637 -6.031  -16.676 1.00 46.73 ? 117 PRO A CD  1 
ATOM   640  N N   . GLN A 1 79  ? -10.026 -7.451  -12.382 1.00 48.34 ? 118 GLN A N   1 
ATOM   641  C CA  . GLN A 1 79  ? -9.032  -7.241  -11.292 1.00 53.78 ? 118 GLN A CA  1 
ATOM   642  C C   . GLN A 1 79  ? -7.623  -7.542  -11.822 1.00 56.39 ? 118 GLN A C   1 
ATOM   643  O O   . GLN A 1 79  ? -7.433  -8.618  -12.420 1.00 48.93 ? 118 GLN A O   1 
ATOM   644  C CB  . GLN A 1 79  ? -9.380  -8.098  -10.074 1.00 59.18 ? 118 GLN A CB  1 
ATOM   645  C CG  . GLN A 1 79  ? -10.809 -7.884  -9.585  1.00 67.79 ? 118 GLN A CG  1 
ATOM   646  C CD  . GLN A 1 79  ? -10.939 -7.961  -8.081  1.00 75.07 ? 118 GLN A CD  1 
ATOM   647  O OE1 . GLN A 1 79  ? -10.379 -8.850  -7.435  1.00 74.89 ? 118 GLN A OE1 1 
ATOM   648  N NE2 . GLN A 1 79  ? -11.689 -7.027  -7.513  1.00 69.71 ? 118 GLN A NE2 1 
ATOM   649  N N   . ALA A 1 80  ? -6.685  -6.609  -11.613 1.00 60.85 ? 119 ALA A N   1 
ATOM   650  C CA  . ALA A 1 80  ? -5.222  -6.779  -11.791 1.00 64.14 ? 119 ALA A CA  1 
ATOM   651  C C   . ALA A 1 80  ? -4.780  -8.076  -11.110 1.00 68.84 ? 119 ALA A C   1 
ATOM   652  O O   . ALA A 1 80  ? -5.386  -8.478  -10.119 1.00 66.68 ? 119 ALA A O   1 
ATOM   653  C CB  . ALA A 1 80  ? -4.507  -5.581  -11.210 1.00 61.68 ? 119 ALA A CB  1 
ATOM   654  N N   . PRO A 1 81  ? -3.745  -8.797  -11.607 1.00 75.67 ? 120 PRO A N   1 
ATOM   655  C CA  . PRO A 1 81  ? -3.224  -9.963  -10.885 1.00 79.10 ? 120 PRO A CA  1 
ATOM   656  C C   . PRO A 1 81  ? -2.872  -9.586  -9.434  1.00 77.19 ? 120 PRO A C   1 
ATOM   657  O O   . PRO A 1 81  ? -2.286  -8.530  -9.228  1.00 82.33 ? 120 PRO A O   1 
ATOM   658  C CB  . PRO A 1 81  ? -1.981  -10.408 -11.675 1.00 78.81 ? 120 PRO A CB  1 
ATOM   659  C CG  . PRO A 1 81  ? -1.728  -9.300  -12.698 1.00 80.31 ? 120 PRO A CG  1 
ATOM   660  C CD  . PRO A 1 81  ? -3.039  -8.556  -12.875 1.00 78.67 ? 120 PRO A CD  1 
ATOM   661  N N   . SER A 1 82  ? -3.275  -10.412 -8.461  1.00 74.54 ? 121 SER A N   1 
ATOM   662  C CA  . SER A 1 82  ? -3.030  -10.162 -7.013  1.00 74.27 ? 121 SER A CA  1 
ATOM   663  C C   . SER A 1 82  ? -1.535  -10.333 -6.713  1.00 62.35 ? 121 SER A C   1 
ATOM   664  O O   . SER A 1 82  ? -1.137  -11.411 -6.239  1.00 71.22 ? 121 SER A O   1 
ATOM   665  C CB  . SER A 1 82  ? -3.894  -11.034 -6.129  1.00 77.90 ? 121 SER A CB  1 
ATOM   666  O OG  . SER A 1 82  ? -5.010  -10.298 -5.642  1.00 83.82 ? 121 SER A OG  1 
ATOM   667  N N   . CYS A 1 83  ? -0.737  -9.306  -7.009  1.00 51.30 ? 122 CYS A N   1 
ATOM   668  C CA  . CYS A 1 83  ? 0.725   -9.284  -6.745  1.00 46.36 ? 122 CYS A CA  1 
ATOM   669  C C   . CYS A 1 83  ? 0.942   -9.058  -5.238  1.00 42.91 ? 122 CYS A C   1 
ATOM   670  O O   . CYS A 1 83  ? 0.213   -8.235  -4.622  1.00 39.06 ? 122 CYS A O   1 
ATOM   671  C CB  . CYS A 1 83  ? 1.441   -8.229  -7.588  1.00 50.79 ? 122 CYS A CB  1 
ATOM   672  S SG  . CYS A 1 83  ? 0.983   -8.231  -9.347  1.00 48.65 ? 122 CYS A SG  1 
ATOM   673  N N   . VAL A 1 84  ? 1.878   -9.803  -4.659  1.00 33.64 ? 123 VAL A N   1 
ATOM   674  C CA  . VAL A 1 84  ? 2.300   -9.661  -3.244  1.00 34.11 ? 123 VAL A CA  1 
ATOM   675  C C   . VAL A 1 84  ? 3.752   -9.195  -3.235  1.00 32.59 ? 123 VAL A C   1 
ATOM   676  O O   . VAL A 1 84  ? 4.532   -9.710  -4.002  1.00 31.48 ? 123 VAL A O   1 
ATOM   677  C CB  . VAL A 1 84  ? 2.112   -10.970 -2.477  1.00 35.00 ? 123 VAL A CB  1 
ATOM   678  C CG1 . VAL A 1 84  ? 2.488   -10.778 -1.025  1.00 37.32 ? 123 VAL A CG1 1 
ATOM   679  C CG2 . VAL A 1 84  ? 0.685   -11.476 -2.635  1.00 39.07 ? 123 VAL A CG2 1 
ATOM   680  N N   . TYR A 1 85  ? 4.063   -8.185  -2.445  1.00 28.14 ? 124 TYR A N   1 
ATOM   681  C CA  . TYR A 1 85  ? 5.442   -7.702  -2.254  1.00 26.50 ? 124 TYR A CA  1 
ATOM   682  C C   . TYR A 1 85  ? 5.939   -8.292  -0.944  1.00 27.63 ? 124 TYR A C   1 
ATOM   683  O O   . TYR A 1 85  ? 5.215   -8.220  0.065   1.00 26.87 ? 124 TYR A O   1 
ATOM   684  C CB  . TYR A 1 85  ? 5.464   -6.182  -2.247  1.00 25.90 ? 124 TYR A CB  1 
ATOM   685  C CG  . TYR A 1 85  ? 6.813   -5.566  -1.976  1.00 27.36 ? 124 TYR A CG  1 
ATOM   686  C CD1 . TYR A 1 85  ? 7.777   -5.437  -2.972  1.00 27.97 ? 124 TYR A CD1 1 
ATOM   687  C CD2 . TYR A 1 85  ? 7.122   -5.093  -0.714  1.00 27.77 ? 124 TYR A CD2 1 
ATOM   688  C CE1 . TYR A 1 85  ? 9.005   -4.849  -2.708  1.00 28.27 ? 124 TYR A CE1 1 
ATOM   689  C CE2 . TYR A 1 85  ? 8.333   -4.489  -0.442  1.00 28.22 ? 124 TYR A CE2 1 
ATOM   690  C CZ  . TYR A 1 85  ? 9.282   -4.365  -1.441  1.00 28.41 ? 124 TYR A CZ  1 
ATOM   691  O OH  . TYR A 1 85  ? 10.459  -3.749  -1.108  1.00 27.43 ? 124 TYR A OH  1 
ATOM   692  N N   . ILE A 1 86  ? 7.141   -8.863  -0.957  1.00 26.72 ? 125 ILE A N   1 
ATOM   693  C CA  . ILE A 1 86  ? 7.765   -9.423  0.263   1.00 26.34 ? 125 ILE A CA  1 
ATOM   694  C C   . ILE A 1 86  ? 8.729   -8.364  0.765   1.00 24.41 ? 125 ILE A C   1 
ATOM   695  O O   . ILE A 1 86  ? 9.631   -7.961  0.010   1.00 24.36 ? 125 ILE A O   1 
ATOM   696  C CB  . ILE A 1 86  ? 8.477   -10.757 -0.040  1.00 31.76 ? 125 ILE A CB  1 
ATOM   697  C CG1 . ILE A 1 86  ? 7.511   -11.803 -0.607  1.00 36.11 ? 125 ILE A CG1 1 
ATOM   698  C CG2 . ILE A 1 86  ? 9.182   -11.271 1.214   1.00 33.65 ? 125 ILE A CG2 1 
ATOM   699  C CD1 . ILE A 1 86  ? 8.205   -12.987 -1.251  1.00 37.57 ? 125 ILE A CD1 1 
ATOM   700  N N   . HIS A 1 87  ? 8.570   -7.928  2.001   1.00 25.11 ? 126 HIS A N   1 
ATOM   701  C CA  . HIS A 1 87  ? 9.482   -6.935  2.602   1.00 23.55 ? 126 HIS A CA  1 
ATOM   702  C C   . HIS A 1 87  ? 10.887  -7.506  2.521   1.00 24.77 ? 126 HIS A C   1 
ATOM   703  O O   . HIS A 1 87  ? 11.085  -8.660  2.881   1.00 22.17 ? 126 HIS A O   1 
ATOM   704  C CB  . HIS A 1 87  ? 9.099   -6.574  4.033   1.00 23.47 ? 126 HIS A CB  1 
ATOM   705  C CG  . HIS A 1 87  ? 9.829   -5.366  4.510   1.00 23.02 ? 126 HIS A CG  1 
ATOM   706  N ND1 . HIS A 1 87  ? 11.142  -5.421  4.934   1.00 24.51 ? 126 HIS A ND1 1 
ATOM   707  C CD2 . HIS A 1 87  ? 9.440   -4.084  4.642   1.00 23.87 ? 126 HIS A CD2 1 
ATOM   708  C CE1 . HIS A 1 87  ? 11.528  -4.220  5.316   1.00 26.20 ? 126 HIS A CE1 1 
ATOM   709  N NE2 . HIS A 1 87  ? 10.509  -3.375  5.134   1.00 25.49 ? 126 HIS A NE2 1 
ATOM   710  N N   . PRO A 1 88  ? 11.876  -6.738  2.010   1.00 24.99 ? 127 PRO A N   1 
ATOM   711  C CA  . PRO A 1 88  ? 13.211  -7.291  1.790   1.00 26.75 ? 127 PRO A CA  1 
ATOM   712  C C   . PRO A 1 88  ? 13.922  -7.799  3.064   1.00 25.70 ? 127 PRO A C   1 
ATOM   713  O O   . PRO A 1 88  ? 14.854  -8.573  2.911   1.00 24.78 ? 127 PRO A O   1 
ATOM   714  C CB  . PRO A 1 88  ? 13.985  -6.156  1.093   1.00 29.33 ? 127 PRO A CB  1 
ATOM   715  C CG  . PRO A 1 88  ? 13.158  -4.905  1.329   1.00 29.69 ? 127 PRO A CG  1 
ATOM   716  C CD  . PRO A 1 88  ? 11.719  -5.374  1.483   1.00 26.77 ? 127 PRO A CD  1 
ATOM   717  N N   . ASP A 1 89  ? 13.471  -7.417  4.271   1.00 23.13 ? 128 ASP A N   1 
ATOM   718  C CA  . ASP A 1 89  ? 14.061  -7.899  5.557   1.00 24.44 ? 128 ASP A CA  1 
ATOM   719  C C   . ASP A 1 89  ? 13.560  -9.323  5.856   1.00 24.65 ? 128 ASP A C   1 
ATOM   720  O O   . ASP A 1 89  ? 14.093  -9.933  6.777   1.00 28.39 ? 128 ASP A O   1 
ATOM   721  C CB  . ASP A 1 89  ? 13.735  -6.968  6.735   1.00 23.78 ? 128 ASP A CB  1 
ATOM   722  C CG  . ASP A 1 89  ? 14.395  -5.599  6.737   1.00 26.99 ? 128 ASP A CG  1 
ATOM   723  O OD1 . ASP A 1 89  ? 15.102  -5.288  5.770   1.00 30.31 ? 128 ASP A OD1 1 
ATOM   724  O OD2 . ASP A 1 89  ? 14.163  -4.831  7.714   1.00 29.05 ? 128 ASP A OD2 1 
ATOM   725  N N   . SER A 1 90  ? 12.609  -9.876  5.093   1.00 22.77 ? 129 SER A N   1 
ATOM   726  C CA  . SER A 1 90  ? 12.000  -11.203 5.383   1.00 24.39 ? 129 SER A CA  1 
ATOM   727  C C   . SER A 1 90  ? 13.015  -12.296 5.057   1.00 24.98 ? 129 SER A C   1 
ATOM   728  O O   . SER A 1 90  ? 13.793  -12.106 4.145   1.00 25.51 ? 129 SER A O   1 
ATOM   729  C CB  . SER A 1 90  ? 10.731  -11.400 4.590   1.00 23.99 ? 129 SER A CB  1 
ATOM   730  O OG  . SER A 1 90  ? 9.757   -10.410 4.912   1.00 21.06 ? 129 SER A OG  1 
ATOM   731  N N   . PRO A 1 91  ? 13.075  -13.464 5.736   1.00 26.25 ? 130 PRO A N   1 
ATOM   732  C CA  . PRO A 1 91  ? 12.428  -13.698 7.015   1.00 25.19 ? 130 PRO A CA  1 
ATOM   733  C C   . PRO A 1 91  ? 13.287  -13.082 8.126   1.00 25.88 ? 130 PRO A C   1 
ATOM   734  O O   . PRO A 1 91  ? 14.490  -12.939 7.965   1.00 23.71 ? 130 PRO A O   1 
ATOM   735  C CB  . PRO A 1 91  ? 12.381  -15.226 7.124   1.00 27.64 ? 130 PRO A CB  1 
ATOM   736  C CG  . PRO A 1 91  ? 13.603  -15.699 6.356   1.00 28.01 ? 130 PRO A CG  1 
ATOM   737  C CD  . PRO A 1 91  ? 13.806  -14.663 5.266   1.00 28.62 ? 130 PRO A CD  1 
ATOM   738  N N   . ASN A 1 92  ? 12.669  -12.671 9.223   1.00 24.46 ? 131 ASN A N   1 
ATOM   739  C CA  . ASN A 1 92  ? 13.458  -12.079 10.323  1.00 23.72 ? 131 ASN A CA  1 
ATOM   740  C C   . ASN A 1 92  ? 12.763  -12.331 11.647  1.00 23.90 ? 131 ASN A C   1 
ATOM   741  O O   . ASN A 1 92  ? 11.576  -12.690 11.674  1.00 24.87 ? 131 ASN A O   1 
ATOM   742  C CB  . ASN A 1 92  ? 13.704  -10.597 10.054  1.00 24.04 ? 131 ASN A CB  1 
ATOM   743  C CG  . ASN A 1 92  ? 15.123  -10.208 10.369  1.00 24.42 ? 131 ASN A CG  1 
ATOM   744  O OD1 . ASN A 1 92  ? 15.638  -10.542 11.440  1.00 27.23 ? 131 ASN A OD1 1 
ATOM   745  N ND2 . ASN A 1 92  ? 15.745  -9.484  9.459   1.00 22.32 ? 131 ASN A ND2 1 
ATOM   746  N N   . PHE A 1 93  ? 13.514  -12.163 12.721  1.00 23.64 ? 132 PHE A N   1 
ATOM   747  C CA  . PHE A 1 93  ? 13.014  -12.354 14.092  1.00 24.02 ? 132 PHE A CA  1 
ATOM   748  C C   . PHE A 1 93  ? 11.917  -11.331 14.392  1.00 25.68 ? 132 PHE A C   1 
ATOM   749  O O   . PHE A 1 93  ? 11.995  -10.220 13.850  1.00 23.08 ? 132 PHE A O   1 
ATOM   750  C CB  . PHE A 1 93  ? 14.145  -12.151 15.093  1.00 24.47 ? 132 PHE A CB  1 
ATOM   751  C CG  . PHE A 1 93  ? 15.223  -13.194 14.996  1.00 25.26 ? 132 PHE A CG  1 
ATOM   752  C CD1 . PHE A 1 93  ? 14.986  -14.477 15.450  1.00 25.50 ? 132 PHE A CD1 1 
ATOM   753  C CD2 . PHE A 1 93  ? 16.437  -12.908 14.409  1.00 25.97 ? 132 PHE A CD2 1 
ATOM   754  C CE1 . PHE A 1 93  ? 15.968  -15.449 15.361  1.00 26.59 ? 132 PHE A CE1 1 
ATOM   755  C CE2 . PHE A 1 93  ? 17.424  -13.881 14.344  1.00 26.31 ? 132 PHE A CE2 1 
ATOM   756  C CZ  . PHE A 1 93  ? 17.186  -15.140 14.818  1.00 23.71 ? 132 PHE A CZ  1 
ATOM   757  N N   . GLY A 1 94  ? 10.971  -11.704 15.256  1.00 23.17 ? 133 GLY A N   1 
ATOM   758  C CA  . GLY A 1 94  ? 10.032  -10.762 15.901  1.00 24.81 ? 133 GLY A CA  1 
ATOM   759  C C   . GLY A 1 94  ? 10.759  -9.539  16.426  1.00 22.46 ? 133 GLY A C   1 
ATOM   760  O O   . GLY A 1 94  ? 10.273  -8.420  16.201  1.00 22.74 ? 133 GLY A O   1 
ATOM   761  N N   . ALA A 1 95  ? 11.895  -9.722  17.091  1.00 23.67 ? 134 ALA A N   1 
ATOM   762  C CA  . ALA A 1 95  ? 12.624  -8.606  17.750  1.00 23.02 ? 134 ALA A CA  1 
ATOM   763  C C   . ALA A 1 95  ? 13.048  -7.601  16.674  1.00 24.67 ? 134 ALA A C   1 
ATOM   764  O O   . ALA A 1 95  ? 13.071  -6.392  16.959  1.00 24.80 ? 134 ALA A O   1 
ATOM   765  C CB  . ALA A 1 95  ? 13.829  -9.117  18.507  1.00 25.22 ? 134 ALA A CB  1 
ATOM   766  N N   . HIS A 1 96  ? 13.393  -8.092  15.480  1.00 24.53 ? 135 HIS A N   1 
ATOM   767  C CA  . HIS A 1 96  ? 13.810  -7.246  14.335  1.00 25.46 ? 135 HIS A CA  1 
ATOM   768  C C   . HIS A 1 96  ? 12.635  -6.370  13.901  1.00 24.68 ? 135 HIS A C   1 
ATOM   769  O O   . HIS A 1 96  ? 12.808  -5.153  13.770  1.00 26.73 ? 135 HIS A O   1 
ATOM   770  C CB  . HIS A 1 96  ? 14.300  -8.078  13.159  1.00 25.04 ? 135 HIS A CB  1 
ATOM   771  C CG  . HIS A 1 96  ? 14.581  -7.244  11.958  1.00 27.05 ? 135 HIS A CG  1 
ATOM   772  N ND1 . HIS A 1 96  ? 15.796  -6.609  11.774  1.00 28.79 ? 135 HIS A ND1 1 
ATOM   773  C CD2 . HIS A 1 96  ? 13.791  -6.869  10.931  1.00 26.17 ? 135 HIS A CD2 1 
ATOM   774  C CE1 . HIS A 1 96  ? 15.759  -5.937  10.637  1.00 30.41 ? 135 HIS A CE1 1 
ATOM   775  N NE2 . HIS A 1 96  ? 14.538  -6.084  10.096  1.00 27.59 ? 135 HIS A NE2 1 
ATOM   776  N N   . TRP A 1 97  ? 11.481  -6.987  13.676  1.00 23.18 ? 136 TRP A N   1 
ATOM   777  C CA  . TRP A 1 97  ? 10.271  -6.284  13.190  1.00 22.81 ? 136 TRP A CA  1 
ATOM   778  C C   . TRP A 1 97  ? 9.778   -5.277  14.233  1.00 23.43 ? 136 TRP A C   1 
ATOM   779  O O   . TRP A 1 97  ? 9.178   -4.267  13.834  1.00 22.61 ? 136 TRP A O   1 
ATOM   780  C CB  . TRP A 1 97  ? 9.190   -7.300  12.842  1.00 22.53 ? 136 TRP A CB  1 
ATOM   781  C CG  . TRP A 1 97  ? 9.575   -8.240  11.749  1.00 22.37 ? 136 TRP A CG  1 
ATOM   782  C CD1 . TRP A 1 97  ? 9.697   -9.590  11.877  1.00 24.41 ? 136 TRP A CD1 1 
ATOM   783  C CD2 . TRP A 1 97  ? 9.837   -7.946  10.363  1.00 22.79 ? 136 TRP A CD2 1 
ATOM   784  N NE1 . TRP A 1 97  ? 10.058  -10.153 10.682  1.00 22.03 ? 136 TRP A NE1 1 
ATOM   785  C CE2 . TRP A 1 97  ? 10.137  -9.173  9.730   1.00 22.95 ? 136 TRP A CE2 1 
ATOM   786  C CE3 . TRP A 1 97  ? 9.868   -6.778  9.592   1.00 23.28 ? 136 TRP A CE3 1 
ATOM   787  C CZ2 . TRP A 1 97  ? 10.443  -9.274  8.376   1.00 21.59 ? 136 TRP A CZ2 1 
ATOM   788  C CZ3 . TRP A 1 97  ? 10.174  -6.872  8.252   1.00 24.36 ? 136 TRP A CZ3 1 
ATOM   789  C CH2 . TRP A 1 97  ? 10.457  -8.108  7.650   1.00 24.31 ? 136 TRP A CH2 1 
ATOM   790  N N   . MET A 1 98  ? 9.985   -5.534  15.529  1.00 22.16 ? 137 MET A N   1 
ATOM   791  C CA  . MET A 1 98  ? 9.407   -4.687  16.604  1.00 23.27 ? 137 MET A CA  1 
ATOM   792  C C   . MET A 1 98  ? 10.347  -3.560  17.050  1.00 24.18 ? 137 MET A C   1 
ATOM   793  O O   . MET A 1 98  ? 9.858   -2.639  17.671  1.00 25.77 ? 137 MET A O   1 
ATOM   794  C CB  . MET A 1 98  ? 9.041   -5.551  17.812  1.00 23.42 ? 137 MET A CB  1 
ATOM   795  C CG  . MET A 1 98  ? 7.947   -6.548  17.502  1.00 25.31 ? 137 MET A CG  1 
ATOM   796  S SD  . MET A 1 98  ? 7.352   -7.393  18.994  1.00 26.57 ? 137 MET A SD  1 
ATOM   797  C CE  . MET A 1 98  ? 8.686   -8.530  19.359  1.00 26.02 ? 137 MET A CE  1 
ATOM   798  N N   . LYS A 1 99  ? 11.639  -3.618  16.749  1.00 26.78 ? 138 LYS A N   1 
ATOM   799  C CA  . LYS A 1 99  ? 12.612  -2.675  17.349  1.00 29.79 ? 138 LYS A CA  1 
ATOM   800  C C   . LYS A 1 99  ? 12.532  -1.318  16.649  1.00 31.85 ? 138 LYS A C   1 
ATOM   801  O O   . LYS A 1 99  ? 12.971  -0.340  17.218  1.00 30.22 ? 138 LYS A O   1 
ATOM   802  C CB  . LYS A 1 99  ? 14.022  -3.242  17.241  1.00 33.04 ? 138 LYS A CB  1 
ATOM   803  C CG  . LYS A 1 99  ? 14.578  -3.246  15.833  1.00 33.34 ? 138 LYS A CG  1 
ATOM   804  C CD  . LYS A 1 99  ? 15.885  -3.978  15.760  1.00 37.78 ? 138 LYS A CD  1 
ATOM   805  C CE  . LYS A 1 99  ? 16.353  -4.188  14.344  1.00 42.90 ? 138 LYS A CE  1 
ATOM   806  N NZ  . LYS A 1 99  ? 17.626  -4.945  14.301  1.00 48.48 ? 138 LYS A NZ  1 
ATOM   807  N N   . ALA A 1 100 ? 12.019  -1.266  15.431  1.00 30.35 ? 139 ALA A N   1 
ATOM   808  C CA  . ALA A 1 100 ? 11.903  -0.007  14.671  1.00 29.33 ? 139 ALA A CA  1 
ATOM   809  C C   . ALA A 1 100 ? 10.776  -0.164  13.679  1.00 29.30 ? 139 ALA A C   1 
ATOM   810  O O   . ALA A 1 100 ? 10.503  -1.290  13.253  1.00 26.75 ? 139 ALA A O   1 
ATOM   811  C CB  . ALA A 1 100 ? 13.199  0.306   13.951  1.00 30.03 ? 139 ALA A CB  1 
ATOM   812  N N   . PRO A 1 101 ? 10.208  0.960   13.199  1.00 28.09 ? 140 PRO A N   1 
ATOM   813  C CA  . PRO A 1 101 ? 9.140   0.913   12.191  1.00 27.07 ? 140 PRO A CA  1 
ATOM   814  C C   . PRO A 1 101 ? 9.537   0.077   10.964  1.00 24.15 ? 140 PRO A C   1 
ATOM   815  O O   . PRO A 1 101 ? 10.686  0.099   10.596  1.00 24.04 ? 140 PRO A O   1 
ATOM   816  C CB  . PRO A 1 101 ? 8.909   2.400   11.859  1.00 29.15 ? 140 PRO A CB  1 
ATOM   817  C CG  . PRO A 1 101 ? 9.394   3.139   13.095  1.00 31.39 ? 140 PRO A CG  1 
ATOM   818  C CD  . PRO A 1 101 ? 10.582  2.330   13.580  1.00 31.78 ? 140 PRO A CD  1 
ATOM   819  N N   . VAL A 1 102 ? 8.600   -0.697  10.418  1.00 23.85 ? 141 VAL A N   1 
ATOM   820  C CA  . VAL A 1 102 ? 8.753   -1.504  9.174   1.00 24.15 ? 141 VAL A CA  1 
ATOM   821  C C   . VAL A 1 102 ? 8.278   -0.649  7.999   1.00 24.58 ? 141 VAL A C   1 
ATOM   822  O O   . VAL A 1 102 ? 7.091   -0.319  7.928   1.00 24.88 ? 141 VAL A O   1 
ATOM   823  C CB  . VAL A 1 102 ? 7.968   -2.823  9.263   1.00 24.95 ? 141 VAL A CB  1 
ATOM   824  C CG1 . VAL A 1 102 ? 8.195   -3.696  8.043   1.00 24.07 ? 141 VAL A CG1 1 
ATOM   825  C CG2 . VAL A 1 102 ? 8.318   -3.574  10.545  1.00 28.31 ? 141 VAL A CG2 1 
ATOM   826  N N   A SER A 1 103 ? 9.199   -0.302  7.097   0.25 24.67 ? 142 SER A N   1 
ATOM   827  N N   B SER A 1 103 ? 9.200   -0.291  7.101   0.25 25.15 ? 142 SER A N   1 
ATOM   828  C CA  A SER A 1 103 ? 8.966   0.642   5.975   0.25 24.87 ? 142 SER A CA  1 
ATOM   829  C CA  B SER A 1 103 ? 8.955   0.643   5.970   0.25 25.66 ? 142 SER A CA  1 
ATOM   830  C C   A SER A 1 103 ? 8.994   -0.111  4.641   0.25 24.80 ? 142 SER A C   1 
ATOM   831  C C   B SER A 1 103 ? 8.989   -0.119  4.643   0.25 25.23 ? 142 SER A C   1 
ATOM   832  O O   A SER A 1 103 ? 9.983   -0.816  4.381   0.25 26.43 ? 142 SER A O   1 
ATOM   833  O O   B SER A 1 103 ? 9.973   -0.833  4.393   0.25 26.85 ? 142 SER A O   1 
ATOM   834  C CB  A SER A 1 103 ? 9.974   1.765   6.001   0.25 24.87 ? 142 SER A CB  1 
ATOM   835  C CB  B SER A 1 103 ? 9.945   1.781   5.975   0.25 26.15 ? 142 SER A CB  1 
ATOM   836  O OG  A SER A 1 103 ? 9.822   2.603   4.868   0.25 23.89 ? 142 SER A OG  1 
ATOM   837  O OG  B SER A 1 103 ? 9.808   2.554   7.155   0.25 26.44 ? 142 SER A OG  1 
ATOM   838  N N   . PHE A 1 104 ? 7.947   0.053   3.828   1.00 24.48 ? 143 PHE A N   1 
ATOM   839  C CA  . PHE A 1 104 ? 7.836   -0.538  2.475   1.00 24.71 ? 143 PHE A CA  1 
ATOM   840  C C   . PHE A 1 104 ? 8.268   0.507   1.446   1.00 25.19 ? 143 PHE A C   1 
ATOM   841  O O   . PHE A 1 104 ? 7.559   0.750   0.469   1.00 26.18 ? 143 PHE A O   1 
ATOM   842  C CB  . PHE A 1 104 ? 6.396   -0.998  2.282   1.00 23.54 ? 143 PHE A CB  1 
ATOM   843  C CG  . PHE A 1 104 ? 6.052   -2.186  3.124   1.00 22.50 ? 143 PHE A CG  1 
ATOM   844  C CD1 . PHE A 1 104 ? 6.229   -3.473  2.636   1.00 24.40 ? 143 PHE A CD1 1 
ATOM   845  C CD2 . PHE A 1 104 ? 5.631   -2.021  4.429   1.00 25.10 ? 143 PHE A CD2 1 
ATOM   846  C CE1 . PHE A 1 104 ? 5.922   -4.573  3.422   1.00 24.52 ? 143 PHE A CE1 1 
ATOM   847  C CE2 . PHE A 1 104 ? 5.305   -3.121  5.205   1.00 26.50 ? 143 PHE A CE2 1 
ATOM   848  C CZ  . PHE A 1 104 ? 5.458   -4.391  4.703   1.00 24.69 ? 143 PHE A CZ  1 
ATOM   849  N N   . SER A 1 105 ? 9.438   1.098   1.659   1.00 29.27 ? 144 SER A N   1 
ATOM   850  C CA  . SER A 1 105 ? 9.948   2.255   0.882   1.00 31.63 ? 144 SER A CA  1 
ATOM   851  C C   . SER A 1 105 ? 10.255  1.870   -0.575  1.00 32.47 ? 144 SER A C   1 
ATOM   852  O O   . SER A 1 105 ? 10.153  2.770   -1.405  1.00 32.09 ? 144 SER A O   1 
ATOM   853  C CB  . SER A 1 105 ? 11.143  2.862   1.564   1.00 32.66 ? 144 SER A CB  1 
ATOM   854  O OG  . SER A 1 105 ? 12.111  1.863   1.799   1.00 32.85 ? 144 SER A OG  1 
ATOM   855  N N   . LYS A 1 106 ? 10.524  0.594   -0.886  1.00 32.36 ? 145 LYS A N   1 
ATOM   856  C CA  . LYS A 1 106 ? 11.045  0.144   -2.211  1.00 34.83 ? 145 LYS A CA  1 
ATOM   857  C C   . LYS A 1 106 ? 9.947   -0.453  -3.104  1.00 32.05 ? 145 LYS A C   1 
ATOM   858  O O   . LYS A 1 106 ? 10.235  -0.719  -4.277  1.00 29.85 ? 145 LYS A O   1 
ATOM   859  C CB  . LYS A 1 106 ? 12.144  -0.921  -2.064  1.00 39.15 ? 145 LYS A CB  1 
ATOM   860  C CG  . LYS A 1 106 ? 13.176  -0.667  -0.974  1.00 44.60 ? 145 LYS A CG  1 
ATOM   861  C CD  . LYS A 1 106 ? 13.974  0.590   -1.143  1.00 51.45 ? 145 LYS A CD  1 
ATOM   862  C CE  . LYS A 1 106 ? 15.325  0.502   -0.452  1.00 59.40 ? 145 LYS A CE  1 
ATOM   863  N NZ  . LYS A 1 106 ? 15.952  1.837   -0.336  1.00 65.79 ? 145 LYS A NZ  1 
ATOM   864  N N   . VAL A 1 107 ? 8.739   -0.685  -2.596  1.00 28.19 ? 146 VAL A N   1 
ATOM   865  C CA  . VAL A 1 107 ? 7.649   -1.243  -3.435  1.00 26.55 ? 146 VAL A CA  1 
ATOM   866  C C   . VAL A 1 107 ? 7.358   -0.232  -4.562  1.00 25.82 ? 146 VAL A C   1 
ATOM   867  O O   . VAL A 1 107 ? 7.336   0.979   -4.305  1.00 25.38 ? 146 VAL A O   1 
ATOM   868  C CB  . VAL A 1 107 ? 6.409   -1.601  -2.591  1.00 28.63 ? 146 VAL A CB  1 
ATOM   869  C CG1 . VAL A 1 107 ? 5.670   -0.367  -2.095  1.00 28.75 ? 146 VAL A CG1 1 
ATOM   870  C CG2 . VAL A 1 107 ? 5.478   -2.539  -3.345  1.00 29.59 ? 146 VAL A CG2 1 
ATOM   871  N N   . LYS A 1 108 ? 7.170   -0.734  -5.782  1.00 26.34 ? 147 LYS A N   1 
ATOM   872  C CA  . LYS A 1 108 ? 6.886   0.081   -6.992  1.00 27.42 ? 147 LYS A CA  1 
ATOM   873  C C   . LYS A 1 108 ? 5.521   -0.322  -7.536  1.00 25.75 ? 147 LYS A C   1 
ATOM   874  O O   . LYS A 1 108 ? 5.251   -1.509  -7.667  1.00 26.61 ? 147 LYS A O   1 
ATOM   875  C CB  . LYS A 1 108 ? 7.969   -0.121  -8.059  1.00 29.01 ? 147 LYS A CB  1 
ATOM   876  C CG  . LYS A 1 108 ? 9.252   0.642   -7.815  1.00 31.72 ? 147 LYS A CG  1 
ATOM   877  C CD  . LYS A 1 108 ? 10.213  0.537   -8.958  1.00 36.50 ? 147 LYS A CD  1 
ATOM   878  C CE  . LYS A 1 108 ? 11.425  1.404   -8.729  1.00 41.70 ? 147 LYS A CE  1 
ATOM   879  N NZ  . LYS A 1 108 ? 12.379  1.298   -9.852  1.00 44.59 ? 147 LYS A NZ  1 
ATOM   880  N N   . LEU A 1 109 ? 4.694   0.668   -7.844  1.00 26.99 ? 148 LEU A N   1 
ATOM   881  C CA  . LEU A 1 109 ? 3.355   0.467   -8.425  1.00 27.40 ? 148 LEU A CA  1 
ATOM   882  C C   . LEU A 1 109 ? 3.469   0.693   -9.928  1.00 27.65 ? 148 LEU A C   1 
ATOM   883  O O   . LEU A 1 109 ? 4.052   1.735   -10.349 1.00 26.60 ? 148 LEU A O   1 
ATOM   884  C CB  . LEU A 1 109 ? 2.372   1.455   -7.800  1.00 25.96 ? 148 LEU A CB  1 
ATOM   885  C CG  . LEU A 1 109 ? 2.330   1.461   -6.280  1.00 27.36 ? 148 LEU A CG  1 
ATOM   886  C CD1 . LEU A 1 109 ? 1.223   2.400   -5.800  1.00 27.09 ? 148 LEU A CD1 1 
ATOM   887  C CD2 . LEU A 1 109 ? 2.154   0.051   -5.737  1.00 29.20 ? 148 LEU A CD2 1 
ATOM   888  N N   . THR A 1 110 ? 2.902   -0.231  -10.687 1.00 30.05 ? 149 THR A N   1 
ATOM   889  C CA  . THR A 1 110 ? 3.058   -0.267  -12.158 1.00 31.67 ? 149 THR A CA  1 
ATOM   890  C C   . THR A 1 110 ? 1.710   -0.495  -12.829 1.00 31.50 ? 149 THR A C   1 
ATOM   891  O O   . THR A 1 110 ? 0.823   -1.113  -12.208 1.00 32.12 ? 149 THR A O   1 
ATOM   892  C CB  . THR A 1 110 ? 4.052   -1.352  -12.574 1.00 28.42 ? 149 THR A CB  1 
ATOM   893  O OG1 . THR A 1 110 ? 4.296   -1.102  -13.953 1.00 31.67 ? 149 THR A OG1 1 
ATOM   894  C CG2 . THR A 1 110 ? 3.550   -2.761  -12.362 1.00 31.36 ? 149 THR A CG2 1 
ATOM   895  N N   . ASN A 1 111 ? 1.603   -0.068  -14.086 1.00 33.89 ? 150 ASN A N   1 
ATOM   896  C CA  . ASN A 1 111 ? 0.442   -0.399  -14.956 1.00 37.49 ? 150 ASN A CA  1 
ATOM   897  C C   . ASN A 1 111 ? 0.880   -1.330  -16.099 1.00 43.05 ? 150 ASN A C   1 
ATOM   898  O O   . ASN A 1 111 ? 0.103   -1.469  -17.057 1.00 44.62 ? 150 ASN A O   1 
ATOM   899  C CB  . ASN A 1 111 ? -0.284  0.861   -15.445 1.00 35.87 ? 150 ASN A CB  1 
ATOM   900  C CG  . ASN A 1 111 ? 0.556   1.779   -16.307 1.00 35.36 ? 150 ASN A CG  1 
ATOM   901  O OD1 . ASN A 1 111 ? 0.037   2.745   -16.852 1.00 38.41 ? 150 ASN A OD1 1 
ATOM   902  N ND2 . ASN A 1 111 ? 1.833   1.480   -16.463 1.00 32.97 ? 150 ASN A ND2 1 
ATOM   903  N N   . LYS A 1 112 ? 2.053   -1.967  -15.987 1.00 50.44 ? 151 LYS A N   1 
ATOM   904  C CA  . LYS A 1 112 ? 2.569   -2.959  -16.971 1.00 55.14 ? 151 LYS A CA  1 
ATOM   905  C C   . LYS A 1 112 ? 3.327   -4.057  -16.223 1.00 51.51 ? 151 LYS A C   1 
ATOM   906  O O   . LYS A 1 112 ? 4.260   -3.728  -15.453 1.00 42.43 ? 151 LYS A O   1 
ATOM   907  C CB  . LYS A 1 112 ? 3.481   -2.304  -18.012 1.00 63.86 ? 151 LYS A CB  1 
ATOM   908  C CG  . LYS A 1 112 ? 2.782   -1.729  -19.242 1.00 76.04 ? 151 LYS A CG  1 
ATOM   909  C CD  . LYS A 1 112 ? 2.854   -2.606  -20.499 1.00 82.01 ? 151 LYS A CD  1 
ATOM   910  C CE  . LYS A 1 112 ? 3.223   -1.843  -21.762 1.00 85.09 ? 151 LYS A CE  1 
ATOM   911  N NZ  . LYS A 1 112 ? 2.249   -0.777  -22.098 1.00 79.74 ? 151 LYS A NZ  1 
ATOM   912  N N   . LEU A 1 113 ? 2.899   -5.303  -16.441 1.00 56.72 ? 152 LEU A N   1 
ATOM   913  C CA  . LEU A 1 113 ? 3.585   -6.558  -16.021 1.00 62.93 ? 152 LEU A CA  1 
ATOM   914  C C   . LEU A 1 113 ? 4.944   -6.728  -16.729 1.00 56.73 ? 152 LEU A C   1 
ATOM   915  O O   . LEU A 1 113 ? 5.052   -7.639  -17.558 1.00 65.38 ? 152 LEU A O   1 
ATOM   916  C CB  . LEU A 1 113 ? 2.658   -7.750  -16.309 1.00 70.11 ? 152 LEU A CB  1 
ATOM   917  C CG  . LEU A 1 113 ? 1.971   -7.846  -17.689 1.00 82.12 ? 152 LEU A CG  1 
ATOM   918  C CD1 . LEU A 1 113 ? 0.507   -7.435  -17.617 1.00 82.52 ? 152 LEU A CD1 1 
ATOM   919  C CD2 . LEU A 1 113 ? 2.667   -7.071  -18.817 1.00 81.50 ? 152 LEU A CD2 1 
ATOM   920  N N   . ASN A 1 114 ? 5.975   -5.948  -16.385 1.00 53.69 ? 153 ASN A N   1 
ATOM   921  C CA  . ASN A 1 114 ? 7.332   -6.085  -16.991 1.00 54.22 ? 153 ASN A CA  1 
ATOM   922  C C   . ASN A 1 114 ? 8.376   -6.412  -15.908 1.00 57.25 ? 153 ASN A C   1 
ATOM   923  O O   . ASN A 1 114 ? 9.459   -5.767  -15.908 1.00 54.86 ? 153 ASN A O   1 
ATOM   924  C CB  . ASN A 1 114 ? 7.705   -4.853  -17.823 1.00 52.22 ? 153 ASN A CB  1 
ATOM   925  C CG  . ASN A 1 114 ? 7.793   -3.579  -17.011 1.00 52.32 ? 153 ASN A CG  1 
ATOM   926  O OD1 . ASN A 1 114 ? 7.358   -3.533  -15.863 1.00 61.17 ? 153 ASN A OD1 1 
ATOM   927  N ND2 . ASN A 1 114 ? 8.366   -2.541  -17.597 1.00 54.98 ? 153 ASN A ND2 1 
ATOM   928  N N   . GLY A 1 115 ? 8.073   -7.398  -15.048 1.00 63.07 ? 154 GLY A N   1 
ATOM   929  C CA  . GLY A 1 115 ? 8.976   -7.966  -14.020 1.00 62.04 ? 154 GLY A CA  1 
ATOM   930  C C   . GLY A 1 115 ? 9.314   -6.991  -12.897 1.00 64.07 ? 154 GLY A C   1 
ATOM   931  O O   . GLY A 1 115 ? 8.701   -5.908  -12.835 1.00 69.65 ? 154 GLY A O   1 
ATOM   932  N N   . GLY A 1 116 ? 10.220  -7.402  -11.999 1.00 59.82 ? 155 GLY A N   1 
ATOM   933  C CA  . GLY A 1 116 ? 10.948  -6.528  -11.056 1.00 57.01 ? 155 GLY A CA  1 
ATOM   934  C C   . GLY A 1 116 ? 10.297  -6.388  -9.682  1.00 55.59 ? 155 GLY A C   1 
ATOM   935  O O   . GLY A 1 116 ? 10.600  -5.379  -9.030  1.00 56.33 ? 155 GLY A O   1 
ATOM   936  N N   . GLY A 1 117 ? 9.482   -7.357  -9.229  1.00 56.32 ? 156 GLY A N   1 
ATOM   937  C CA  . GLY A 1 117 ? 8.762   -7.325  -7.933  1.00 52.67 ? 156 GLY A CA  1 
ATOM   938  C C   . GLY A 1 117 ? 7.837   -6.111  -7.824  1.00 53.31 ? 156 GLY A C   1 
ATOM   939  O O   . GLY A 1 117 ? 7.678   -5.546  -6.717  1.00 53.35 ? 156 GLY A O   1 
ATOM   940  N N   . GLN A 1 118 ? 7.269   -5.694  -8.952  1.00 48.76 ? 157 GLN A N   1 
ATOM   941  C CA  . GLN A 1 118 ? 6.398   -4.502  -9.063  1.00 45.59 ? 157 GLN A CA  1 
ATOM   942  C C   . GLN A 1 118 ? 4.993   -4.924  -8.647  1.00 42.35 ? 157 GLN A C   1 
ATOM   943  O O   . GLN A 1 118 ? 4.715   -6.131  -8.658  1.00 45.64 ? 157 GLN A O   1 
ATOM   944  C CB  . GLN A 1 118 ? 6.450   -3.977  -10.496 1.00 45.90 ? 157 GLN A CB  1 
ATOM   945  C CG  . GLN A 1 118 ? 7.678   -3.128  -10.780 1.00 46.78 ? 157 GLN A CG  1 
ATOM   946  C CD  . GLN A 1 118 ? 7.822   -2.755  -12.234 1.00 50.63 ? 157 GLN A CD  1 
ATOM   947  O OE1 . GLN A 1 118 ? 6.866   -2.697  -13.008 1.00 56.33 ? 157 GLN A OE1 1 
ATOM   948  N NE2 . GLN A 1 118 ? 9.057   -2.503  -12.621 1.00 58.27 ? 157 GLN A NE2 1 
ATOM   949  N N   . ILE A 1 119 ? 4.118   -3.980  -8.316  1.00 33.83 ? 158 ILE A N   1 
ATOM   950  C CA  . ILE A 1 119 ? 2.699   -4.323  -8.050  1.00 29.75 ? 158 ILE A CA  1 
ATOM   951  C C   . ILE A 1 119 ? 1.858   -3.711  -9.171  1.00 26.84 ? 158 ILE A C   1 
ATOM   952  O O   . ILE A 1 119 ? 1.910   -2.495  -9.355  1.00 24.72 ? 158 ILE A O   1 
ATOM   953  C CB  . ILE A 1 119 ? 2.243   -3.835  -6.662  1.00 33.08 ? 158 ILE A CB  1 
ATOM   954  C CG1 . ILE A 1 119 ? 3.050   -4.468  -5.524  1.00 35.90 ? 158 ILE A CG1 1 
ATOM   955  C CG2 . ILE A 1 119 ? 0.754   -4.049  -6.488  1.00 31.66 ? 158 ILE A CG2 1 
ATOM   956  C CD1 . ILE A 1 119 ? 2.817   -5.938  -5.326  1.00 39.25 ? 158 ILE A CD1 1 
ATOM   957  N N   . MET A 1 120 ? 1.111   -4.536  -9.894  1.00 27.81 ? 159 MET A N   1 
ATOM   958  C CA  . MET A 1 120 ? 0.249   -4.035  -10.994 1.00 32.92 ? 159 MET A CA  1 
ATOM   959  C C   . MET A 1 120 ? -1.072  -3.512  -10.411 1.00 27.34 ? 159 MET A C   1 
ATOM   960  O O   . MET A 1 120 ? -1.730  -4.258  -9.688  1.00 28.25 ? 159 MET A O   1 
ATOM   961  C CB  . MET A 1 120 ? -0.070  -5.113  -12.034 1.00 38.95 ? 159 MET A CB  1 
ATOM   962  C CG  . MET A 1 120 ? -1.003  -4.563  -13.097 1.00 46.36 ? 159 MET A CG  1 
ATOM   963  S SD  . MET A 1 120 ? -0.383  -4.828  -14.752 1.00 64.66 ? 159 MET A SD  1 
ATOM   964  C CE  . MET A 1 120 ? -1.145  -6.427  -15.035 1.00 65.61 ? 159 MET A CE  1 
ATOM   965  N N   . LEU A 1 121 ? -1.467  -2.288  -10.756 1.00 26.50 ? 160 LEU A N   1 
ATOM   966  C CA  . LEU A 1 121 ? -2.786  -1.746  -10.342 1.00 26.88 ? 160 LEU A CA  1 
ATOM   967  C C   . LEU A 1 121 ? -3.458  -1.174  -11.584 1.00 30.39 ? 160 LEU A C   1 
ATOM   968  O O   . LEU A 1 121 ? -2.733  -0.795  -12.514 1.00 32.84 ? 160 LEU A O   1 
ATOM   969  C CB  . LEU A 1 121 ? -2.585  -0.656  -9.278  1.00 25.29 ? 160 LEU A CB  1 
ATOM   970  C CG  . LEU A 1 121 ? -1.857  -1.072  -7.994  1.00 23.65 ? 160 LEU A CG  1 
ATOM   971  C CD1 . LEU A 1 121 ? -1.633  0.138   -7.116  1.00 24.30 ? 160 LEU A CD1 1 
ATOM   972  C CD2 . LEU A 1 121 ? -2.626  -2.127  -7.218  1.00 23.75 ? 160 LEU A CD2 1 
ATOM   973  N N   . ASN A 1 122 ? -4.785  -1.091  -11.575 1.00 27.99 ? 161 ASN A N   1 
ATOM   974  C CA  . ASN A 1 122 ? -5.575  -0.471  -12.662 1.00 30.58 ? 161 ASN A CA  1 
ATOM   975  C C   . ASN A 1 122 ? -5.723  1.032   -12.378 1.00 28.37 ? 161 ASN A C   1 
ATOM   976  O O   . ASN A 1 122 ? -6.228  1.383   -11.331 1.00 26.01 ? 161 ASN A O   1 
ATOM   977  C CB  . ASN A 1 122 ? -6.904  -1.199  -12.819 1.00 29.93 ? 161 ASN A CB  1 
ATOM   978  C CG  . ASN A 1 122 ? -6.693  -2.640  -13.231 1.00 33.42 ? 161 ASN A CG  1 
ATOM   979  O OD1 . ASN A 1 122 ? -5.767  -2.935  -13.969 1.00 36.88 ? 161 ASN A OD1 1 
ATOM   980  N ND2 . ASN A 1 122 ? -7.520  -3.536  -12.739 1.00 33.28 ? 161 ASN A ND2 1 
ATOM   981  N N   . SER A 1 123 ? -5.360  1.891   -13.328 1.00 29.71 ? 162 SER A N   1 
ATOM   982  C CA  . SER A 1 123 ? -5.578  3.347   -13.225 1.00 31.40 ? 162 SER A CA  1 
ATOM   983  C C   . SER A 1 123 ? -7.071  3.603   -13.006 1.00 29.38 ? 162 SER A C   1 
ATOM   984  O O   . SER A 1 123 ? -7.921  2.811   -13.502 1.00 28.82 ? 162 SER A O   1 
ATOM   985  C CB  . SER A 1 123 ? -5.066  4.072   -14.423 1.00 36.83 ? 162 SER A CB  1 
ATOM   986  O OG  . SER A 1 123 ? -5.536  3.419   -15.581 1.00 42.87 ? 162 SER A OG  1 
ATOM   987  N N   . LEU A 1 124 ? -7.352  4.636   -12.228 1.00 26.46 ? 163 LEU A N   1 
ATOM   988  C CA  . LEU A 1 124 ? -8.708  5.149   -11.908 1.00 27.63 ? 163 LEU A CA  1 
ATOM   989  C C   . LEU A 1 124 ? -9.485  4.113   -11.088 1.00 26.43 ? 163 LEU A C   1 
ATOM   990  O O   . LEU A 1 124 ? -10.703 4.281   -10.914 1.00 24.90 ? 163 LEU A O   1 
ATOM   991  C CB  . LEU A 1 124 ? -9.399  5.559   -13.220 1.00 28.79 ? 163 LEU A CB  1 
ATOM   992  C CG  . LEU A 1 124 ? -8.621  6.597   -14.034 1.00 29.62 ? 163 LEU A CG  1 
ATOM   993  C CD1 . LEU A 1 124 ? -9.398  7.040   -15.265 1.00 32.20 ? 163 LEU A CD1 1 
ATOM   994  C CD2 . LEU A 1 124 ? -8.256  7.808   -13.194 1.00 26.80 ? 163 LEU A CD2 1 
ATOM   995  N N   . HIS A 1 125 ? -8.780  3.187   -10.433 1.00 25.95 ? 164 HIS A N   1 
ATOM   996  C CA  . HIS A 1 125 ? -9.367  2.295   -9.398  1.00 24.93 ? 164 HIS A CA  1 
ATOM   997  C C   . HIS A 1 125 ? -8.736  2.594   -8.044  1.00 24.36 ? 164 HIS A C   1 
ATOM   998  O O   . HIS A 1 125 ? -7.496  2.932   -7.996  1.00 23.28 ? 164 HIS A O   1 
ATOM   999  C CB  . HIS A 1 125 ? -9.190  0.821   -9.741  1.00 25.42 ? 164 HIS A CB  1 
ATOM   1000 C CG  . HIS A 1 125 ? -9.892  0.379   -10.971 1.00 28.79 ? 164 HIS A CG  1 
ATOM   1001 N ND1 . HIS A 1 125 ? -9.555  0.849   -12.209 1.00 28.29 ? 164 HIS A ND1 1 
ATOM   1002 C CD2 . HIS A 1 125 ? -10.893 -0.523  -11.146 1.00 30.37 ? 164 HIS A CD2 1 
ATOM   1003 C CE1 . HIS A 1 125 ? -10.335 0.275   -13.108 1.00 29.28 ? 164 HIS A CE1 1 
ATOM   1004 N NE2 . HIS A 1 125 ? -11.161 -0.568  -12.482 1.00 28.01 ? 164 HIS A NE2 1 
ATOM   1005 N N   . LYS A 1 126 ? -9.542  2.425   -6.997  1.00 22.35 ? 165 LYS A N   1 
ATOM   1006 C CA  . LYS A 1 126 ? -9.161  2.747   -5.607  1.00 23.49 ? 165 LYS A CA  1 
ATOM   1007 C C   . LYS A 1 126 ? -8.702  1.468   -4.905  1.00 24.42 ? 165 LYS A C   1 
ATOM   1008 O O   . LYS A 1 126 ? -9.367  0.420   -5.048  1.00 23.99 ? 165 LYS A O   1 
ATOM   1009 C CB  . LYS A 1 126 ? -10.338 3.359   -4.869  1.00 25.92 ? 165 LYS A CB  1 
ATOM   1010 C CG  . LYS A 1 126 ? -10.102 3.639   -3.395  1.00 28.79 ? 165 LYS A CG  1 
ATOM   1011 C CD  . LYS A 1 126 ? -11.279 4.295   -2.713  1.00 31.59 ? 165 LYS A CD  1 
ATOM   1012 C CE  . LYS A 1 126 ? -11.598 5.652   -3.311  1.00 36.81 ? 165 LYS A CE  1 
ATOM   1013 N NZ  . LYS A 1 126 ? -12.341 6.523   -2.366  1.00 39.81 ? 165 LYS A NZ  1 
ATOM   1014 N N   . TYR A 1 127 ? -7.583  1.557   -4.195  1.00 22.71 ? 166 TYR A N   1 
ATOM   1015 C CA  . TYR A 1 127 ? -6.938  0.410   -3.506  1.00 23.38 ? 166 TYR A CA  1 
ATOM   1016 C C   . TYR A 1 127 ? -6.733  0.741   -2.033  1.00 24.74 ? 166 TYR A C   1 
ATOM   1017 O O   . TYR A 1 127 ? -6.545  1.930   -1.689  1.00 24.91 ? 166 TYR A O   1 
ATOM   1018 C CB  . TYR A 1 127 ? -5.612  0.067   -4.173  1.00 22.08 ? 166 TYR A CB  1 
ATOM   1019 C CG  . TYR A 1 127 ? -5.805  -0.477  -5.568  1.00 23.38 ? 166 TYR A CG  1 
ATOM   1020 C CD1 . TYR A 1 127 ? -6.167  -1.801  -5.754  1.00 21.85 ? 166 TYR A CD1 1 
ATOM   1021 C CD2 . TYR A 1 127 ? -5.746  0.349   -6.678  1.00 21.93 ? 166 TYR A CD2 1 
ATOM   1022 C CE1 . TYR A 1 127 ? -6.384  -2.315  -7.019  1.00 24.99 ? 166 TYR A CE1 1 
ATOM   1023 C CE2 . TYR A 1 127 ? -5.952  -0.153  -7.954  1.00 24.34 ? 166 TYR A CE2 1 
ATOM   1024 C CZ  . TYR A 1 127 ? -6.289  -1.488  -8.125  1.00 24.84 ? 166 TYR A CZ  1 
ATOM   1025 O OH  . TYR A 1 127 ? -6.490  -2.026  -9.376  1.00 26.58 ? 166 TYR A OH  1 
ATOM   1026 N N   . GLU A 1 128 ? -6.663  -0.313  -1.222  1.00 24.21 ? 167 GLU A N   1 
ATOM   1027 C CA  . GLU A 1 128 ? -6.340  -0.235  0.223   1.00 25.83 ? 167 GLU A CA  1 
ATOM   1028 C C   . GLU A 1 128 ? -5.179  -1.187  0.510   1.00 25.11 ? 167 GLU A C   1 
ATOM   1029 O O   . GLU A 1 128 ? -5.291  -2.417  0.353   1.00 24.59 ? 167 GLU A O   1 
ATOM   1030 C CB  . GLU A 1 128 ? -7.538  -0.632  1.071   1.00 29.25 ? 167 GLU A CB  1 
ATOM   1031 C CG  . GLU A 1 128 ? -7.329  -0.343  2.552   1.00 31.84 ? 167 GLU A CG  1 
ATOM   1032 C CD  . GLU A 1 128 ? -8.596  -0.584  3.346   1.00 38.53 ? 167 GLU A CD  1 
ATOM   1033 O OE1 . GLU A 1 128 ? -8.995  -1.759  3.432   1.00 40.45 ? 167 GLU A OE1 1 
ATOM   1034 O OE2 . GLU A 1 128 ? -9.225  0.391   3.795   1.00 44.15 ? 167 GLU A OE2 1 
ATOM   1035 N N   . PRO A 1 129 ? -4.024  -0.628  0.906   1.00 24.29 ? 168 PRO A N   1 
ATOM   1036 C CA  . PRO A 1 129 ? -2.878  -1.433  1.317   1.00 22.81 ? 168 PRO A CA  1 
ATOM   1037 C C   . PRO A 1 129 ? -3.203  -2.362  2.486   1.00 22.65 ? 168 PRO A C   1 
ATOM   1038 O O   . PRO A 1 129 ? -3.987  -1.991  3.372   1.00 24.09 ? 168 PRO A O   1 
ATOM   1039 C CB  . PRO A 1 129 ? -1.865  -0.382  1.741   1.00 24.61 ? 168 PRO A CB  1 
ATOM   1040 C CG  . PRO A 1 129 ? -2.198  0.789   0.866   1.00 23.29 ? 168 PRO A CG  1 
ATOM   1041 C CD  . PRO A 1 129 ? -3.705  0.803   0.833   1.00 24.25 ? 168 PRO A CD  1 
ATOM   1042 N N   . ARG A 1 130 ? -2.595  -3.546  2.434   1.00 22.07 ? 169 ARG A N   1 
ATOM   1043 C CA  . ARG A 1 130 ? -2.817  -4.633  3.408   1.00 23.05 ? 169 ARG A CA  1 
ATOM   1044 C C   . ARG A 1 130 ? -1.466  -5.291  3.680   1.00 24.03 ? 169 ARG A C   1 
ATOM   1045 O O   . ARG A 1 130 ? -0.790  -5.687  2.742   1.00 25.41 ? 169 ARG A O   1 
ATOM   1046 C CB  . ARG A 1 130 ? -3.858  -5.612  2.869   1.00 22.91 ? 169 ARG A CB  1 
ATOM   1047 C CG  . ARG A 1 130 ? -4.170  -6.767  3.807   1.00 25.44 ? 169 ARG A CG  1 
ATOM   1048 C CD  . ARG A 1 130 ? -5.291  -7.642  3.281   1.00 26.71 ? 169 ARG A CD  1 
ATOM   1049 N NE  . ARG A 1 130 ? -5.096  -8.212  1.950   1.00 25.73 ? 169 ARG A NE  1 
ATOM   1050 C CZ  . ARG A 1 130 ? -5.908  -9.086  1.376   1.00 28.32 ? 169 ARG A CZ  1 
ATOM   1051 N NH1 . ARG A 1 130 ? -7.023  -9.438  1.976   1.00 26.16 ? 169 ARG A NH1 1 
ATOM   1052 N NH2 . ARG A 1 130 ? -5.644  -9.576  0.176   1.00 29.93 ? 169 ARG A NH2 1 
ATOM   1053 N N   . ILE A 1 131 ? -1.112  -5.404  4.943   1.00 24.09 ? 170 ILE A N   1 
ATOM   1054 C CA  . ILE A 1 131 ? 0.140   -6.069  5.362   1.00 24.16 ? 170 ILE A CA  1 
ATOM   1055 C C   . ILE A 1 131 ? -0.238  -7.398  6.002   1.00 23.20 ? 170 ILE A C   1 
ATOM   1056 O O   . ILE A 1 131 ? -1.144  -7.412  6.850   1.00 23.35 ? 170 ILE A O   1 
ATOM   1057 C CB  . ILE A 1 131 ? 0.902   -5.169  6.339   1.00 26.90 ? 170 ILE A CB  1 
ATOM   1058 C CG1 . ILE A 1 131 ? 1.380   -3.904  5.617   1.00 29.45 ? 170 ILE A CG1 1 
ATOM   1059 C CG2 . ILE A 1 131 ? 2.037   -5.939  7.010   1.00 27.13 ? 170 ILE A CG2 1 
ATOM   1060 C CD1 . ILE A 1 131 ? 1.990   -2.872  6.562   1.00 31.95 ? 170 ILE A CD1 1 
ATOM   1061 N N   . HIS A 1 132 ? 0.459   -8.450  5.591   1.00 21.58 ? 171 HIS A N   1 
ATOM   1062 C CA  . HIS A 1 132 ? 0.405   -9.797  6.175   1.00 21.61 ? 171 HIS A CA  1 
ATOM   1063 C C   . HIS A 1 132 ? 1.699   -10.087 6.932   1.00 23.14 ? 171 HIS A C   1 
ATOM   1064 O O   . HIS A 1 132 ? 2.808   -9.819  6.377   1.00 24.12 ? 171 HIS A O   1 
ATOM   1065 C CB  . HIS A 1 132 ? 0.192   -10.812 5.074   1.00 23.68 ? 171 HIS A CB  1 
ATOM   1066 C CG  . HIS A 1 132 ? -0.852  -10.416 4.098   1.00 26.22 ? 171 HIS A CG  1 
ATOM   1067 N ND1 . HIS A 1 132 ? -2.135  -10.895 4.177   1.00 29.46 ? 171 HIS A ND1 1 
ATOM   1068 C CD2 . HIS A 1 132 ? -0.813  -9.603  3.027   1.00 28.47 ? 171 HIS A CD2 1 
ATOM   1069 C CE1 . HIS A 1 132 ? -2.854  -10.396 3.194   1.00 30.25 ? 171 HIS A CE1 1 
ATOM   1070 N NE2 . HIS A 1 132 ? -2.071  -9.601  2.483   1.00 28.48 ? 171 HIS A NE2 1 
ATOM   1071 N N   . ILE A 1 133 ? 1.552   -10.704 8.098   1.00 21.40 ? 172 ILE A N   1 
ATOM   1072 C CA  . ILE A 1 133 ? 2.677   -11.296 8.867   1.00 21.04 ? 172 ILE A CA  1 
ATOM   1073 C C   . ILE A 1 133 ? 2.525   -12.817 8.812   1.00 23.41 ? 172 ILE A C   1 
ATOM   1074 O O   . ILE A 1 133 ? 1.479   -13.317 9.217   1.00 20.27 ? 172 ILE A O   1 
ATOM   1075 C CB  . ILE A 1 133 ? 2.713   -10.713 10.282  1.00 21.08 ? 172 ILE A CB  1 
ATOM   1076 C CG1 . ILE A 1 133 ? 2.807   -9.181  10.226  1.00 22.20 ? 172 ILE A CG1 1 
ATOM   1077 C CG2 . ILE A 1 133 ? 3.868   -11.340 11.053  1.00 22.10 ? 172 ILE A CG2 1 
ATOM   1078 C CD1 . ILE A 1 133 ? 2.720   -8.478  11.575  1.00 22.51 ? 172 ILE A CD1 1 
ATOM   1079 N N   . VAL A 1 134 ? 3.513   -13.484 8.235   1.00 23.49 ? 173 VAL A N   1 
ATOM   1080 C CA  . VAL A 1 134 ? 3.551   -14.956 8.016   1.00 26.96 ? 173 VAL A CA  1 
ATOM   1081 C C   . VAL A 1 134 ? 4.596   -15.527 8.968   1.00 25.68 ? 173 VAL A C   1 
ATOM   1082 O O   . VAL A 1 134 ? 5.769   -15.062 8.902   1.00 28.40 ? 173 VAL A O   1 
ATOM   1083 C CB  . VAL A 1 134 ? 3.930   -15.299 6.566   1.00 30.46 ? 173 VAL A CB  1 
ATOM   1084 C CG1 . VAL A 1 134 ? 3.957   -16.803 6.324   1.00 33.62 ? 173 VAL A CG1 1 
ATOM   1085 C CG2 . VAL A 1 134 ? 3.015   -14.642 5.569   1.00 31.07 ? 173 VAL A CG2 1 
ATOM   1086 N N   . ARG A 1 135 ? 4.200   -16.478 9.812   1.00 23.59 ? 174 ARG A N   1 
ATOM   1087 C CA  . ARG A 1 135 ? 5.137   -17.158 10.739  1.00 25.63 ? 174 ARG A CA  1 
ATOM   1088 C C   . ARG A 1 135 ? 5.947   -18.199 9.958   1.00 26.55 ? 174 ARG A C   1 
ATOM   1089 O O   . ARG A 1 135 ? 5.343   -19.027 9.263   1.00 27.88 ? 174 ARG A O   1 
ATOM   1090 C CB  . ARG A 1 135 ? 4.422   -17.819 11.909  1.00 26.25 ? 174 ARG A CB  1 
ATOM   1091 C CG  . ARG A 1 135 ? 5.394   -18.229 13.001  1.00 29.42 ? 174 ARG A CG  1 
ATOM   1092 C CD  . ARG A 1 135 ? 4.675   -18.403 14.314  1.00 37.41 ? 174 ARG A CD  1 
ATOM   1093 N NE  . ARG A 1 135 ? 3.541   -19.316 14.175  1.00 41.46 ? 174 ARG A NE  1 
ATOM   1094 C CZ  . ARG A 1 135 ? 2.465   -19.351 14.963  1.00 44.99 ? 174 ARG A CZ  1 
ATOM   1095 N NH1 . ARG A 1 135 ? 1.517   -20.257 14.753  1.00 43.16 ? 174 ARG A NH1 1 
ATOM   1096 N NH2 . ARG A 1 135 ? 2.320   -18.470 15.944  1.00 50.69 ? 174 ARG A NH2 1 
ATOM   1097 N N   . VAL A 1 136 ? 7.271   -18.144 10.076  1.00 25.64 ? 175 VAL A N   1 
ATOM   1098 C CA  . VAL A 1 136 ? 8.182   -19.057 9.345   1.00 24.69 ? 175 VAL A CA  1 
ATOM   1099 C C   . VAL A 1 136 ? 8.180   -20.425 10.021  1.00 23.51 ? 175 VAL A C   1 
ATOM   1100 O O   . VAL A 1 136 ? 8.173   -20.477 11.247  1.00 25.70 ? 175 VAL A O   1 
ATOM   1101 C CB  . VAL A 1 136 ? 9.583   -18.451 9.292   1.00 28.37 ? 175 VAL A CB  1 
ATOM   1102 C CG1 . VAL A 1 136 ? 10.600  -19.429 8.736   1.00 29.85 ? 175 VAL A CG1 1 
ATOM   1103 C CG2 . VAL A 1 136 ? 9.578   -17.144 8.518   1.00 29.39 ? 175 VAL A CG2 1 
ATOM   1104 N N   . GLY A 1 137 ? 8.201   -21.481 9.220   1.00 26.92 ? 176 GLY A N   1 
ATOM   1105 C CA  . GLY A 1 137 ? 8.422   -22.873 9.671   1.00 31.23 ? 176 GLY A CA  1 
ATOM   1106 C C   . GLY A 1 137 ? 7.233   -23.400 10.452  1.00 31.96 ? 176 GLY A C   1 
ATOM   1107 O O   . GLY A 1 137 ? 7.426   -24.219 11.369  1.00 34.60 ? 176 GLY A O   1 
ATOM   1108 N N   . ASP A 1 138 ? 6.041   -22.875 10.166  1.00 32.03 ? 177 ASP A N   1 
ATOM   1109 C CA  . ASP A 1 138 ? 4.800   -23.190 10.923  1.00 28.44 ? 177 ASP A CA  1 
ATOM   1110 C C   . ASP A 1 138 ? 4.000   -24.190 10.096  1.00 27.52 ? 177 ASP A C   1 
ATOM   1111 O O   . ASP A 1 138 ? 3.618   -23.868 8.975   1.00 25.31 ? 177 ASP A O   1 
ATOM   1112 C CB  . ASP A 1 138 ? 4.022   -21.903 11.183  1.00 27.73 ? 177 ASP A CB  1 
ATOM   1113 C CG  . ASP A 1 138 ? 2.724   -22.127 11.917  1.00 30.39 ? 177 ASP A CG  1 
ATOM   1114 O OD1 . ASP A 1 138 ? 2.457   -23.275 12.329  1.00 32.18 ? 177 ASP A OD1 1 
ATOM   1115 O OD2 . ASP A 1 138 ? 1.991   -21.172 12.047  1.00 31.87 ? 177 ASP A OD2 1 
ATOM   1116 N N   . PRO A 1 139 ? 3.750   -25.431 10.581  1.00 29.50 ? 178 PRO A N   1 
ATOM   1117 C CA  . PRO A 1 139 ? 2.954   -26.395 9.814   1.00 30.29 ? 178 PRO A CA  1 
ATOM   1118 C C   . PRO A 1 139 ? 1.512   -25.896 9.565   1.00 25.91 ? 178 PRO A C   1 
ATOM   1119 O O   . PRO A 1 139 ? 0.943   -26.291 8.590   1.00 26.71 ? 178 PRO A O   1 
ATOM   1120 C CB  . PRO A 1 139 ? 3.011   -27.694 10.642  1.00 32.74 ? 178 PRO A CB  1 
ATOM   1121 C CG  . PRO A 1 139 ? 3.421   -27.251 12.036  1.00 33.02 ? 178 PRO A CG  1 
ATOM   1122 C CD  . PRO A 1 139 ? 4.249   -25.996 11.845  1.00 31.28 ? 178 PRO A CD  1 
ATOM   1123 N N   . GLN A 1 140 ? 1.004   -24.960 10.376  1.00 24.14 ? 179 GLN A N   1 
ATOM   1124 C CA  . GLN A 1 140 ? -0.345  -24.356 10.212  1.00 25.26 ? 179 GLN A CA  1 
ATOM   1125 C C   . GLN A 1 140 ? -0.347  -23.118 9.306   1.00 25.13 ? 179 GLN A C   1 
ATOM   1126 O O   . GLN A 1 140 ? -1.444  -22.624 8.954   1.00 27.39 ? 179 GLN A O   1 
ATOM   1127 C CB  . GLN A 1 140 ? -0.917  -24.001 11.576  1.00 25.94 ? 179 GLN A CB  1 
ATOM   1128 C CG  . GLN A 1 140 ? -1.243  -25.231 12.404  1.00 30.94 ? 179 GLN A CG  1 
ATOM   1129 C CD  . GLN A 1 140 ? -2.029  -24.831 13.627  1.00 31.85 ? 179 GLN A CD  1 
ATOM   1130 O OE1 . GLN A 1 140 ? -3.168  -25.249 13.814  1.00 37.35 ? 179 GLN A OE1 1 
ATOM   1131 N NE2 . GLN A 1 140 ? -1.419  -24.009 14.469  1.00 28.10 ? 179 GLN A NE2 1 
ATOM   1132 N N   . ARG A 1 141 ? 0.845   -22.630 8.943   0.44 26.75 ? 180 ARG A N   1 
ATOM   1133 C CA  . ARG A 1 141 ? 1.052   -21.438 8.077   0.44 28.71 ? 180 ARG A CA  1 
ATOM   1134 C C   . ARG A 1 141 ? 0.297   -20.244 8.675   0.44 28.65 ? 180 ARG A C   1 
ATOM   1135 O O   . ARG A 1 141 ? -0.476  -19.604 7.935   0.44 28.64 ? 180 ARG A O   1 
ATOM   1136 C CB  . ARG A 1 141 ? 0.596   -21.713 6.640   0.44 31.36 ? 180 ARG A CB  1 
ATOM   1137 C CG  . ARG A 1 141 ? 1.400   -22.774 5.904   0.44 34.56 ? 180 ARG A CG  1 
ATOM   1138 C CD  . ARG A 1 141 ? 1.378   -22.557 4.399   0.44 37.15 ? 180 ARG A CD  1 
ATOM   1139 N NE  . ARG A 1 141 ? 0.297   -23.278 3.738   0.44 40.18 ? 180 ARG A NE  1 
ATOM   1140 C CZ  . ARG A 1 141 ? 0.334   -24.564 3.394   0.44 41.89 ? 180 ARG A CZ  1 
ATOM   1141 N NH1 . ARG A 1 141 ? 1.406   -25.303 3.648   0.44 41.59 ? 180 ARG A NH1 1 
ATOM   1142 N NH2 . ARG A 1 141 ? -0.709  -25.112 2.791   0.44 42.53 ? 180 ARG A NH2 1 
ATOM   1143 N N   . MET A 1 142 ? 0.502   -19.965 9.966   0.44 29.76 ? 181 MET A N   1 
ATOM   1144 C CA  . MET A 1 142 ? -0.193  -18.856 10.671  0.44 31.19 ? 181 MET A CA  1 
ATOM   1145 C C   . MET A 1 142 ? 0.093   -17.552 9.922   0.44 30.25 ? 181 MET A C   1 
ATOM   1146 O O   . MET A 1 142 ? 1.278   -17.253 9.671   0.44 29.41 ? 181 MET A O   1 
ATOM   1147 C CB  . MET A 1 142 ? 0.251   -18.697 12.126  0.44 32.26 ? 181 MET A CB  1 
ATOM   1148 C CG  . MET A 1 142 ? -0.369  -17.479 12.792  0.44 34.34 ? 181 MET A CG  1 
ATOM   1149 S SD  . MET A 1 142 ? -0.214  -17.502 14.584  0.44 36.70 ? 181 MET A SD  1 
ATOM   1150 C CE  . MET A 1 142 ? -1.288  -16.140 15.035  0.44 35.11 ? 181 MET A CE  1 
ATOM   1151 N N   . ILE A 1 143 ? -0.968  -16.815 9.595   0.44 29.08 ? 182 ILE A N   1 
ATOM   1152 C CA  . ILE A 1 143 ? -0.910  -15.505 8.889   0.44 29.00 ? 182 ILE A CA  1 
ATOM   1153 C C   . ILE A 1 143 ? -1.937  -14.581 9.548   0.44 29.20 ? 182 ILE A C   1 
ATOM   1154 O O   . ILE A 1 143 ? -3.052  -15.053 9.807   0.44 29.43 ? 182 ILE A O   1 
ATOM   1155 C CB  . ILE A 1 143 ? -1.160  -15.702 7.380   0.44 28.46 ? 182 ILE A CB  1 
ATOM   1156 C CG1 . ILE A 1 143 ? -0.995  -14.401 6.591   0.44 28.81 ? 182 ILE A CG1 1 
ATOM   1157 C CG2 . ILE A 1 143 ? -2.513  -16.348 7.116   0.44 29.31 ? 182 ILE A CG2 1 
ATOM   1158 C CD1 . ILE A 1 143 ? -0.853  -14.615 5.098   0.44 29.09 ? 182 ILE A CD1 1 
ATOM   1159 N N   . THR A 1 144 ? -1.553  -13.337 9.846   0.44 29.38 ? 183 THR A N   1 
ATOM   1160 C CA  . THR A 1 144 ? -2.461  -12.265 10.337  0.44 29.51 ? 183 THR A CA  1 
ATOM   1161 C C   . THR A 1 144 ? -2.312  -11.053 9.415   0.44 28.88 ? 183 THR A C   1 
ATOM   1162 O O   . THR A 1 144 ? -1.173  -10.558 9.272   0.44 28.76 ? 183 THR A O   1 
ATOM   1163 C CB  . THR A 1 144 ? -2.242  -11.930 11.821  0.44 30.73 ? 183 THR A CB  1 
ATOM   1164 O OG1 . THR A 1 144 ? -2.527  -10.547 12.038  0.44 32.74 ? 183 THR A OG1 1 
ATOM   1165 C CG2 . THR A 1 144 ? -0.846  -12.228 12.315  0.44 31.11 ? 183 THR A CG2 1 
ATOM   1166 N N   . SER A 1 145 ? -3.422  -10.627 8.803   0.44 26.65 ? 184 SER A N   1 
ATOM   1167 C CA  . SER A 1 145 ? -3.491  -9.503  7.837   0.44 26.45 ? 184 SER A CA  1 
ATOM   1168 C C   . SER A 1 145 ? -4.167  -8.292  8.487   0.44 25.59 ? 184 SER A C   1 
ATOM   1169 O O   . SER A 1 145 ? -5.169  -8.479  9.214   0.44 23.93 ? 184 SER A O   1 
ATOM   1170 C CB  . SER A 1 145 ? -4.202  -9.916  6.583   0.44 26.67 ? 184 SER A CB  1 
ATOM   1171 O OG  . SER A 1 145 ? -3.685  -11.143 6.096   0.44 27.36 ? 184 SER A OG  1 
ATOM   1172 N N   . HIS A 1 146 ? -3.625  -7.101  8.223   0.44 24.62 ? 185 HIS A N   1 
ATOM   1173 C CA  . HIS A 1 146 ? -4.154  -5.793  8.683   0.44 24.61 ? 185 HIS A CA  1 
ATOM   1174 C C   . HIS A 1 146 ? -4.345  -4.889  7.463   0.44 23.56 ? 185 HIS A C   1 
ATOM   1175 O O   . HIS A 1 146 ? -3.436  -4.861  6.616   0.44 22.18 ? 185 HIS A O   1 
ATOM   1176 C CB  . HIS A 1 146 ? -3.204  -5.156  9.702   0.44 26.47 ? 185 HIS A CB  1 
ATOM   1177 C CG  . HIS A 1 146 ? -3.299  -5.733  11.076  0.44 28.10 ? 185 HIS A CG  1 
ATOM   1178 N ND1 . HIS A 1 146 ? -2.607  -6.868  11.442  0.44 27.69 ? 185 HIS A ND1 1 
ATOM   1179 C CD2 . HIS A 1 146 ? -3.967  -5.316  12.178  0.44 27.90 ? 185 HIS A CD2 1 
ATOM   1180 C CE1 . HIS A 1 146 ? -2.857  -7.142  12.706  0.44 29.15 ? 185 HIS A CE1 1 
ATOM   1181 N NE2 . HIS A 1 146 ? -3.696  -6.207  13.182  0.44 29.41 ? 185 HIS A NE2 1 
ATOM   1182 N N   . CYS A 1 147 ? -5.486  -4.199  7.390   1.00 21.58 ? 186 CYS A N   1 
ATOM   1183 C CA  . CYS A 1 147 ? -5.767  -3.168  6.366   1.00 24.65 ? 186 CYS A CA  1 
ATOM   1184 C C   . CYS A 1 147 ? -5.565  -1.789  6.995   1.00 25.88 ? 186 CYS A C   1 
ATOM   1185 O O   . CYS A 1 147 ? -5.686  -1.677  8.226   1.00 23.22 ? 186 CYS A O   1 
ATOM   1186 C CB  . CYS A 1 147 ? -7.181  -3.311  5.825   1.00 28.77 ? 186 CYS A CB  1 
ATOM   1187 S SG  . CYS A 1 147 ? -7.443  -4.913  5.022   1.00 37.83 ? 186 CYS A SG  1 
ATOM   1188 N N   . PHE A 1 148 ? -5.253  -0.787  6.176   1.00 25.09 ? 187 PHE A N   1 
ATOM   1189 C CA  . PHE A 1 148 ? -4.871  0.571   6.634   1.00 25.31 ? 187 PHE A CA  1 
ATOM   1190 C C   . PHE A 1 148 ? -5.758  1.566   5.898   1.00 27.73 ? 187 PHE A C   1 
ATOM   1191 O O   . PHE A 1 148 ? -5.386  2.047   4.837   1.00 26.45 ? 187 PHE A O   1 
ATOM   1192 C CB  . PHE A 1 148 ? -3.387  0.797   6.375   1.00 24.22 ? 187 PHE A CB  1 
ATOM   1193 C CG  . PHE A 1 148 ? -2.556  -0.128  7.204   1.00 24.52 ? 187 PHE A CG  1 
ATOM   1194 C CD1 . PHE A 1 148 ? -2.352  0.135   8.548   1.00 23.86 ? 187 PHE A CD1 1 
ATOM   1195 C CD2 . PHE A 1 148 ? -2.155  -1.354  6.680   1.00 26.54 ? 187 PHE A CD2 1 
ATOM   1196 C CE1 . PHE A 1 148 ? -1.676  -0.779  9.338   1.00 24.79 ? 187 PHE A CE1 1 
ATOM   1197 C CE2 . PHE A 1 148 ? -1.451  -2.251  7.470   1.00 25.36 ? 187 PHE A CE2 1 
ATOM   1198 C CZ  . PHE A 1 148 ? -1.235  -1.965  8.799   1.00 23.54 ? 187 PHE A CZ  1 
ATOM   1199 N N   . PRO A 1 149 ? -6.964  1.856   6.418   1.00 30.72 ? 188 PRO A N   1 
ATOM   1200 C CA  . PRO A 1 149 ? -7.953  2.627   5.666   1.00 29.40 ? 188 PRO A CA  1 
ATOM   1201 C C   . PRO A 1 149 ? -7.474  4.062   5.403   1.00 28.36 ? 188 PRO A C   1 
ATOM   1202 O O   . PRO A 1 149 ? -7.909  4.613   4.411   1.00 27.40 ? 188 PRO A O   1 
ATOM   1203 C CB  . PRO A 1 149 ? -9.196  2.625   6.574   1.00 30.57 ? 188 PRO A CB  1 
ATOM   1204 C CG  . PRO A 1 149 ? -8.640  2.383   7.958   1.00 34.75 ? 188 PRO A CG  1 
ATOM   1205 C CD  . PRO A 1 149 ? -7.442  1.471   7.760   1.00 33.35 ? 188 PRO A CD  1 
ATOM   1206 N N   . GLU A 1 150 ? -6.624  4.607   6.286   1.00 28.53 ? 189 GLU A N   1 
ATOM   1207 C CA  . GLU A 1 150 ? -5.988  5.944   6.147   1.00 28.12 ? 189 GLU A CA  1 
ATOM   1208 C C   . GLU A 1 150 ? -5.138  6.021   4.873   1.00 26.01 ? 189 GLU A C   1 
ATOM   1209 O O   . GLU A 1 150 ? -4.854  7.130   4.429   1.00 27.20 ? 189 GLU A O   1 
ATOM   1210 C CB  . GLU A 1 150 ? -5.090  6.250   7.340   1.00 33.24 ? 189 GLU A CB  1 
ATOM   1211 C CG  . GLU A 1 150 ? -5.818  6.245   8.673   1.00 34.59 ? 189 GLU A CG  1 
ATOM   1212 C CD  . GLU A 1 150 ? -5.635  4.972   9.491   1.00 37.23 ? 189 GLU A CD  1 
ATOM   1213 O OE1 . GLU A 1 150 ? -5.680  5.093   10.726  1.00 40.57 ? 189 GLU A OE1 1 
ATOM   1214 O OE2 . GLU A 1 150 ? -5.399  3.875   8.901   1.00 35.10 ? 189 GLU A OE2 1 
ATOM   1215 N N   . THR A 1 151 ? -4.729  4.884   4.306   1.00 24.31 ? 190 THR A N   1 
ATOM   1216 C CA  . THR A 1 151 ? -3.739  4.824   3.210   1.00 21.58 ? 190 THR A CA  1 
ATOM   1217 C C   . THR A 1 151 ? -4.436  4.522   1.882   1.00 21.70 ? 190 THR A C   1 
ATOM   1218 O O   . THR A 1 151 ? -3.731  4.370   0.896   1.00 23.20 ? 190 THR A O   1 
ATOM   1219 C CB  . THR A 1 151 ? -2.655  3.794   3.529   1.00 21.06 ? 190 THR A CB  1 
ATOM   1220 O OG1 . THR A 1 151 ? -3.197  2.478   3.480   1.00 21.65 ? 190 THR A OG1 1 
ATOM   1221 C CG2 . THR A 1 151 ? -2.044  4.005   4.896   1.00 20.56 ? 190 THR A CG2 1 
ATOM   1222 N N   . GLN A 1 152 ? -5.767  4.505   1.831   1.00 22.84 ? 191 GLN A N   1 
ATOM   1223 C CA  . GLN A 1 152 ? -6.514  4.287   0.564   1.00 23.02 ? 191 GLN A CA  1 
ATOM   1224 C C   . GLN A 1 152 ? -6.081  5.312   -0.490  1.00 22.23 ? 191 GLN A C   1 
ATOM   1225 O O   . GLN A 1 152 ? -5.930  6.490   -0.152  1.00 22.19 ? 191 GLN A O   1 
ATOM   1226 C CB  . GLN A 1 152 ? -8.004  4.460   0.795   1.00 26.70 ? 191 GLN A CB  1 
ATOM   1227 C CG  . GLN A 1 152 ? -8.662  3.223   1.369   1.00 31.50 ? 191 GLN A CG  1 
ATOM   1228 C CD  . GLN A 1 152 ? -10.056 3.553   1.819   1.00 36.90 ? 191 GLN A CD  1 
ATOM   1229 O OE1 . GLN A 1 152 ? -10.513 4.689   1.690   1.00 40.36 ? 191 GLN A OE1 1 
ATOM   1230 N NE2 . GLN A 1 152 ? -10.729 2.556   2.362   1.00 43.05 ? 191 GLN A NE2 1 
ATOM   1231 N N   . PHE A 1 153 ? -5.945  4.906   -1.741  1.00 21.46 ? 192 PHE A N   1 
ATOM   1232 C CA  . PHE A 1 153 ? -5.616  5.856   -2.828  1.00 21.39 ? 192 PHE A CA  1 
ATOM   1233 C C   . PHE A 1 153 ? -6.220  5.415   -4.139  1.00 21.67 ? 192 PHE A C   1 
ATOM   1234 O O   . PHE A 1 153 ? -6.541  4.200   -4.306  1.00 20.56 ? 192 PHE A O   1 
ATOM   1235 C CB  . PHE A 1 153 ? -4.106  5.974   -2.995  1.00 20.87 ? 192 PHE A CB  1 
ATOM   1236 C CG  . PHE A 1 153 ? -3.445  4.680   -3.350  1.00 22.21 ? 192 PHE A CG  1 
ATOM   1237 C CD1 . PHE A 1 153 ? -3.267  4.332   -4.677  1.00 22.53 ? 192 PHE A CD1 1 
ATOM   1238 C CD2 . PHE A 1 153 ? -3.021  3.806   -2.360  1.00 21.35 ? 192 PHE A CD2 1 
ATOM   1239 C CE1 . PHE A 1 153 ? -2.643  3.143   -5.014  1.00 22.48 ? 192 PHE A CE1 1 
ATOM   1240 C CE2 . PHE A 1 153 ? -2.388  2.624   -2.696  1.00 20.19 ? 192 PHE A CE2 1 
ATOM   1241 C CZ  . PHE A 1 153 ? -2.233  2.278   -4.023  1.00 22.51 ? 192 PHE A CZ  1 
ATOM   1242 N N   . ILE A 1 154 ? -6.306  6.357   -5.075  1.00 19.75 ? 193 ILE A N   1 
ATOM   1243 C CA  . ILE A 1 154 ? -6.637  5.992   -6.463  1.00 20.72 ? 193 ILE A CA  1 
ATOM   1244 C C   . ILE A 1 154 ? -5.329  5.910   -7.239  1.00 22.64 ? 193 ILE A C   1 
ATOM   1245 O O   . ILE A 1 154 ? -4.515  6.877   -7.152  1.00 24.77 ? 193 ILE A O   1 
ATOM   1246 C CB  . ILE A 1 154 ? -7.643  6.995   -7.039  1.00 23.85 ? 193 ILE A CB  1 
ATOM   1247 C CG1 . ILE A 1 154 ? -8.918  6.976   -6.190  1.00 25.92 ? 193 ILE A CG1 1 
ATOM   1248 C CG2 . ILE A 1 154 ? -7.890  6.680   -8.498  1.00 24.32 ? 193 ILE A CG2 1 
ATOM   1249 C CD1 . ILE A 1 154 ? -9.925  8.018   -6.584  1.00 27.57 ? 193 ILE A CD1 1 
ATOM   1250 N N   . ALA A 1 155 ? -5.136  4.822   -7.977  1.00 21.04 ? 194 ALA A N   1 
ATOM   1251 C CA  . ALA A 1 155 ? -4.010  4.646   -8.920  1.00 23.11 ? 194 ALA A CA  1 
ATOM   1252 C C   . ALA A 1 155 ? -4.265  5.550   -10.119 1.00 25.68 ? 194 ALA A C   1 
ATOM   1253 O O   . ALA A 1 155 ? -5.425  5.593   -10.572 1.00 27.81 ? 194 ALA A O   1 
ATOM   1254 C CB  . ALA A 1 155 ? -3.867  3.211   -9.330  1.00 24.73 ? 194 ALA A CB  1 
ATOM   1255 N N   . VAL A 1 156 ? -3.265  6.324   -10.540 1.00 22.59 ? 195 VAL A N   1 
ATOM   1256 C CA  . VAL A 1 156 ? -3.407  7.278   -11.681 1.00 25.62 ? 195 VAL A CA  1 
ATOM   1257 C C   . VAL A 1 156 ? -2.143  7.180   -12.558 1.00 27.19 ? 195 VAL A C   1 
ATOM   1258 O O   . VAL A 1 156 ? -1.045  6.939   -12.004 1.00 27.86 ? 195 VAL A O   1 
ATOM   1259 C CB  . VAL A 1 156 ? -3.676  8.722   -11.199 1.00 24.43 ? 195 VAL A CB  1 
ATOM   1260 C CG1 . VAL A 1 156 ? -4.981  8.847   -10.424 1.00 25.08 ? 195 VAL A CG1 1 
ATOM   1261 C CG2 . VAL A 1 156 ? -2.534  9.327   -10.391 1.00 25.78 ? 195 VAL A CG2 1 
ATOM   1262 N N   . THR A 1 157 ? -2.257  7.428   -13.865 1.00 29.57 ? 196 THR A N   1 
ATOM   1263 C CA  . THR A 1 157 ? -1.082  7.596   -14.767 1.00 29.09 ? 196 THR A CA  1 
ATOM   1264 C C   . THR A 1 157 ? -0.522  9.016   -14.593 1.00 28.61 ? 196 THR A C   1 
ATOM   1265 O O   . THR A 1 157 ? 0.602   9.262   -14.963 1.00 30.64 ? 196 THR A O   1 
ATOM   1266 C CB  . THR A 1 157 ? -1.440  7.299   -16.228 1.00 33.29 ? 196 THR A CB  1 
ATOM   1267 O OG1 . THR A 1 157 ? -2.461  8.219   -16.615 1.00 35.13 ? 196 THR A OG1 1 
ATOM   1268 C CG2 . THR A 1 157 ? -1.897  5.878   -16.452 1.00 34.26 ? 196 THR A CG2 1 
ATOM   1269 N N   . ALA A 1 158 ? -1.298  9.934   -14.044 1.00 28.40 ? 197 ALA A N   1 
ATOM   1270 C CA  . ALA A 1 158 ? -0.903  11.344  -13.847 1.00 28.78 ? 197 ALA A CA  1 
ATOM   1271 C C   . ALA A 1 158 ? -1.811  11.920  -12.771 1.00 27.18 ? 197 ALA A C   1 
ATOM   1272 O O   . ALA A 1 158 ? -2.977  11.498  -12.701 1.00 27.62 ? 197 ALA A O   1 
ATOM   1273 C CB  . ALA A 1 158 ? -0.997  12.130  -15.151 1.00 27.93 ? 197 ALA A CB  1 
ATOM   1274 N N   . TYR A 1 159 ? -1.333  12.878  -11.992 1.00 25.84 ? 198 TYR A N   1 
ATOM   1275 C CA  . TYR A 1 159 ? -2.165  13.470  -10.924 1.00 26.47 ? 198 TYR A CA  1 
ATOM   1276 C C   . TYR A 1 159 ? -3.355  14.164  -11.575 1.00 28.92 ? 198 TYR A C   1 
ATOM   1277 O O   . TYR A 1 159 ? -3.141  14.841  -12.590 1.00 25.23 ? 198 TYR A O   1 
ATOM   1278 C CB  . TYR A 1 159 ? -1.333  14.389  -10.034 1.00 28.88 ? 198 TYR A CB  1 
ATOM   1279 C CG  . TYR A 1 159 ? -0.350  13.627  -9.183  1.00 32.83 ? 198 TYR A CG  1 
ATOM   1280 C CD1 . TYR A 1 159 ? -0.767  12.528  -8.430  1.00 29.74 ? 198 TYR A CD1 1 
ATOM   1281 C CD2 . TYR A 1 159 ? 0.986   14.000  -9.125  1.00 33.06 ? 198 TYR A CD2 1 
ATOM   1282 C CE1 . TYR A 1 159 ? 0.117   11.814  -7.644  1.00 30.99 ? 198 TYR A CE1 1 
ATOM   1283 C CE2 . TYR A 1 159 ? 1.889   13.293  -8.343  1.00 36.17 ? 198 TYR A CE2 1 
ATOM   1284 C CZ  . TYR A 1 159 ? 1.452   12.200  -7.603  1.00 36.25 ? 198 TYR A CZ  1 
ATOM   1285 O OH  . TYR A 1 159 ? 2.326   11.510  -6.827  1.00 36.09 ? 198 TYR A OH  1 
ATOM   1286 N N   . GLN A 1 160 ? -4.550  13.961  -11.019 1.00 25.53 ? 199 GLN A N   1 
ATOM   1287 C CA  . GLN A 1 160 ? -5.783  14.686  -11.391 1.00 27.01 ? 199 GLN A CA  1 
ATOM   1288 C C   . GLN A 1 160 ? -5.942  15.940  -10.520 1.00 25.46 ? 199 GLN A C   1 
ATOM   1289 O O   . GLN A 1 160 ? -6.291  16.976  -11.054 1.00 28.03 ? 199 GLN A O   1 
ATOM   1290 C CB  . GLN A 1 160 ? -6.954  13.718  -11.256 1.00 29.42 ? 199 GLN A CB  1 
ATOM   1291 C CG  . GLN A 1 160 ? -6.750  12.413  -12.012 1.00 28.84 ? 199 GLN A CG  1 
ATOM   1292 C CD  . GLN A 1 160 ? -6.653  12.659  -13.490 1.00 32.70 ? 199 GLN A CD  1 
ATOM   1293 O OE1 . GLN A 1 160 ? -7.621  13.059  -14.122 1.00 31.23 ? 199 GLN A OE1 1 
ATOM   1294 N NE2 . GLN A 1 160 ? -5.476  12.414  -14.051 1.00 32.02 ? 199 GLN A NE2 1 
ATOM   1295 N N   . ASN A 1 161 ? -5.732  15.844  -9.210  1.00 24.20 ? 200 ASN A N   1 
ATOM   1296 C CA  . ASN A 1 161 ? -5.991  16.918  -8.226  1.00 25.81 ? 200 ASN A CA  1 
ATOM   1297 C C   . ASN A 1 161 ? -4.703  17.726  -8.065  1.00 28.08 ? 200 ASN A C   1 
ATOM   1298 O O   . ASN A 1 161 ? -3.719  17.166  -7.507  1.00 27.05 ? 200 ASN A O   1 
ATOM   1299 C CB  . ASN A 1 161 ? -6.512  16.304  -6.923  1.00 26.02 ? 200 ASN A CB  1 
ATOM   1300 C CG  . ASN A 1 161 ? -6.926  17.304  -5.881  1.00 25.06 ? 200 ASN A CG  1 
ATOM   1301 O OD1 . ASN A 1 161 ? -6.688  18.499  -6.035  1.00 28.33 ? 200 ASN A OD1 1 
ATOM   1302 N ND2 . ASN A 1 161 ? -7.550  16.822  -4.822  1.00 25.90 ? 200 ASN A ND2 1 
ATOM   1303 N N   . GLU A 1 162 ? -4.680  18.978  -8.552  1.00 28.76 ? 201 GLU A N   1 
ATOM   1304 C CA  . GLU A 1 162 ? -3.505  19.888  -8.394  1.00 30.22 ? 201 GLU A CA  1 
ATOM   1305 C C   . GLU A 1 162 ? -3.147  20.033  -6.909  1.00 26.83 ? 201 GLU A C   1 
ATOM   1306 O O   . GLU A 1 162 ? -1.979  20.238  -6.652  1.00 29.96 ? 201 GLU A O   1 
ATOM   1307 C CB  . GLU A 1 162 ? -3.712  21.270  -9.019  1.00 30.70 ? 201 GLU A CB  1 
ATOM   1308 C CG  . GLU A 1 162 ? -4.677  22.160  -8.243  1.00 35.23 ? 201 GLU A CG  1 
ATOM   1309 C CD  . GLU A 1 162 ? -6.150  21.776  -8.290  1.00 38.02 ? 201 GLU A CD  1 
ATOM   1310 O OE1 . GLU A 1 162 ? -6.906  22.207  -7.383  1.00 42.75 ? 201 GLU A OE1 1 
ATOM   1311 O OE2 . GLU A 1 162 ? -6.555  21.032  -9.226  1.00 43.31 ? 201 GLU A OE2 1 
ATOM   1312 N N   . GLU A 1 163 ? -4.092  19.919  -5.973  1.00 29.01 ? 202 GLU A N   1 
ATOM   1313 C CA  . GLU A 1 163 ? -3.783  19.954  -4.517  1.00 29.52 ? 202 GLU A CA  1 
ATOM   1314 C C   . GLU A 1 163 ? -2.935  18.731  -4.129  1.00 29.29 ? 202 GLU A C   1 
ATOM   1315 O O   . GLU A 1 163 ? -2.131  18.881  -3.195  1.00 26.67 ? 202 GLU A O   1 
ATOM   1316 C CB  . GLU A 1 163 ? -5.029  20.032  -3.636  1.00 33.72 ? 202 GLU A CB  1 
ATOM   1317 C CG  . GLU A 1 163 ? -5.762  21.351  -3.774  1.00 38.70 ? 202 GLU A CG  1 
ATOM   1318 C CD  . GLU A 1 163 ? -6.635  21.707  -2.589  1.00 42.28 ? 202 GLU A CD  1 
ATOM   1319 O OE1 . GLU A 1 163 ? -7.219  20.802  -1.990  1.00 48.47 ? 202 GLU A OE1 1 
ATOM   1320 O OE2 . GLU A 1 163 ? -6.740  22.901  -2.281  1.00 51.86 ? 202 GLU A OE2 1 
ATOM   1321 N N   . ILE A 1 164 ? -3.098  17.586  -4.805  1.00 26.63 ? 203 ILE A N   1 
ATOM   1322 C CA  . ILE A 1 164 ? -2.281  16.366  -4.533  1.00 27.20 ? 203 ILE A CA  1 
ATOM   1323 C C   . ILE A 1 164 ? -0.878  16.605  -5.078  1.00 28.04 ? 203 ILE A C   1 
ATOM   1324 O O   . ILE A 1 164 ? 0.095   16.317  -4.353  1.00 26.75 ? 203 ILE A O   1 
ATOM   1325 C CB  . ILE A 1 164 ? -2.921  15.082  -5.101  1.00 28.14 ? 203 ILE A CB  1 
ATOM   1326 C CG1 . ILE A 1 164 ? -4.105  14.612  -4.248  1.00 27.77 ? 203 ILE A CG1 1 
ATOM   1327 C CG2 . ILE A 1 164 ? -1.869  13.997  -5.288  1.00 28.39 ? 203 ILE A CG2 1 
ATOM   1328 C CD1 . ILE A 1 164 ? -3.730  14.167  -2.841  1.00 31.95 ? 203 ILE A CD1 1 
ATOM   1329 N N   . THR A 1 165 ? -0.766  17.108  -6.301  1.00 28.12 ? 204 THR A N   1 
ATOM   1330 C CA  . THR A 1 165 ? 0.534   17.424  -6.922  1.00 30.01 ? 204 THR A CA  1 
ATOM   1331 C C   . THR A 1 165 ? 1.319   18.307  -5.939  1.00 29.76 ? 204 THR A C   1 
ATOM   1332 O O   . THR A 1 165 ? 2.496   18.005  -5.665  1.00 31.39 ? 204 THR A O   1 
ATOM   1333 C CB  . THR A 1 165 ? 0.314   18.103  -8.272  1.00 33.40 ? 204 THR A CB  1 
ATOM   1334 O OG1 . THR A 1 165 ? -0.482  17.186  -9.017  1.00 32.64 ? 204 THR A OG1 1 
ATOM   1335 C CG2 . THR A 1 165 ? 1.602   18.425  -8.994  1.00 33.69 ? 204 THR A CG2 1 
ATOM   1336 N N   . ALA A 1 166 ? 0.653   19.305  -5.369  1.00 27.65 ? 205 ALA A N   1 
ATOM   1337 C CA  . ALA A 1 166 ? 1.281   20.307  -4.477  1.00 30.39 ? 205 ALA A CA  1 
ATOM   1338 C C   . ALA A 1 166 ? 1.614   19.659  -3.125  1.00 30.37 ? 205 ALA A C   1 
ATOM   1339 O O   . ALA A 1 166 ? 2.688   19.966  -2.582  1.00 27.67 ? 205 ALA A O   1 
ATOM   1340 C CB  . ALA A 1 166 ? 0.389   21.522  -4.340  1.00 30.25 ? 205 ALA A CB  1 
ATOM   1341 N N   . LEU A 1 167 ? 0.744   18.797  -2.592  1.00 30.83 ? 206 LEU A N   1 
ATOM   1342 C CA  . LEU A 1 167 ? 0.982   18.121  -1.286  1.00 31.70 ? 206 LEU A CA  1 
ATOM   1343 C C   . LEU A 1 167 ? 2.203   17.207  -1.384  1.00 29.91 ? 206 LEU A C   1 
ATOM   1344 O O   . LEU A 1 167 ? 2.958   17.126  -0.382  1.00 29.11 ? 206 LEU A O   1 
ATOM   1345 C CB  . LEU A 1 167 ? -0.232  17.286  -0.881  1.00 34.56 ? 206 LEU A CB  1 
ATOM   1346 C CG  . LEU A 1 167 ? -0.939  17.651  0.419   1.00 39.31 ? 206 LEU A CG  1 
ATOM   1347 C CD1 . LEU A 1 167 ? -1.289  16.401  1.203   1.00 39.90 ? 206 LEU A CD1 1 
ATOM   1348 C CD2 . LEU A 1 167 ? -0.149  18.604  1.283   1.00 40.80 ? 206 LEU A CD2 1 
ATOM   1349 N N   . LYS A 1 168 ? 2.329   16.495  -2.508  1.00 28.68 ? 207 LYS A N   1 
ATOM   1350 C CA  . LYS A 1 168 ? 3.428   15.543  -2.798  1.00 29.98 ? 207 LYS A CA  1 
ATOM   1351 C C   . LYS A 1 168 ? 4.753   16.314  -2.793  1.00 32.77 ? 207 LYS A C   1 
ATOM   1352 O O   . LYS A 1 168 ? 5.720   15.824  -2.206  1.00 35.65 ? 207 LYS A O   1 
ATOM   1353 C CB  . LYS A 1 168 ? 3.223   14.832  -4.143  1.00 29.21 ? 207 LYS A CB  1 
ATOM   1354 C CG  . LYS A 1 168 ? 2.005   13.912  -4.217  1.00 28.93 ? 207 LYS A CG  1 
ATOM   1355 C CD  . LYS A 1 168 ? 2.171   12.568  -3.572  1.00 27.77 ? 207 LYS A CD  1 
ATOM   1356 C CE  . LYS A 1 168 ? 0.912   11.712  -3.649  1.00 31.08 ? 207 LYS A CE  1 
ATOM   1357 N NZ  . LYS A 1 168 ? 1.208   10.310  -4.048  1.00 30.31 ? 207 LYS A NZ  1 
ATOM   1358 N N   . ILE A 1 169 ? 4.790   17.476  -3.431  1.00 35.55 ? 208 ILE A N   1 
ATOM   1359 C CA  . ILE A 1 169 ? 5.999   18.350  -3.474  1.00 35.76 ? 208 ILE A CA  1 
ATOM   1360 C C   . ILE A 1 169 ? 6.269   18.878  -2.061  1.00 31.99 ? 208 ILE A C   1 
ATOM   1361 O O   . ILE A 1 169 ? 7.404   18.767  -1.618  1.00 38.78 ? 208 ILE A O   1 
ATOM   1362 C CB  . ILE A 1 169 ? 5.814   19.469  -4.516  1.00 38.72 ? 208 ILE A CB  1 
ATOM   1363 C CG1 . ILE A 1 169 ? 6.027   18.929  -5.930  1.00 38.33 ? 208 ILE A CG1 1 
ATOM   1364 C CG2 . ILE A 1 169 ? 6.699   20.676  -4.214  1.00 39.55 ? 208 ILE A CG2 1 
ATOM   1365 C CD1 . ILE A 1 169 ? 5.373   19.764  -7.001  1.00 40.06 ? 208 ILE A CD1 1 
ATOM   1366 N N   . LYS A 1 170 ? 5.260   19.395  -1.360  1.00 30.43 ? 209 LYS A N   1 
ATOM   1367 C CA  . LYS A 1 170 ? 5.419   19.945  0.005   1.00 33.03 ? 209 LYS A CA  1 
ATOM   1368 C C   . LYS A 1 170 ? 6.061   18.896  0.934   1.00 37.19 ? 209 LYS A C   1 
ATOM   1369 O O   . LYS A 1 170 ? 7.064   19.236  1.582   1.00 34.57 ? 209 LYS A O   1 
ATOM   1370 C CB  . LYS A 1 170 ? 4.073   20.413  0.561   1.00 34.82 ? 209 LYS A CB  1 
ATOM   1371 C CG  . LYS A 1 170 ? 4.120   21.044  1.947   1.00 36.90 ? 209 LYS A CG  1 
ATOM   1372 C CD  . LYS A 1 170 ? 2.881   21.844  2.294   1.00 38.98 ? 209 LYS A CD  1 
ATOM   1373 C CE  . LYS A 1 170 ? 2.839   22.250  3.752   1.00 43.11 ? 209 LYS A CE  1 
ATOM   1374 N NZ  . LYS A 1 170 ? 3.984   23.125  4.087   1.00 41.84 ? 209 LYS A NZ  1 
ATOM   1375 N N   . TYR A 1 171 ? 5.504   17.682  1.049   1.00 34.62 ? 210 TYR A N   1 
ATOM   1376 C CA  . TYR A 1 171 ? 5.884   16.763  2.157   1.00 36.77 ? 210 TYR A CA  1 
ATOM   1377 C C   . TYR A 1 171 ? 6.999   15.819  1.706   1.00 34.55 ? 210 TYR A C   1 
ATOM   1378 O O   . TYR A 1 171 ? 7.552   15.133  2.591   1.00 35.71 ? 210 TYR A O   1 
ATOM   1379 C CB  . TYR A 1 171 ? 4.674   16.043  2.741   1.00 35.15 ? 210 TYR A CB  1 
ATOM   1380 C CG  . TYR A 1 171 ? 3.812   16.938  3.593   1.00 37.74 ? 210 TYR A CG  1 
ATOM   1381 C CD1 . TYR A 1 171 ? 4.249   17.442  4.808   1.00 37.96 ? 210 TYR A CD1 1 
ATOM   1382 C CD2 . TYR A 1 171 ? 2.547   17.295  3.172   1.00 38.01 ? 210 TYR A CD2 1 
ATOM   1383 C CE1 . TYR A 1 171 ? 3.444   18.266  5.580   1.00 39.31 ? 210 TYR A CE1 1 
ATOM   1384 C CE2 . TYR A 1 171 ? 1.733   18.116  3.930   1.00 39.45 ? 210 TYR A CE2 1 
ATOM   1385 C CZ  . TYR A 1 171 ? 2.179   18.609  5.135   1.00 38.07 ? 210 TYR A CZ  1 
ATOM   1386 O OH  . TYR A 1 171 ? 1.343   19.435  5.827   1.00 37.11 ? 210 TYR A OH  1 
ATOM   1387 N N   . ASN A 1 172 ? 7.318   15.785  0.411   1.00 34.00 ? 211 ASN A N   1 
ATOM   1388 C CA  . ASN A 1 172 ? 8.295   14.834  -0.172  1.00 37.13 ? 211 ASN A CA  1 
ATOM   1389 C C   . ASN A 1 172 ? 9.496   15.656  -0.628  1.00 42.55 ? 211 ASN A C   1 
ATOM   1390 O O   . ASN A 1 172 ? 10.074  16.335  0.224   1.00 46.03 ? 211 ASN A O   1 
ATOM   1391 C CB  . ASN A 1 172 ? 7.708   13.967  -1.299  1.00 38.98 ? 211 ASN A CB  1 
ATOM   1392 C CG  . ASN A 1 172 ? 8.596   12.794  -1.663  1.00 39.55 ? 211 ASN A CG  1 
ATOM   1393 O OD1 . ASN A 1 172 ? 9.479   12.433  -0.892  1.00 41.14 ? 211 ASN A OD1 1 
ATOM   1394 N ND2 . ASN A 1 172 ? 8.379   12.192  -2.822  1.00 34.88 ? 211 ASN A ND2 1 
ATOM   1395 O OXT . ASN A 1 172 ? 9.859   15.628  -1.798  1.00 44.51 ? 211 ASN A OXT 1 
HETATM 1396 N N1  . O0S B 2 .   ? -0.187  -14.864 1.898   0.44 40.14 ? 301 O0S A N1  1 
HETATM 1397 C C4  . O0S B 2 .   ? -0.915  -17.431 2.496   0.44 37.78 ? 301 O0S A C4  1 
HETATM 1398 C C5  . O0S B 2 .   ? 0.431   -17.299 2.649   0.44 37.92 ? 301 O0S A C5  1 
HETATM 1399 C C6  . O0S B 2 .   ? 0.794   -15.532 1.181   0.44 39.56 ? 301 O0S A C6  1 
HETATM 1400 C C7  . O0S B 2 .   ? -0.530  -13.657 1.423   0.44 39.53 ? 301 O0S A C7  1 
HETATM 1401 C C8  . O0S B 2 .   ? 0.057   -13.120 0.297   0.44 40.87 ? 301 O0S A C8  1 
HETATM 1402 C C10 . O0S B 2 .   ? 1.097   -17.767 3.708   0.44 37.97 ? 301 O0S A C10 1 
HETATM 1403 N N   . O0S B 2 .   ? -1.604  -19.423 5.427   0.44 36.61 ? 301 O0S A N   1 
HETATM 1404 C C   . O0S B 2 .   ? -3.358  -20.666 6.607   0.44 35.43 ? 301 O0S A C   1 
HETATM 1405 O O   . O0S B 2 .   ? -3.694  -19.293 4.778   0.44 36.34 ? 301 O0S A O   1 
HETATM 1406 C C1  . O0S B 2 .   ? -2.929  -19.741 5.489   0.44 36.28 ? 301 O0S A C1  1 
HETATM 1407 C C11 . O0S B 2 .   ? 0.373   -18.443 4.635   0.44 36.72 ? 301 O0S A C11 1 
HETATM 1408 C C2  . O0S B 2 .   ? -0.980  -18.631 4.493   0.44 37.01 ? 301 O0S A C2  1 
HETATM 1409 C C3  . O0S B 2 .   ? -1.638  -18.104 3.431   0.44 36.97 ? 301 O0S A C3  1 
HETATM 1410 C C9  . O0S B 2 .   ? 1.043   -13.899 -0.342  0.44 41.18 ? 301 O0S A C9  1 
HETATM 1411 N N2  . O0S B 2 .   ? 1.427   -15.108 0.081   0.44 40.66 ? 301 O0S A N2  1 
HETATM 1412 O O1  . O0S B 2 .   ? 1.110   -16.751 1.617   0.44 39.84 ? 301 O0S A O1  1 
HETATM 1413 O O   . HOH C 3 .   ? -0.654  2.430   20.947  1.00 41.62 ? 401 HOH A O   1 
HETATM 1414 O O   . HOH C 3 .   ? 1.137   -5.523  21.943  1.00 35.33 ? 402 HOH A O   1 
HETATM 1415 O O   . HOH C 3 .   ? 11.067  -2.240  -5.855  1.00 52.22 ? 403 HOH A O   1 
HETATM 1416 O O   . HOH C 3 .   ? -14.441 20.925  -7.619  1.00 62.66 ? 404 HOH A O   1 
HETATM 1417 O O   . HOH C 3 .   ? 11.075  -8.262  -1.832  1.00 52.63 ? 405 HOH A O   1 
HETATM 1418 O O   . HOH C 3 .   ? 7.416   7.869   -6.425  1.00 45.90 ? 406 HOH A O   1 
HETATM 1419 O O   . HOH C 3 .   ? -3.613  -13.137 4.743   1.00 61.22 ? 407 HOH A O   1 
HETATM 1420 O O   . HOH C 3 .   ? 3.413   -14.994 16.574  1.00 37.72 ? 408 HOH A O   1 
HETATM 1421 O O   . HOH C 3 .   ? -1.602  -6.586  -4.799  1.00 31.50 ? 409 HOH A O   1 
HETATM 1422 O O   . HOH C 3 .   ? 9.435   18.230  -2.936  1.00 39.74 ? 410 HOH A O   1 
HETATM 1423 O O   . HOH C 3 .   ? 4.869   7.814   12.961  0.50 35.90 ? 411 HOH A O   1 
HETATM 1424 O O   . HOH C 3 .   ? 12.344  -4.484  -2.646  1.00 39.96 ? 412 HOH A O   1 
HETATM 1425 O O   . HOH C 3 .   ? 1.421   -24.250 14.443  1.00 35.75 ? 413 HOH A O   1 
HETATM 1426 O O   . HOH C 3 .   ? -3.238  -1.231  -14.979 1.00 52.29 ? 414 HOH A O   1 
HETATM 1427 O O   . HOH C 3 .   ? -10.557 15.921  -4.086  1.00 36.21 ? 415 HOH A O   1 
HETATM 1428 O O   . HOH C 3 .   ? 8.742   8.358   10.919  1.00 38.40 ? 416 HOH A O   1 
HETATM 1429 O O   . HOH C 3 .   ? -10.626 17.966  -5.425  1.00 28.71 ? 417 HOH A O   1 
HETATM 1430 O O   . HOH C 3 .   ? 0.651   7.539   13.251  1.00 26.43 ? 418 HOH A O   1 
HETATM 1431 O O   . HOH C 3 .   ? 13.109  1.158   4.075   1.00 46.60 ? 419 HOH A O   1 
HETATM 1432 O O   . HOH C 3 .   ? 2.249   7.330   -15.457 1.00 44.64 ? 420 HOH A O   1 
HETATM 1433 O O   . HOH C 3 .   ? -0.786  -8.037  9.707   1.00 28.35 ? 421 HOH A O   1 
HETATM 1434 O O   . HOH C 3 .   ? -7.330  13.765  -5.426  1.00 24.34 ? 422 HOH A O   1 
HETATM 1435 O O   . HOH C 3 .   ? -11.084 16.812  -14.353 1.00 44.43 ? 423 HOH A O   1 
HETATM 1436 O O   . HOH C 3 .   ? -6.172  7.403   11.804  1.00 48.97 ? 424 HOH A O   1 
HETATM 1437 O O   . HOH C 3 .   ? 2.334   11.196  -15.116 1.00 50.82 ? 425 HOH A O   1 
HETATM 1438 O O   . HOH C 3 .   ? -4.747  1.787   10.311  1.00 34.68 ? 426 HOH A O   1 
HETATM 1439 O O   . HOH C 3 .   ? -11.919 4.644   5.400   1.00 60.83 ? 427 HOH A O   1 
HETATM 1440 O O   . HOH C 3 .   ? 15.554  -2.762  8.507   1.00 28.90 ? 428 HOH A O   1 
HETATM 1441 O O   . HOH C 3 .   ? -1.887  20.928  -1.585  1.00 26.73 ? 429 HOH A O   1 
HETATM 1442 O O   . HOH C 3 .   ? 6.129   -9.275  22.161  1.00 42.08 ? 430 HOH A O   1 
HETATM 1443 O O   . HOH C 3 .   ? 18.068  -10.229 12.362  1.00 35.93 ? 431 HOH A O   1 
HETATM 1444 O O   . HOH C 3 .   ? 1.936   -27.416 6.442   1.00 40.09 ? 432 HOH A O   1 
HETATM 1445 O O   . HOH C 3 .   ? -1.799  -22.647 16.675  1.00 32.72 ? 433 HOH A O   1 
HETATM 1446 O O   . HOH C 3 .   ? -9.064  20.325  -8.916  1.00 33.80 ? 434 HOH A O   1 
HETATM 1447 O O   . HOH C 3 .   ? 7.261   2.637   -2.270  1.00 25.48 ? 435 HOH A O   1 
HETATM 1448 O O   . HOH C 3 .   ? 10.316  -1.919  0.771   1.00 27.52 ? 436 HOH A O   1 
HETATM 1449 O O   . HOH C 3 .   ? -2.806  2.388   12.702  1.00 30.20 ? 437 HOH A O   1 
HETATM 1450 O O   . HOH C 3 .   ? -5.320  17.920  3.236   1.00 30.71 ? 438 HOH A O   1 
HETATM 1451 O O   . HOH C 3 .   ? -4.047  14.942  9.201   1.00 34.11 ? 439 HOH A O   1 
HETATM 1452 O O   . HOH C 3 .   ? -4.544  -8.307  -3.966  1.00 43.25 ? 440 HOH A O   1 
HETATM 1453 O O   . HOH C 3 .   ? 5.431   -21.785 7.832   1.00 46.36 ? 441 HOH A O   1 
HETATM 1454 O O   . HOH C 3 .   ? -10.964 -0.772  -6.791  1.00 37.03 ? 442 HOH A O   1 
HETATM 1455 O O   . HOH C 3 .   ? -0.628  20.620  4.510   1.00 43.63 ? 443 HOH A O   1 
HETATM 1456 O O   . HOH C 3 .   ? 3.724   22.384  -2.965  1.00 28.64 ? 444 HOH A O   1 
HETATM 1457 O O   . HOH C 3 .   ? 3.098   -19.118 7.841   1.00 39.31 ? 445 HOH A O   1 
HETATM 1458 O O   . HOH C 3 .   ? 12.719  -5.737  19.520  1.00 36.01 ? 446 HOH A O   1 
HETATM 1459 O O   . HOH C 3 .   ? -8.658  18.735  -2.870  1.00 38.67 ? 447 HOH A O   1 
HETATM 1460 O O   . HOH C 3 .   ? -7.754  -4.374  -9.453  1.00 36.85 ? 448 HOH A O   1 
HETATM 1461 O O   . HOH C 3 .   ? 1.840   -1.257  19.767  1.00 34.86 ? 449 HOH A O   1 
HETATM 1462 O O   . HOH C 3 .   ? 8.918   7.546   -1.594  1.00 32.03 ? 450 HOH A O   1 
HETATM 1463 O O   . HOH C 3 .   ? -7.195  17.399  -13.540 1.00 39.13 ? 451 HOH A O   1 
HETATM 1464 O O   . HOH C 3 .   ? 3.265   5.405   -6.826  1.00 27.52 ? 452 HOH A O   1 
HETATM 1465 O O   . HOH C 3 .   ? -20.610 9.618   -11.280 1.00 55.02 ? 453 HOH A O   1 
HETATM 1466 O O   . HOH C 3 .   ? 10.792  5.382   -1.302  1.00 39.85 ? 454 HOH A O   1 
HETATM 1467 O O   . HOH C 3 .   ? 12.345  0.520   -5.421  1.00 40.25 ? 455 HOH A O   1 
HETATM 1468 O O   . HOH C 3 .   ? -12.245 1.698   -7.560  1.00 30.06 ? 456 HOH A O   1 
HETATM 1469 O O   . HOH C 3 .   ? 11.992  -3.681  8.870   1.00 29.02 ? 457 HOH A O   1 
HETATM 1470 O O   . HOH C 3 .   ? 3.282   5.266   7.005   1.00 19.91 ? 458 HOH A O   1 
HETATM 1471 O O   . HOH C 3 .   ? 13.911  -13.439 24.099  1.00 45.90 ? 459 HOH A O   1 
HETATM 1472 O O   . HOH C 3 .   ? 11.183  2.665   -11.923 1.00 38.52 ? 460 HOH A O   1 
HETATM 1473 O O   . HOH C 3 .   ? -18.550 -1.014  -4.705  1.00 40.50 ? 461 HOH A O   1 
HETATM 1474 O O   . HOH C 3 .   ? 8.485   -21.358 6.509   1.00 48.96 ? 462 HOH A O   1 
HETATM 1475 O O   . HOH C 3 .   ? 1.458   4.434   15.215  1.00 47.20 ? 463 HOH A O   1 
HETATM 1476 O O   . HOH C 3 .   ? -8.334  12.904  6.632   1.00 47.67 ? 464 HOH A O   1 
HETATM 1477 O O   . HOH C 3 .   ? 12.058  -3.085  11.892  1.00 26.17 ? 465 HOH A O   1 
HETATM 1478 O O   . HOH C 3 .   ? -4.570  -5.443  -6.381  1.00 42.32 ? 466 HOH A O   1 
HETATM 1479 O O   . HOH C 3 .   ? -8.554  20.407  -5.408  1.00 32.53 ? 467 HOH A O   1 
HETATM 1480 O O   . HOH C 3 .   ? 16.733  -7.851  7.489   1.00 60.83 ? 468 HOH A O   1 
HETATM 1481 O O   . HOH C 3 .   ? 2.166   -1.480  17.270  1.00 37.19 ? 469 HOH A O   1 
HETATM 1482 O O   . HOH C 3 .   ? 1.804   -12.548 17.850  1.00 38.77 ? 470 HOH A O   1 
HETATM 1483 O O   . HOH C 3 .   ? 15.388  -2.642  4.977   1.00 35.30 ? 471 HOH A O   1 
HETATM 1484 O O   . HOH C 3 .   ? 16.336  -8.813  0.572   1.00 45.13 ? 472 HOH A O   1 
HETATM 1485 O O   . HOH C 3 .   ? -1.586  18.695  -11.075 1.00 37.74 ? 473 HOH A O   1 
HETATM 1486 O O   . HOH C 3 .   ? -1.385  -13.572 -4.484  1.00 60.66 ? 474 HOH A O   1 
HETATM 1487 O O   . HOH C 3 .   ? -18.165 16.338  -10.534 1.00 27.92 ? 475 HOH A O   1 
HETATM 1488 O O   . HOH C 3 .   ? -2.752  2.428   -16.994 1.00 44.58 ? 476 HOH A O   1 
HETATM 1489 O O   . HOH C 3 .   ? -7.821  8.574   -0.477  1.00 23.56 ? 477 HOH A O   1 
HETATM 1490 O O   . HOH C 3 .   ? -2.838  -10.868 19.229  1.00 60.26 ? 478 HOH A O   1 
HETATM 1491 O O   . HOH C 3 .   ? -4.479  7.996   1.755   1.00 23.13 ? 479 HOH A O   1 
HETATM 1492 O O   . HOH C 3 .   ? 7.677   11.167  10.252  1.00 42.81 ? 480 HOH A O   1 
HETATM 1493 O O   . HOH C 3 .   ? -13.114 6.364   -15.128 1.00 38.87 ? 481 HOH A O   1 
HETATM 1494 O O   . HOH C 3 .   ? -3.650  4.993   12.715  1.00 40.56 ? 482 HOH A O   1 
HETATM 1495 O O   . HOH C 3 .   ? 6.082   12.115  -4.502  1.00 48.07 ? 483 HOH A O   1 
HETATM 1496 O O   . HOH C 3 .   ? -4.556  0.767   -15.942 1.00 45.34 ? 484 HOH A O   1 
HETATM 1497 O O   . HOH C 3 .   ? 4.980   1.960   0.576   1.00 26.16 ? 485 HOH A O   1 
HETATM 1498 O O   . HOH C 3 .   ? 5.041   12.324  -7.137  1.00 37.49 ? 486 HOH A O   1 
HETATM 1499 O O   . HOH C 3 .   ? -3.606  -1.689  24.520  1.00 62.32 ? 487 HOH A O   1 
HETATM 1500 O O   . HOH C 3 .   ? 7.892   -1.876  14.767  1.00 23.17 ? 488 HOH A O   1 
HETATM 1501 O O   . HOH C 3 .   ? 3.351   -11.327 -6.586  1.00 45.21 ? 489 HOH A O   1 
HETATM 1502 O O   . HOH C 3 .   ? 11.178  5.056   5.492   1.00 57.97 ? 490 HOH A O   1 
HETATM 1503 O O   . HOH C 3 .   ? 10.244  -14.795 3.094   1.00 51.44 ? 491 HOH A O   1 
HETATM 1504 O O   . HOH C 3 .   ? 11.830  -1.440  7.365   1.00 26.49 ? 492 HOH A O   1 
HETATM 1505 O O   . HOH C 3 .   ? -3.991  -5.445  15.943  1.00 39.08 ? 493 HOH A O   1 
HETATM 1506 O O   . HOH C 3 .   ? -11.690 14.299  -1.067  1.00 49.75 ? 494 HOH A O   1 
HETATM 1507 O O   . HOH C 3 .   ? -8.620  -6.758  -4.797  1.00 28.44 ? 495 HOH A O   1 
HETATM 1508 O O   . HOH C 3 .   ? -11.251 10.483  0.557   1.00 51.92 ? 496 HOH A O   1 
HETATM 1509 O O   . HOH C 3 .   ? 18.468  -8.556  9.256   1.00 36.57 ? 497 HOH A O   1 
HETATM 1510 O O   . HOH C 3 .   ? 1.658   -14.678 11.763  1.00 40.13 ? 498 HOH A O   1 
HETATM 1511 O O   . HOH C 3 .   ? -17.902 10.047  -19.926 1.00 35.96 ? 499 HOH A O   1 
HETATM 1512 O O   . HOH C 3 .   ? 5.979   -6.414  22.001  1.00 37.10 ? 500 HOH A O   1 
HETATM 1513 O O   . HOH C 3 .   ? 1.321   13.952  -12.564 1.00 31.18 ? 501 HOH A O   1 
HETATM 1514 O O   . HOH C 3 .   ? 8.467   -9.255  -3.537  1.00 31.09 ? 502 HOH A O   1 
HETATM 1515 O O   . HOH C 3 .   ? 9.216   -19.012 13.578  1.00 29.52 ? 503 HOH A O   1 
HETATM 1516 O O   . HOH C 3 .   ? -5.717  -10.196 25.852  1.00 52.90 ? 504 HOH A O   1 
HETATM 1517 O O   . HOH C 3 .   ? -4.780  13.110  -16.823 1.00 45.44 ? 505 HOH A O   1 
HETATM 1518 O O   . HOH C 3 .   ? 13.660  -0.642  20.066  1.00 51.79 ? 506 HOH A O   1 
HETATM 1519 O O   . HOH C 3 .   ? 6.802   8.818   3.618   1.00 36.76 ? 507 HOH A O   1 
HETATM 1520 O O   . HOH C 3 .   ? -19.814 18.045  -11.516 1.00 30.62 ? 508 HOH A O   1 
HETATM 1521 O O   . HOH C 3 .   ? -2.200  -6.110  -7.433  1.00 45.48 ? 509 HOH A O   1 
HETATM 1522 O O   . HOH C 3 .   ? -13.182 14.429  -4.521  1.00 33.14 ? 510 HOH A O   1 
HETATM 1523 O O   . HOH C 3 .   ? 4.465   4.577   -18.371 1.00 40.58 ? 511 HOH A O   1 
HETATM 1524 O O   . HOH C 3 .   ? 6.883   14.545  -4.621  1.00 69.41 ? 512 HOH A O   1 
HETATM 1525 O O   . HOH C 3 .   ? 12.028  -1.570  2.363   1.00 40.25 ? 513 HOH A O   1 
HETATM 1526 O O   . HOH C 3 .   ? -19.293 12.733  -14.263 1.00 32.72 ? 514 HOH A O   1 
HETATM 1527 O O   . HOH C 3 .   ? 5.273   12.346  -10.153 1.00 52.39 ? 515 HOH A O   1 
HETATM 1528 O O   . HOH C 3 .   ? 14.714  -13.717 1.805   1.00 48.16 ? 516 HOH A O   1 
HETATM 1529 O O   . HOH C 3 .   ? 4.081   16.152  -7.393  1.00 41.39 ? 517 HOH A O   1 
HETATM 1530 O O   . HOH C 3 .   ? 10.138  5.483   -8.251  1.00 32.20 ? 518 HOH A O   1 
HETATM 1531 O O   . HOH C 3 .   ? -9.392  6.727   7.482   1.00 36.52 ? 519 HOH A O   1 
HETATM 1532 O O   . HOH C 3 .   ? -17.194 -4.433  -15.796 1.00 56.12 ? 520 HOH A O   1 
HETATM 1533 O O   . HOH C 3 .   ? -10.377 7.641   -0.364  1.00 33.87 ? 521 HOH A O   1 
HETATM 1534 O O   . HOH C 3 .   ? -11.465 18.802  -12.864 1.00 34.53 ? 522 HOH A O   1 
HETATM 1535 O O   . HOH C 3 .   ? -13.068 8.866   -4.152  1.00 34.84 ? 523 HOH A O   1 
HETATM 1536 O O   . HOH C 3 .   ? 14.731  3.984   -9.183  1.00 66.32 ? 524 HOH A O   1 
HETATM 1537 O O   . HOH C 3 .   ? 8.120   4.054   -16.669 1.00 37.20 ? 525 HOH A O   1 
HETATM 1538 O O   . HOH C 3 .   ? 11.406  2.045   -20.663 1.00 47.79 ? 526 HOH A O   1 
HETATM 1539 O O   . HOH C 3 .   ? -5.069  -13.745 7.138   0.50 37.66 ? 527 HOH A O   1 
HETATM 1540 O O   . HOH C 3 .   ? 12.464  -9.164  -13.296 1.00 51.32 ? 528 HOH A O   1 
HETATM 1541 O O   . HOH C 3 .   ? -10.026 21.983  -2.733  1.00 37.05 ? 529 HOH A O   1 
HETATM 1542 O O   . HOH C 3 .   ? -3.345  15.500  -15.678 1.00 58.25 ? 530 HOH A O   1 
HETATM 1543 O O   . HOH C 3 .   ? 6.843   -21.791 13.837  1.00 39.55 ? 531 HOH A O   1 
HETATM 1544 O O   . HOH C 3 .   ? 7.393   13.574  5.375   1.00 55.97 ? 532 HOH A O   1 
HETATM 1545 O O   . HOH C 3 .   ? -5.197  8.297   -14.765 1.00 33.28 ? 533 HOH A O   1 
HETATM 1546 O O   . HOH C 3 .   ? -18.442 3.645   -4.113  1.00 45.72 ? 534 HOH A O   1 
HETATM 1547 O O   . HOH C 3 .   ? 1.955   15.597  9.117   1.00 49.52 ? 535 HOH A O   1 
HETATM 1548 O O   . HOH C 3 .   ? -2.177  -25.119 -0.099  1.00 56.09 ? 536 HOH A O   1 
HETATM 1549 O O   . HOH C 3 .   ? 1.617   1.553   20.398  1.00 41.37 ? 537 HOH A O   1 
HETATM 1550 O O   . HOH C 3 .   ? 4.895   12.122  -12.429 1.00 50.99 ? 538 HOH A O   1 
HETATM 1551 O O   . HOH C 3 .   ? -6.462  -5.970  -8.236  1.00 63.84 ? 539 HOH A O   1 
HETATM 1552 O O   . HOH C 3 .   ? 12.272  -13.446 1.514   1.00 38.32 ? 540 HOH A O   1 
HETATM 1553 O O   . HOH C 3 .   ? 13.189  -1.214  5.172   1.00 36.60 ? 541 HOH A O   1 
HETATM 1554 O O   . HOH C 3 .   ? 8.783   0.203   16.206  1.00 40.06 ? 542 HOH A O   1 
HETATM 1555 O O   . HOH C 3 .   ? -1.289  -26.666 16.716  1.00 41.45 ? 543 HOH A O   1 
HETATM 1556 O O   . HOH C 3 .   ? -11.860 -0.558  -19.213 1.00 58.15 ? 544 HOH A O   1 
HETATM 1557 O O   . HOH C 3 .   ? -14.704 -4.647  -3.339  1.00 54.66 ? 545 HOH A O   1 
HETATM 1558 O O   . HOH C 3 .   ? -5.735  6.655   -17.012 1.00 49.57 ? 546 HOH A O   1 
HETATM 1559 O O   . HOH C 3 .   ? -17.552 3.684   -19.655 1.00 41.27 ? 547 HOH A O   1 
HETATM 1560 O O   . HOH C 3 .   ? 11.215  -19.792 22.939  1.00 48.45 ? 548 HOH A O   1 
HETATM 1561 O O   . HOH C 3 .   ? -19.463 -3.949  -12.373 1.00 47.21 ? 549 HOH A O   1 
HETATM 1562 O O   . HOH C 3 .   ? 0.375   21.607  -0.237  1.00 29.41 ? 550 HOH A O   1 
HETATM 1563 O O   . HOH C 3 .   ? -18.721 13.523  -16.373 1.00 37.77 ? 551 HOH A O   1 
HETATM 1564 O O   . HOH C 3 .   ? 1.987   23.438  -1.396  1.00 34.54 ? 552 HOH A O   1 
HETATM 1565 O O   . HOH C 3 .   ? 12.552  -10.206 -1.411  1.00 48.30 ? 553 HOH A O   1 
HETATM 1566 O O   . HOH C 3 .   ? 8.839   -19.268 23.400  1.00 54.29 ? 554 HOH A O   1 
HETATM 1567 O O   . HOH C 3 .   ? -3.965  20.877  0.374   1.00 54.15 ? 555 HOH A O   1 
HETATM 1568 O O   . HOH C 3 .   ? 14.394  -2.113  11.149  1.00 37.07 ? 556 HOH A O   1 
HETATM 1569 O O   . HOH C 3 .   ? -3.366  5.827   15.013  1.00 51.96 ? 557 HOH A O   1 
HETATM 1570 O O   . HOH C 3 .   ? -5.749  16.603  -15.295 1.00 58.96 ? 558 HOH A O   1 
HETATM 1571 O O   . HOH C 3 .   ? 6.293   23.378  -2.161  1.00 52.02 ? 559 HOH A O   1 
HETATM 1572 O O   . HOH C 3 .   ? -0.736  24.325  -7.065  1.00 35.42 ? 560 HOH A O   1 
HETATM 1573 O O   . HOH C 3 .   ? -6.209  -12.506 17.631  1.00 41.88 ? 561 HOH A O   1 
HETATM 1574 O O   . HOH C 3 .   ? -10.418 10.328  -16.175 1.00 39.51 ? 562 HOH A O   1 
HETATM 1575 O O   . HOH C 3 .   ? -2.301  23.344  -2.617  1.00 35.01 ? 563 HOH A O   1 
HETATM 1576 O O   . HOH C 3 .   ? -11.910 8.022   -16.969 1.00 51.19 ? 564 HOH A O   1 
HETATM 1577 O O   . HOH C 3 .   ? 12.813  -8.173  21.522  1.00 52.76 ? 565 HOH A O   1 
HETATM 1578 O O   . HOH C 3 .   ? 9.385   -20.408 16.259  1.00 39.04 ? 566 HOH A O   1 
HETATM 1579 O O   . HOH C 3 .   ? 8.617   -22.922 15.841  1.00 47.49 ? 567 HOH A O   1 
HETATM 1580 O O   . HOH C 3 .   ? -10.237 6.824   -19.215 1.00 49.49 ? 568 HOH A O   1 
HETATM 1581 O O   . HOH C 3 .   ? -0.477  22.590  2.070   1.00 45.90 ? 569 HOH A O   1 
HETATM 1582 O O   . HOH C 3 .   ? -19.860 14.346  -12.282 1.00 34.78 ? 570 HOH A O   1 
HETATM 1583 O O   . HOH C 3 .   ? 3.993   21.200  -9.589  1.00 40.03 ? 571 HOH A O   1 
HETATM 1584 O O   . HOH C 3 .   ? 0.348   24.872  -2.732  1.00 32.25 ? 572 HOH A O   1 
HETATM 1585 O O   . HOH C 3 .   ? -10.411 -10.799 -17.958 1.00 61.43 ? 573 HOH A O   1 
# 
